data_6B2M
#
_entry.id   6B2M
#
_cell.length_a   107.362
_cell.length_b   107.362
_cell.length_c   319.849
_cell.angle_alpha   90.000
_cell.angle_beta   90.000
_cell.angle_gamma   90.000
#
_symmetry.space_group_name_H-M   'P 41 2 2'
#
loop_
_entity.id
_entity.type
_entity.pdbx_description
1 polymer 'ATP-utilizing enzyme of the PP-loopsuperfamily'
2 non-polymer 'COENZYME A'
3 non-polymer 'PHOSPHATE ION'
4 water water
#
_entity_poly.entity_id   1
_entity_poly.type   'polypeptide(L)'
_entity_poly.pdbx_seq_one_letter_code
;MATLATKKATLVAALKDLQRVTVAFSGGIDSTLVLKMALDVLGRDNVTAVVANSELFTDEEFDKAMSLAEELGANVQGTT
LDYLSDDHIKNNTPDSWYYAKKMFYSRLNDIAANNGSAAVLDGMIKNDENDYRPGLKARSEAGARSLLQEADFFKTDVRA
LAQELGLTNWNKVASCSVSSRFPYGTTLTHDNIAQVMAAEKYLRSLGFPTVRVRFHNDIARIELPEARIGDFLVFNDRVN
RQLQSLGFRYVTLDLGGFRSGRMNDTLTKAQLATFAASWSHPQFEK
;
_entity_poly.pdbx_strand_id   A,B,C,D,E,F
#
loop_
_chem_comp.id
_chem_comp.type
_chem_comp.name
_chem_comp.formula
COA non-polymer 'COENZYME A' 'C21 H36 N7 O16 P3 S'
PO4 non-polymer 'PHOSPHATE ION' 'O4 P -3'
#
# COMPACT_ATOMS: atom_id res chain seq x y z
N ALA A 2 -12.77 -48.13 6.33
CA ALA A 2 -12.81 -48.65 7.69
C ALA A 2 -11.70 -48.03 8.54
N THR A 3 -11.18 -48.79 9.50
CA THR A 3 -10.09 -48.33 10.35
C THR A 3 -8.78 -48.15 9.58
N LEU A 4 -7.91 -47.31 10.15
CA LEU A 4 -6.55 -47.16 9.64
C LEU A 4 -5.84 -48.51 9.61
N ALA A 5 -6.06 -49.33 10.64
CA ALA A 5 -5.36 -50.61 10.75
C ALA A 5 -5.70 -51.54 9.60
N THR A 6 -6.97 -51.62 9.21
CA THR A 6 -7.33 -52.44 8.07
C THR A 6 -6.73 -51.88 6.79
N LYS A 7 -6.74 -50.55 6.64
CA LYS A 7 -6.19 -49.96 5.43
C LYS A 7 -4.71 -50.26 5.30
N LYS A 8 -3.98 -50.19 6.41
CA LYS A 8 -2.57 -50.57 6.38
C LYS A 8 -2.41 -52.02 5.96
N ALA A 9 -3.24 -52.92 6.51
CA ALA A 9 -3.12 -54.34 6.21
C ALA A 9 -3.39 -54.63 4.74
N THR A 10 -4.38 -53.95 4.16
CA THR A 10 -4.62 -54.11 2.73
C THR A 10 -3.40 -53.69 1.93
N LEU A 11 -2.78 -52.59 2.34
CA LEU A 11 -1.58 -52.10 1.65
C LEU A 11 -0.44 -53.10 1.77
N VAL A 12 -0.24 -53.63 2.98
CA VAL A 12 0.80 -54.63 3.23
C VAL A 12 0.57 -55.88 2.38
N ALA A 13 -0.66 -56.38 2.35
CA ALA A 13 -0.95 -57.60 1.60
C ALA A 13 -0.78 -57.39 0.10
N ALA A 14 -1.13 -56.21 -0.42
CA ALA A 14 -0.91 -55.98 -1.84
C ALA A 14 0.57 -55.96 -2.17
N LEU A 15 1.37 -55.33 -1.31
CA LEU A 15 2.82 -55.30 -1.50
C LEU A 15 3.42 -56.71 -1.42
N LYS A 16 3.03 -57.48 -0.39
CA LYS A 16 3.56 -58.83 -0.23
C LYS A 16 3.30 -59.66 -1.48
N ASP A 17 2.10 -59.55 -2.05
CA ASP A 17 1.77 -60.30 -3.26
C ASP A 17 2.64 -59.86 -4.44
N LEU A 18 2.97 -58.58 -4.52
CA LEU A 18 3.71 -58.09 -5.68
C LEU A 18 5.18 -58.50 -5.65
N GLN A 19 5.77 -58.61 -4.45
CA GLN A 19 7.12 -59.13 -4.23
C GLN A 19 8.26 -58.22 -4.70
N ARG A 20 8.14 -57.64 -5.90
CA ARG A 20 9.15 -56.71 -6.42
C ARG A 20 8.46 -55.57 -7.15
N VAL A 21 8.79 -54.33 -6.78
CA VAL A 21 8.10 -53.14 -7.26
C VAL A 21 9.09 -52.03 -7.62
N THR A 22 8.66 -51.18 -8.54
CA THR A 22 9.29 -49.92 -8.87
C THR A 22 8.34 -48.81 -8.39
N VAL A 23 8.84 -47.84 -7.62
CA VAL A 23 7.98 -46.81 -7.02
C VAL A 23 8.27 -45.45 -7.66
N ALA A 24 7.24 -44.84 -8.25
CA ALA A 24 7.36 -43.47 -8.78
C ALA A 24 7.45 -42.49 -7.62
N PHE A 25 8.64 -41.94 -7.36
CA PHE A 25 8.88 -41.17 -6.14
C PHE A 25 9.13 -39.69 -6.45
N SER A 26 8.28 -38.84 -5.92
CA SER A 26 8.35 -37.39 -6.09
C SER A 26 8.87 -36.67 -4.86
N GLY A 27 8.95 -37.35 -3.73
CA GLY A 27 9.29 -36.68 -2.49
C GLY A 27 8.12 -36.14 -1.71
N GLY A 28 6.91 -36.12 -2.26
CA GLY A 28 5.76 -35.74 -1.48
C GLY A 28 5.46 -36.77 -0.40
N ILE A 29 4.59 -36.40 0.53
CA ILE A 29 4.29 -37.31 1.65
C ILE A 29 3.67 -38.61 1.16
N ASP A 30 2.85 -38.56 0.10
CA ASP A 30 2.16 -39.77 -0.34
C ASP A 30 3.14 -40.80 -0.89
N SER A 31 3.96 -40.41 -1.87
CA SER A 31 4.91 -41.35 -2.42
C SER A 31 6.00 -41.69 -1.40
N THR A 32 6.25 -40.80 -0.44
CA THR A 32 7.12 -41.15 0.69
C THR A 32 6.52 -42.31 1.48
N LEU A 33 5.21 -42.28 1.72
CA LEU A 33 4.58 -43.37 2.44
C LEU A 33 4.66 -44.67 1.66
N VAL A 34 4.40 -44.61 0.35
CA VAL A 34 4.44 -45.83 -0.47
C VAL A 34 5.85 -46.41 -0.43
N LEU A 35 6.87 -45.57 -0.61
CA LEU A 35 8.25 -46.04 -0.63
C LEU A 35 8.68 -46.63 0.73
N LYS A 36 8.37 -45.93 1.82
CA LYS A 36 8.68 -46.44 3.15
C LYS A 36 8.00 -47.78 3.40
N MET A 37 6.71 -47.89 3.04
CA MET A 37 5.99 -49.14 3.20
C MET A 37 6.59 -50.25 2.33
N ALA A 38 6.87 -49.95 1.06
CA ALA A 38 7.45 -50.96 0.19
C ALA A 38 8.79 -51.46 0.74
N LEU A 39 9.63 -50.54 1.19
CA LEU A 39 10.92 -50.94 1.77
C LEU A 39 10.73 -51.78 3.02
N ASP A 40 9.81 -51.39 3.90
CA ASP A 40 9.57 -52.14 5.13
C ASP A 40 9.00 -53.53 4.87
N VAL A 41 8.16 -53.68 3.85
CA VAL A 41 7.53 -54.96 3.62
C VAL A 41 8.40 -55.87 2.76
N LEU A 42 9.06 -55.30 1.74
CA LEU A 42 9.78 -56.12 0.78
C LEU A 42 11.30 -56.07 0.91
N GLY A 43 11.86 -55.05 1.54
CA GLY A 43 13.33 -55.01 1.61
C GLY A 43 13.96 -54.23 0.47
N ARG A 44 15.15 -53.69 0.76
CA ARG A 44 15.81 -52.75 -0.16
C ARG A 44 16.10 -53.39 -1.51
N ASP A 45 16.45 -54.67 -1.52
CA ASP A 45 16.79 -55.32 -2.78
C ASP A 45 15.57 -55.64 -3.65
N ASN A 46 14.36 -55.45 -3.13
CA ASN A 46 13.14 -55.72 -3.89
C ASN A 46 12.38 -54.46 -4.26
N VAL A 47 13.01 -53.30 -4.13
CA VAL A 47 12.41 -52.00 -4.42
C VAL A 47 13.36 -51.17 -5.27
N THR A 48 12.83 -50.56 -6.32
CA THR A 48 13.51 -49.50 -7.05
C THR A 48 12.65 -48.25 -6.99
N ALA A 49 13.22 -47.17 -6.45
CA ALA A 49 12.58 -45.84 -6.49
C ALA A 49 13.07 -45.09 -7.72
N VAL A 50 12.12 -44.51 -8.48
CA VAL A 50 12.44 -43.79 -9.70
C VAL A 50 12.03 -42.33 -9.50
N VAL A 51 12.98 -41.42 -9.72
CA VAL A 51 12.71 -39.98 -9.69
C VAL A 51 12.94 -39.44 -11.09
N ALA A 52 11.88 -38.88 -11.69
CA ALA A 52 11.95 -38.36 -13.06
C ALA A 52 12.32 -36.89 -13.06
N ASN A 53 13.38 -36.54 -13.79
CA ASN A 53 13.69 -35.16 -14.10
C ASN A 53 13.11 -34.81 -15.47
N SER A 54 12.81 -33.53 -15.67
CA SER A 54 12.28 -33.07 -16.95
C SER A 54 12.42 -31.55 -17.04
N GLU A 55 12.08 -31.04 -18.23
CA GLU A 55 12.09 -29.60 -18.47
C GLU A 55 10.93 -28.88 -17.81
N LEU A 56 9.90 -29.60 -17.39
CA LEU A 56 8.73 -28.96 -16.83
C LEU A 56 8.85 -28.77 -15.32
N PHE A 57 9.94 -29.26 -14.72
CA PHE A 57 10.15 -29.14 -13.28
C PHE A 57 11.59 -28.74 -12.99
N THR A 58 11.77 -28.09 -11.86
CA THR A 58 13.05 -27.50 -11.48
C THR A 58 14.03 -28.57 -11.01
N ASP A 59 15.30 -28.33 -11.35
CA ASP A 59 16.38 -29.19 -10.89
C ASP A 59 16.46 -29.25 -9.37
N GLU A 60 16.06 -28.15 -8.70
CA GLU A 60 16.05 -28.15 -7.24
C GLU A 60 15.05 -29.16 -6.71
N GLU A 61 13.88 -29.27 -7.33
CA GLU A 61 12.88 -30.23 -6.86
C GLU A 61 13.33 -31.65 -7.14
N PHE A 62 13.97 -31.89 -8.29
CA PHE A 62 14.52 -33.20 -8.60
C PHE A 62 15.60 -33.59 -7.58
N ASP A 63 16.52 -32.66 -7.28
CA ASP A 63 17.61 -32.96 -6.36
C ASP A 63 17.09 -33.25 -4.95
N LYS A 64 16.04 -32.52 -4.51
CA LYS A 64 15.47 -32.80 -3.20
C LYS A 64 14.85 -34.20 -3.16
N ALA A 65 14.09 -34.55 -4.20
CA ALA A 65 13.48 -35.87 -4.20
C ALA A 65 14.55 -36.96 -4.25
N MET A 66 15.63 -36.75 -5.02
CA MET A 66 16.71 -37.74 -5.04
C MET A 66 17.30 -37.92 -3.66
N SER A 67 17.54 -36.81 -2.96
CA SER A 67 18.13 -36.90 -1.63
C SER A 67 17.16 -37.53 -0.64
N LEU A 68 15.86 -37.31 -0.81
CA LEU A 68 14.90 -37.91 0.12
C LEU A 68 14.82 -39.42 -0.05
N ALA A 69 14.84 -39.89 -1.31
CA ALA A 69 14.81 -41.34 -1.55
C ALA A 69 16.05 -42.01 -0.97
N GLU A 70 17.22 -41.38 -1.15
CA GLU A 70 18.42 -41.92 -0.54
C GLU A 70 18.31 -41.94 0.98
N GLU A 71 17.72 -40.89 1.56
CA GLU A 71 17.56 -40.84 3.01
C GLU A 71 16.76 -42.03 3.52
N LEU A 72 15.76 -42.48 2.74
CA LEU A 72 14.95 -43.64 3.13
C LEU A 72 15.68 -44.95 2.99
N GLY A 73 16.82 -44.97 2.29
CA GLY A 73 17.54 -46.21 2.13
C GLY A 73 17.16 -46.99 0.90
N ALA A 74 16.55 -46.35 -0.08
CA ALA A 74 16.14 -47.07 -1.27
C ALA A 74 17.25 -46.99 -2.32
N ASN A 75 17.37 -48.07 -3.11
CA ASN A 75 18.12 -47.95 -4.34
C ASN A 75 17.34 -47.04 -5.27
N VAL A 76 17.99 -46.00 -5.76
CA VAL A 76 17.27 -44.94 -6.44
C VAL A 76 17.81 -44.82 -7.86
N GLN A 77 16.91 -44.58 -8.78
CA GLN A 77 17.31 -44.42 -10.16
C GLN A 77 16.68 -43.15 -10.69
N GLY A 78 17.52 -42.23 -11.14
CA GLY A 78 17.04 -41.03 -11.78
C GLY A 78 16.85 -41.35 -13.25
N THR A 79 15.82 -40.74 -13.83
CA THR A 79 15.59 -40.86 -15.25
C THR A 79 15.09 -39.51 -15.74
N THR A 80 15.46 -39.17 -16.98
CA THR A 80 15.13 -37.90 -17.59
C THR A 80 14.08 -38.09 -18.66
N LEU A 81 13.00 -37.33 -18.57
CA LEU A 81 11.97 -37.32 -19.60
C LEU A 81 12.10 -36.09 -20.50
N ASP A 82 11.85 -36.30 -21.78
CA ASP A 82 11.88 -35.24 -22.79
C ASP A 82 10.45 -34.92 -23.19
N TYR A 83 9.73 -34.21 -22.30
CA TYR A 83 8.31 -33.96 -22.52
C TYR A 83 8.05 -33.17 -23.80
N LEU A 84 8.96 -32.26 -24.16
CA LEU A 84 8.78 -31.41 -25.34
C LEU A 84 8.86 -32.18 -26.66
N SER A 85 9.20 -33.46 -26.65
CA SER A 85 9.18 -34.18 -27.92
C SER A 85 7.77 -34.58 -28.34
N ASP A 86 6.79 -34.46 -27.45
CA ASP A 86 5.39 -34.73 -27.79
C ASP A 86 4.74 -33.42 -28.17
N ASP A 87 4.16 -33.38 -29.38
CA ASP A 87 3.62 -32.13 -29.90
C ASP A 87 2.47 -31.61 -29.05
N HIS A 88 1.74 -32.51 -28.36
CA HIS A 88 0.68 -32.04 -27.47
C HIS A 88 1.27 -31.22 -26.32
N ILE A 89 2.42 -31.65 -25.79
CA ILE A 89 3.07 -30.91 -24.71
C ILE A 89 3.78 -29.68 -25.24
N LYS A 90 4.53 -29.82 -26.34
CA LYS A 90 5.29 -28.70 -26.86
C LYS A 90 4.39 -27.53 -27.25
N ASN A 91 3.23 -27.84 -27.83
CA ASN A 91 2.29 -26.80 -28.25
C ASN A 91 1.29 -26.45 -27.15
N ASN A 92 1.41 -27.07 -25.98
CA ASN A 92 0.61 -26.76 -24.81
C ASN A 92 -0.88 -26.74 -25.13
N THR A 93 -1.37 -27.90 -25.47
CA THR A 93 -2.78 -28.08 -25.73
C THR A 93 -3.50 -28.35 -24.42
N PRO A 94 -4.82 -28.20 -24.38
CA PRO A 94 -5.53 -28.50 -23.12
C PRO A 94 -5.40 -29.94 -22.64
N ASP A 95 -5.09 -30.91 -23.51
CA ASP A 95 -4.88 -32.29 -23.07
C ASP A 95 -3.41 -32.61 -22.82
N SER A 96 -2.53 -31.59 -22.82
CA SER A 96 -1.09 -31.79 -22.69
C SER A 96 -0.72 -32.60 -21.44
N TRP A 97 -1.43 -32.37 -20.33
CA TRP A 97 -1.22 -33.11 -19.09
C TRP A 97 -1.32 -34.63 -19.31
N TYR A 98 -2.28 -35.07 -20.13
CA TYR A 98 -2.48 -36.50 -20.32
C TYR A 98 -1.29 -37.12 -21.05
N TYR A 99 -0.77 -36.44 -22.08
CA TYR A 99 0.37 -36.98 -22.81
C TYR A 99 1.63 -36.97 -21.97
N ALA A 100 1.77 -36.01 -21.07
CA ALA A 100 2.86 -36.08 -20.12
C ALA A 100 2.72 -37.32 -19.24
N LYS A 101 1.49 -37.60 -18.76
CA LYS A 101 1.28 -38.80 -17.93
C LYS A 101 1.59 -40.07 -18.70
N LYS A 102 1.19 -40.11 -19.97
CA LYS A 102 1.43 -41.27 -20.81
C LYS A 102 2.94 -41.51 -20.95
N MET A 103 3.69 -40.45 -21.24
CA MET A 103 5.12 -40.61 -21.42
C MET A 103 5.81 -40.96 -20.10
N PHE A 104 5.37 -40.33 -19.01
CA PHE A 104 5.91 -40.67 -17.68
C PHE A 104 5.70 -42.14 -17.36
N TYR A 105 4.46 -42.63 -17.45
CA TYR A 105 4.20 -44.02 -17.09
C TYR A 105 4.81 -44.99 -18.11
N SER A 106 4.99 -44.56 -19.36
CA SER A 106 5.65 -45.44 -20.31
C SER A 106 7.11 -45.66 -19.91
N ARG A 107 7.82 -44.60 -19.49
CA ARG A 107 9.20 -44.76 -19.02
C ARG A 107 9.28 -45.64 -17.77
N LEU A 108 8.38 -45.42 -16.81
CA LEU A 108 8.44 -46.19 -15.57
C LEU A 108 8.19 -47.66 -15.83
N ASN A 109 7.26 -47.96 -16.76
CA ASN A 109 7.00 -49.35 -17.15
C ASN A 109 8.24 -49.98 -17.77
N ASP A 110 8.97 -49.23 -18.59
CA ASP A 110 10.19 -49.76 -19.19
C ASP A 110 11.21 -50.09 -18.11
N ILE A 111 11.39 -49.18 -17.15
CA ILE A 111 12.31 -49.42 -16.05
C ILE A 111 11.88 -50.63 -15.25
N ALA A 112 10.58 -50.76 -14.96
CA ALA A 112 10.11 -51.87 -14.14
C ALA A 112 10.25 -53.18 -14.89
N ALA A 113 9.93 -53.19 -16.18
CA ALA A 113 10.09 -54.38 -16.99
C ALA A 113 11.55 -54.82 -17.01
N ASN A 114 12.47 -53.86 -17.05
CA ASN A 114 13.90 -54.18 -17.18
C ASN A 114 14.52 -54.61 -15.85
N ASN A 115 13.95 -54.24 -14.71
CA ASN A 115 14.51 -54.66 -13.43
C ASN A 115 13.70 -55.77 -12.77
N GLY A 116 12.70 -56.34 -13.45
CA GLY A 116 12.00 -57.47 -12.89
C GLY A 116 10.94 -57.12 -11.86
N SER A 117 10.48 -55.88 -11.84
CA SER A 117 9.41 -55.47 -10.94
C SER A 117 8.09 -56.06 -11.43
N ALA A 118 7.20 -56.34 -10.49
CA ALA A 118 5.87 -56.81 -10.86
C ALA A 118 4.90 -55.69 -11.14
N ALA A 119 5.19 -54.45 -10.70
CA ALA A 119 4.30 -53.33 -10.96
C ALA A 119 5.02 -52.00 -10.71
N VAL A 120 4.51 -50.95 -11.35
CA VAL A 120 4.84 -49.58 -10.99
C VAL A 120 3.81 -49.09 -9.97
N LEU A 121 4.31 -48.49 -8.90
CA LEU A 121 3.46 -47.89 -7.87
C LEU A 121 3.67 -46.39 -7.84
N ASP A 122 2.57 -45.63 -7.68
CA ASP A 122 2.65 -44.19 -7.48
C ASP A 122 1.96 -43.82 -6.17
N GLY A 123 1.99 -42.54 -5.82
CA GLY A 123 1.43 -42.16 -4.54
C GLY A 123 0.04 -41.56 -4.58
N MET A 124 -0.75 -41.85 -5.62
CA MET A 124 -2.07 -41.22 -5.68
C MET A 124 -3.00 -41.77 -4.60
N ILE A 125 -3.83 -40.89 -4.04
CA ILE A 125 -4.72 -41.25 -2.94
C ILE A 125 -6.15 -40.90 -3.32
N LYS A 126 -7.03 -40.80 -2.33
CA LYS A 126 -8.43 -40.41 -2.56
C LYS A 126 -8.65 -38.92 -2.29
N LYS A 137 -7.07 -41.88 -17.19
CA LYS A 137 -5.76 -41.89 -16.56
C LYS A 137 -4.77 -42.72 -17.37
N ALA A 138 -3.63 -42.11 -17.68
CA ALA A 138 -2.55 -42.87 -18.27
C ALA A 138 -2.07 -44.00 -17.36
N ARG A 139 -2.41 -43.93 -16.06
CA ARG A 139 -1.99 -44.98 -15.12
C ARG A 139 -2.74 -46.28 -15.38
N SER A 140 -4.06 -46.18 -15.58
CA SER A 140 -4.85 -47.39 -15.82
C SER A 140 -4.45 -48.06 -17.13
N GLU A 141 -4.23 -47.27 -18.20
CA GLU A 141 -3.78 -47.85 -19.46
C GLU A 141 -2.39 -48.46 -19.33
N ALA A 142 -1.54 -47.89 -18.48
CA ALA A 142 -0.19 -48.41 -18.23
C ALA A 142 -0.16 -49.55 -17.21
N GLY A 143 -1.25 -49.78 -16.47
CA GLY A 143 -1.22 -50.80 -15.44
C GLY A 143 -0.51 -50.41 -14.16
N ALA A 144 -0.18 -49.13 -13.98
CA ALA A 144 0.39 -48.66 -12.72
C ALA A 144 -0.61 -48.78 -11.57
N ARG A 145 -0.12 -49.14 -10.39
CA ARG A 145 -0.98 -49.33 -9.22
C ARG A 145 -0.81 -48.19 -8.22
N SER A 146 -1.95 -47.64 -7.78
CA SER A 146 -1.98 -46.64 -6.70
C SER A 146 -2.53 -47.33 -5.45
N LEU A 147 -1.65 -47.99 -4.70
CA LEU A 147 -2.14 -48.83 -3.61
C LEU A 147 -2.77 -48.02 -2.48
N LEU A 148 -2.34 -46.78 -2.27
CA LEU A 148 -2.98 -45.98 -1.24
C LEU A 148 -4.43 -45.75 -1.62
N GLN A 149 -4.67 -45.50 -2.90
CA GLN A 149 -6.04 -45.32 -3.39
C GLN A 149 -6.79 -46.63 -3.32
N GLU A 150 -6.15 -47.74 -3.68
CA GLU A 150 -6.80 -49.04 -3.59
C GLU A 150 -7.19 -49.36 -2.14
N ALA A 151 -6.35 -48.99 -1.18
CA ALA A 151 -6.64 -49.25 0.23
C ALA A 151 -7.46 -48.13 0.87
N ASP A 152 -7.98 -47.20 0.07
CA ASP A 152 -8.91 -46.16 0.51
C ASP A 152 -8.27 -45.14 1.47
N PHE A 153 -6.99 -44.83 1.30
CA PHE A 153 -6.31 -43.84 2.13
C PHE A 153 -6.74 -42.45 1.71
N PHE A 154 -7.29 -41.67 2.64
CA PHE A 154 -7.43 -40.24 2.40
C PHE A 154 -6.20 -39.52 2.96
N LYS A 155 -6.12 -38.20 2.74
CA LYS A 155 -4.91 -37.48 3.14
C LYS A 155 -4.66 -37.60 4.65
N THR A 156 -5.71 -37.63 5.46
CA THR A 156 -5.53 -37.79 6.90
C THR A 156 -4.95 -39.16 7.26
N ASP A 157 -5.31 -40.21 6.51
CA ASP A 157 -4.75 -41.53 6.79
C ASP A 157 -3.29 -41.60 6.40
N VAL A 158 -2.94 -40.91 5.33
CA VAL A 158 -1.54 -40.80 4.94
C VAL A 158 -0.74 -40.17 6.06
N ARG A 159 -1.23 -39.02 6.57
CA ARG A 159 -0.54 -38.31 7.64
C ARG A 159 -0.48 -39.15 8.91
N ALA A 160 -1.57 -39.86 9.22
CA ALA A 160 -1.57 -40.68 10.43
C ALA A 160 -0.56 -41.81 10.32
N LEU A 161 -0.55 -42.52 9.19
CA LEU A 161 0.39 -43.63 9.04
C LEU A 161 1.82 -43.12 8.96
N ALA A 162 2.05 -42.00 8.27
CA ALA A 162 3.38 -41.41 8.18
C ALA A 162 3.91 -41.05 9.56
N GLN A 163 3.08 -40.42 10.39
CA GLN A 163 3.49 -40.09 11.75
C GLN A 163 3.77 -41.35 12.54
N GLU A 164 2.91 -42.37 12.41
CA GLU A 164 3.10 -43.64 13.13
C GLU A 164 4.36 -44.36 12.67
N LEU A 165 4.74 -44.22 11.40
CA LEU A 165 5.98 -44.79 10.92
C LEU A 165 7.18 -43.91 11.23
N GLY A 166 6.95 -42.73 11.79
CA GLY A 166 8.04 -41.82 12.12
C GLY A 166 8.59 -41.04 10.96
N LEU A 167 7.87 -40.97 9.85
CA LEU A 167 8.27 -40.17 8.70
C LEU A 167 8.05 -38.69 9.00
N THR A 168 9.12 -37.90 8.96
CA THR A 168 8.98 -36.47 9.21
C THR A 168 9.47 -35.59 8.08
N ASN A 169 10.20 -36.12 7.10
CA ASN A 169 10.85 -35.31 6.08
C ASN A 169 10.28 -35.66 4.71
N TRP A 170 9.69 -34.67 4.05
CA TRP A 170 9.15 -34.83 2.72
C TRP A 170 9.01 -33.43 2.12
N ASN A 171 8.53 -33.38 0.89
CA ASN A 171 8.28 -32.11 0.21
C ASN A 171 6.99 -31.49 0.71
N LYS A 172 7.10 -30.37 1.44
CA LYS A 172 5.90 -29.71 1.93
C LYS A 172 5.26 -28.86 0.85
N VAL A 173 6.00 -28.52 -0.20
CA VAL A 173 5.55 -27.64 -1.28
C VAL A 173 5.43 -28.46 -2.56
N ALA A 174 4.21 -28.92 -2.85
CA ALA A 174 3.97 -29.65 -4.11
C ALA A 174 4.02 -28.64 -5.25
N SER A 175 5.16 -28.57 -5.94
CA SER A 175 5.33 -27.65 -7.05
C SER A 175 4.63 -28.19 -8.31
N CYS A 176 4.28 -27.25 -9.19
CA CYS A 176 3.44 -27.51 -10.34
C CYS A 176 4.25 -27.39 -11.62
N SER A 177 3.86 -28.19 -12.62
CA SER A 177 4.44 -28.12 -13.95
C SER A 177 4.48 -26.68 -14.46
N VAL A 178 5.64 -26.28 -15.01
CA VAL A 178 5.82 -24.96 -15.59
C VAL A 178 4.85 -24.73 -16.75
N SER A 179 4.25 -25.81 -17.27
CA SER A 179 3.26 -25.68 -18.34
C SER A 179 2.13 -24.72 -17.96
N SER A 180 1.78 -24.67 -16.68
CA SER A 180 0.69 -23.82 -16.22
C SER A 180 1.00 -22.34 -16.36
N ARG A 181 2.24 -21.96 -16.65
CA ARG A 181 2.55 -20.55 -16.83
C ARG A 181 2.34 -20.08 -18.26
N PHE A 182 2.02 -21.00 -19.18
CA PHE A 182 1.86 -20.67 -20.59
C PHE A 182 0.41 -20.80 -21.02
N PRO A 183 -0.12 -19.85 -21.78
CA PRO A 183 -1.48 -20.00 -22.28
C PRO A 183 -1.55 -21.20 -23.21
N TYR A 184 -2.72 -21.83 -23.24
CA TYR A 184 -2.97 -22.92 -24.19
C TYR A 184 -2.66 -22.44 -25.60
N GLY A 185 -2.02 -23.31 -26.38
CA GLY A 185 -1.64 -22.96 -27.73
C GLY A 185 -0.31 -22.24 -27.86
N THR A 186 0.30 -21.83 -26.76
CA THR A 186 1.63 -21.24 -26.79
C THR A 186 2.69 -22.34 -26.83
N THR A 187 3.68 -22.17 -27.69
CA THR A 187 4.71 -23.19 -27.83
C THR A 187 5.74 -23.07 -26.73
N LEU A 188 5.95 -24.15 -25.99
CA LEU A 188 7.01 -24.15 -24.99
C LEU A 188 8.36 -24.37 -25.67
N THR A 189 9.36 -23.63 -25.23
CA THR A 189 10.73 -23.83 -25.67
C THR A 189 11.64 -23.89 -24.44
N HIS A 190 12.85 -24.38 -24.67
CA HIS A 190 13.85 -24.42 -23.60
C HIS A 190 14.11 -23.02 -23.05
N ASP A 191 14.20 -22.03 -23.92
CA ASP A 191 14.51 -20.67 -23.49
C ASP A 191 13.36 -20.08 -22.67
N ASN A 192 12.12 -20.17 -23.15
CA ASN A 192 11.06 -19.46 -22.41
C ASN A 192 10.69 -20.18 -21.11
N ILE A 193 10.87 -21.50 -21.06
CA ILE A 193 10.73 -22.22 -19.80
C ILE A 193 11.77 -21.70 -18.81
N ALA A 194 13.03 -21.64 -19.24
CA ALA A 194 14.10 -21.15 -18.36
C ALA A 194 13.83 -19.72 -17.94
N GLN A 195 13.27 -18.93 -18.86
CA GLN A 195 12.93 -17.54 -18.57
C GLN A 195 11.90 -17.45 -17.45
N VAL A 196 10.83 -18.26 -17.55
CA VAL A 196 9.79 -18.29 -16.52
C VAL A 196 10.35 -18.79 -15.19
N MET A 197 11.14 -19.87 -15.24
CA MET A 197 11.72 -20.47 -14.04
C MET A 197 12.67 -19.50 -13.33
N ALA A 198 13.53 -18.80 -14.08
CA ALA A 198 14.42 -17.82 -13.46
C ALA A 198 13.63 -16.64 -12.88
N ALA A 199 12.58 -16.20 -13.58
CA ALA A 199 11.81 -15.08 -13.06
C ALA A 199 11.13 -15.44 -11.74
N GLU A 200 10.54 -16.63 -11.65
CA GLU A 200 9.88 -17.03 -10.41
C GLU A 200 10.89 -17.22 -9.30
N LYS A 201 12.07 -17.78 -9.61
CA LYS A 201 13.10 -17.94 -8.61
C LYS A 201 13.55 -16.60 -8.06
N TYR A 202 13.74 -15.61 -8.93
CA TYR A 202 14.13 -14.29 -8.45
C TYR A 202 13.07 -13.73 -7.50
N LEU A 203 11.79 -13.82 -7.89
CA LEU A 203 10.73 -13.28 -7.03
C LEU A 203 10.64 -14.00 -5.69
N ARG A 204 10.79 -15.33 -5.70
CA ARG A 204 10.84 -16.08 -4.45
C ARG A 204 11.99 -15.60 -3.59
N SER A 205 13.14 -15.27 -4.21
CA SER A 205 14.30 -14.84 -3.43
C SER A 205 14.07 -13.50 -2.76
N LEU A 206 13.09 -12.72 -3.24
CA LEU A 206 12.76 -11.44 -2.61
C LEU A 206 11.82 -11.58 -1.43
N GLY A 207 11.37 -12.79 -1.12
CA GLY A 207 10.46 -13.03 -0.02
C GLY A 207 9.02 -13.34 -0.39
N PHE A 208 8.76 -13.75 -1.63
CA PHE A 208 7.40 -14.05 -2.06
C PHE A 208 7.38 -15.52 -2.49
N PRO A 209 7.18 -16.44 -1.54
CA PRO A 209 7.26 -17.86 -1.88
C PRO A 209 6.12 -18.35 -2.75
N THR A 210 4.98 -17.68 -2.74
CA THR A 210 3.84 -18.08 -3.57
C THR A 210 3.72 -17.05 -4.67
N VAL A 211 4.08 -17.43 -5.90
CA VAL A 211 4.16 -16.48 -7.00
C VAL A 211 4.05 -17.26 -8.30
N ARG A 212 3.51 -16.61 -9.32
CA ARG A 212 3.55 -17.13 -10.68
C ARG A 212 3.97 -16.01 -11.61
N VAL A 213 4.84 -16.35 -12.55
CA VAL A 213 5.17 -15.48 -13.68
C VAL A 213 4.52 -16.08 -14.91
N ARG A 214 3.37 -15.55 -15.30
CA ARG A 214 2.67 -16.07 -16.48
C ARG A 214 3.25 -15.47 -17.76
N PHE A 215 3.49 -16.34 -18.74
CA PHE A 215 4.20 -15.99 -19.95
C PHE A 215 3.19 -15.60 -21.04
N HIS A 216 3.27 -14.36 -21.50
CA HIS A 216 2.43 -13.85 -22.60
C HIS A 216 3.33 -13.20 -23.65
N ASN A 217 4.27 -14.00 -24.18
CA ASN A 217 5.28 -13.58 -25.15
C ASN A 217 6.16 -12.49 -24.59
N ASP A 218 5.98 -11.24 -25.05
CA ASP A 218 6.82 -10.16 -24.56
C ASP A 218 6.36 -9.59 -23.23
N ILE A 219 5.26 -10.08 -22.67
CA ILE A 219 4.73 -9.62 -21.39
C ILE A 219 4.89 -10.70 -20.34
N ALA A 220 5.41 -10.31 -19.18
CA ALA A 220 5.32 -11.11 -17.95
C ALA A 220 4.15 -10.57 -17.14
N ARG A 221 3.28 -11.47 -16.68
CA ARG A 221 2.13 -11.10 -15.85
C ARG A 221 2.30 -11.83 -14.53
N ILE A 222 2.68 -11.08 -13.49
CA ILE A 222 3.03 -11.64 -12.18
C ILE A 222 1.77 -11.75 -11.34
N GLU A 223 1.54 -12.93 -10.77
CA GLU A 223 0.44 -13.18 -9.84
C GLU A 223 1.03 -13.30 -8.44
N LEU A 224 0.57 -12.44 -7.54
CA LEU A 224 0.92 -12.49 -6.12
C LEU A 224 -0.34 -12.60 -5.27
N PRO A 225 -0.27 -13.26 -4.12
CA PRO A 225 -1.37 -13.13 -3.15
C PRO A 225 -1.58 -11.65 -2.86
N GLU A 226 -2.85 -11.22 -2.85
CA GLU A 226 -3.12 -9.80 -2.87
C GLU A 226 -2.60 -9.08 -1.63
N ALA A 227 -2.59 -9.76 -0.46
CA ALA A 227 -2.13 -9.12 0.76
C ALA A 227 -0.63 -8.83 0.76
N ARG A 228 0.13 -9.30 -0.24
CA ARG A 228 1.55 -8.99 -0.39
C ARG A 228 1.83 -7.85 -1.37
N ILE A 229 0.83 -7.38 -2.11
CA ILE A 229 1.12 -6.43 -3.18
C ILE A 229 1.61 -5.12 -2.61
N GLY A 230 1.03 -4.70 -1.48
CA GLY A 230 1.48 -3.49 -0.83
C GLY A 230 2.96 -3.55 -0.43
N ASP A 231 3.41 -4.70 0.08
CA ASP A 231 4.81 -4.90 0.46
C ASP A 231 5.72 -4.93 -0.76
N PHE A 232 5.18 -5.36 -1.90
CA PHE A 232 5.96 -5.62 -3.10
C PHE A 232 6.47 -4.32 -3.76
N LEU A 233 5.76 -3.21 -3.54
CA LEU A 233 6.00 -1.98 -4.27
C LEU A 233 7.46 -1.54 -4.21
N VAL A 234 8.10 -1.77 -3.06
CA VAL A 234 9.51 -1.41 -2.87
C VAL A 234 10.43 -2.08 -3.88
N PHE A 235 10.01 -3.20 -4.48
CA PHE A 235 10.80 -3.96 -5.43
C PHE A 235 10.40 -3.76 -6.90
N ASN A 236 9.35 -2.96 -7.19
CA ASN A 236 8.83 -2.83 -8.56
C ASN A 236 9.95 -2.58 -9.57
N ASP A 237 10.78 -1.56 -9.32
CA ASP A 237 11.76 -1.18 -10.33
C ASP A 237 12.81 -2.27 -10.51
N ARG A 238 13.27 -2.87 -9.40
CA ARG A 238 14.23 -3.96 -9.51
C ARG A 238 13.62 -5.17 -10.19
N VAL A 239 12.35 -5.46 -9.93
CA VAL A 239 11.72 -6.58 -10.60
C VAL A 239 11.55 -6.29 -12.09
N ASN A 240 11.14 -5.07 -12.43
CA ASN A 240 11.01 -4.67 -13.83
C ASN A 240 12.31 -4.90 -14.61
N ARG A 241 13.40 -4.36 -14.09
CA ARG A 241 14.67 -4.42 -14.79
C ARG A 241 15.21 -5.84 -14.80
N GLN A 242 15.03 -6.57 -13.70
CA GLN A 242 15.46 -7.97 -13.66
C GLN A 242 14.77 -8.81 -14.73
N LEU A 243 13.42 -8.78 -14.77
CA LEU A 243 12.70 -9.65 -15.71
C LEU A 243 12.87 -9.15 -17.14
N GLN A 244 13.09 -7.85 -17.32
CA GLN A 244 13.47 -7.39 -18.65
C GLN A 244 14.83 -7.96 -19.05
N SER A 245 15.78 -8.06 -18.11
CA SER A 245 17.06 -8.66 -18.47
C SER A 245 16.93 -10.16 -18.75
N LEU A 246 15.89 -10.81 -18.24
CA LEU A 246 15.63 -12.20 -18.61
C LEU A 246 14.98 -12.34 -19.98
N GLY A 247 14.60 -11.25 -20.63
CA GLY A 247 14.07 -11.30 -21.99
C GLY A 247 12.66 -10.76 -22.15
N PHE A 248 11.93 -10.43 -21.09
CA PHE A 248 10.62 -9.83 -21.28
C PHE A 248 10.74 -8.37 -21.70
N ARG A 249 9.84 -7.92 -22.56
CA ARG A 249 9.82 -6.50 -22.89
C ARG A 249 9.04 -5.70 -21.83
N TYR A 250 7.91 -6.24 -21.39
CA TYR A 250 7.04 -5.57 -20.42
C TYR A 250 6.85 -6.48 -19.21
N VAL A 251 6.92 -5.88 -18.02
CA VAL A 251 6.83 -6.60 -16.75
C VAL A 251 5.64 -6.01 -15.98
N THR A 252 4.65 -6.85 -15.69
CA THR A 252 3.38 -6.36 -15.17
C THR A 252 2.94 -7.17 -13.96
N LEU A 253 2.05 -6.58 -13.18
CA LEU A 253 1.45 -7.22 -12.01
C LEU A 253 -0.04 -7.40 -12.29
N ASP A 254 -0.54 -8.65 -12.20
CA ASP A 254 -1.97 -8.90 -12.41
C ASP A 254 -2.78 -8.27 -11.28
N LEU A 255 -3.74 -7.41 -11.63
CA LEU A 255 -4.51 -6.74 -10.59
C LEU A 255 -5.40 -7.70 -9.83
N GLY A 256 -5.79 -8.83 -10.44
CA GLY A 256 -6.57 -9.81 -9.73
C GLY A 256 -5.79 -10.65 -8.74
N GLY A 257 -4.46 -10.63 -8.81
CA GLY A 257 -3.65 -11.43 -7.91
C GLY A 257 -3.65 -12.91 -8.26
N PHE A 258 -3.00 -13.69 -7.40
CA PHE A 258 -2.90 -15.14 -7.55
C PHE A 258 -4.20 -15.80 -7.11
N ARG A 259 -4.73 -16.70 -7.94
CA ARG A 259 -6.01 -17.39 -7.67
C ARG A 259 -7.17 -16.39 -7.63
N SER A 260 -7.31 -15.67 -8.74
CA SER A 260 -8.22 -14.53 -8.80
C SER A 260 -9.66 -14.96 -8.52
N GLY A 261 -10.35 -14.17 -7.71
CA GLY A 261 -11.72 -14.44 -7.33
C GLY A 261 -11.89 -15.24 -6.06
N ARG A 262 -10.86 -15.97 -5.61
CA ARG A 262 -11.04 -16.82 -4.43
C ARG A 262 -11.27 -16.01 -3.17
N MET A 263 -10.84 -14.75 -3.14
CA MET A 263 -10.96 -13.89 -1.97
C MET A 263 -12.01 -12.80 -2.10
N ASN A 264 -12.75 -12.76 -3.21
CA ASN A 264 -13.72 -11.69 -3.38
C ASN A 264 -14.98 -11.95 -2.60
N ASP A 265 -15.74 -10.89 -2.40
CA ASP A 265 -17.09 -11.01 -1.88
C ASP A 265 -17.93 -11.88 -2.81
N THR A 266 -19.06 -12.36 -2.27
CA THR A 266 -19.90 -13.33 -2.99
C THR A 266 -20.29 -12.82 -4.37
N LEU A 267 -20.79 -11.57 -4.46
CA LEU A 267 -21.32 -11.05 -5.72
C LEU A 267 -20.24 -10.91 -6.79
N THR A 268 -19.12 -10.25 -6.46
CA THR A 268 -18.08 -10.06 -7.47
C THR A 268 -17.25 -11.31 -7.69
N LYS A 269 -17.27 -12.26 -6.76
CA LYS A 269 -16.69 -13.56 -7.09
C LYS A 269 -17.50 -14.25 -8.17
N ALA A 270 -18.83 -14.21 -8.07
CA ALA A 270 -19.64 -14.76 -9.15
C ALA A 270 -19.40 -14.00 -10.46
N GLN A 271 -19.22 -12.67 -10.38
CA GLN A 271 -18.99 -11.88 -11.59
C GLN A 271 -17.67 -12.28 -12.25
N LEU A 272 -16.61 -12.40 -11.46
CA LEU A 272 -15.31 -12.79 -12.00
C LEU A 272 -15.36 -14.17 -12.63
N ALA A 273 -16.20 -15.07 -12.10
CA ALA A 273 -16.38 -16.40 -12.67
C ALA A 273 -17.23 -16.36 -13.92
N THR A 274 -18.22 -15.47 -13.96
CA THR A 274 -19.01 -15.29 -15.18
C THR A 274 -18.14 -14.78 -16.32
N PHE A 275 -17.20 -13.89 -16.01
CA PHE A 275 -16.22 -13.42 -17.00
C PHE A 275 -15.30 -14.56 -17.43
N ALA A 276 -14.66 -15.23 -16.46
CA ALA A 276 -13.68 -16.27 -16.76
C ALA A 276 -14.28 -17.42 -17.56
N ALA A 277 -15.58 -17.69 -17.38
CA ALA A 277 -16.26 -18.74 -18.11
C ALA A 277 -16.71 -18.28 -19.49
N SER A 278 -16.78 -16.96 -19.72
CA SER A 278 -17.01 -16.47 -21.07
C SER A 278 -15.80 -16.71 -21.95
N TRP A 279 -14.60 -16.63 -21.37
CA TRP A 279 -13.36 -16.97 -22.05
C TRP A 279 -13.15 -18.49 -22.07
N ALA B 2 27.10 -38.24 3.56
CA ALA B 2 26.14 -38.17 2.47
C ALA B 2 24.72 -38.04 3.04
N THR B 3 24.11 -39.17 3.42
CA THR B 3 22.78 -39.16 3.98
C THR B 3 22.77 -38.49 5.35
N LEU B 4 21.59 -38.01 5.73
CA LEU B 4 21.42 -37.47 7.08
C LEU B 4 21.78 -38.51 8.13
N ALA B 5 21.40 -39.77 7.90
CA ALA B 5 21.67 -40.82 8.88
C ALA B 5 23.17 -41.03 9.07
N THR B 6 23.94 -40.94 7.98
CA THR B 6 25.38 -41.06 8.11
C THR B 6 25.96 -39.91 8.92
N LYS B 7 25.52 -38.69 8.65
CA LYS B 7 26.04 -37.55 9.40
C LYS B 7 25.66 -37.64 10.87
N LYS B 8 24.43 -38.09 11.16
CA LYS B 8 24.03 -38.30 12.54
C LYS B 8 24.92 -39.34 13.22
N ALA B 9 25.22 -40.43 12.50
CA ALA B 9 26.07 -41.48 13.06
C ALA B 9 27.48 -40.97 13.36
N THR B 10 28.03 -40.14 12.47
CA THR B 10 29.31 -39.51 12.74
C THR B 10 29.24 -38.67 14.01
N LEU B 11 28.15 -37.93 14.16
CA LEU B 11 27.97 -37.11 15.34
C LEU B 11 27.87 -37.97 16.60
N VAL B 12 27.12 -39.07 16.51
CA VAL B 12 26.96 -39.96 17.65
C VAL B 12 28.32 -40.51 18.07
N ALA B 13 29.12 -40.97 17.10
CA ALA B 13 30.40 -41.59 17.44
C ALA B 13 31.36 -40.58 18.03
N ALA B 14 31.35 -39.36 17.51
CA ALA B 14 32.24 -38.34 18.06
C ALA B 14 31.87 -38.03 19.51
N LEU B 15 30.58 -37.87 19.79
CA LEU B 15 30.14 -37.63 21.16
C LEU B 15 30.53 -38.79 22.07
N LYS B 16 30.27 -40.03 21.63
CA LYS B 16 30.60 -41.21 22.43
C LYS B 16 32.08 -41.23 22.80
N ASP B 17 32.95 -40.88 21.85
CA ASP B 17 34.38 -40.86 22.13
C ASP B 17 34.72 -39.81 23.19
N LEU B 18 34.01 -38.69 23.19
CA LEU B 18 34.32 -37.60 24.12
C LEU B 18 33.83 -37.88 25.53
N GLN B 19 32.73 -38.62 25.67
CA GLN B 19 32.16 -39.08 26.94
C GLN B 19 31.66 -37.95 27.85
N ARG B 20 32.25 -36.76 27.77
CA ARG B 20 31.83 -35.68 28.68
C ARG B 20 32.19 -34.34 28.03
N VAL B 21 31.19 -33.48 27.86
CA VAL B 21 31.36 -32.27 27.06
C VAL B 21 30.72 -31.08 27.76
N THR B 22 31.26 -29.90 27.47
CA THR B 22 30.63 -28.64 27.81
C THR B 22 30.15 -27.99 26.51
N VAL B 23 28.88 -27.60 26.48
CA VAL B 23 28.24 -27.13 25.25
C VAL B 23 28.01 -25.62 25.37
N ALA B 24 28.65 -24.86 24.48
CA ALA B 24 28.36 -23.43 24.32
C ALA B 24 26.98 -23.31 23.68
N PHE B 25 25.99 -22.88 24.47
CA PHE B 25 24.59 -22.89 24.04
C PHE B 25 24.08 -21.47 23.86
N SER B 26 23.67 -21.14 22.63
CA SER B 26 23.15 -19.81 22.34
C SER B 26 21.64 -19.77 22.21
N GLY B 27 20.97 -20.91 22.11
CA GLY B 27 19.56 -20.90 21.83
C GLY B 27 19.19 -20.92 20.35
N GLY B 28 20.15 -20.73 19.43
CA GLY B 28 19.85 -20.89 18.02
C GLY B 28 19.57 -22.36 17.69
N ILE B 29 19.06 -22.61 16.48
CA ILE B 29 18.76 -23.99 16.10
C ILE B 29 20.02 -24.86 16.10
N ASP B 30 21.17 -24.30 15.74
CA ASP B 30 22.38 -25.14 15.65
C ASP B 30 22.81 -25.64 17.02
N SER B 31 23.00 -24.72 17.97
CA SER B 31 23.42 -25.15 19.30
C SER B 31 22.30 -25.88 20.02
N THR B 32 21.04 -25.66 19.63
CA THR B 32 19.97 -26.50 20.16
C THR B 32 20.14 -27.95 19.73
N LEU B 33 20.47 -28.17 18.45
CA LEU B 33 20.64 -29.53 17.95
C LEU B 33 21.84 -30.21 18.61
N VAL B 34 22.96 -29.50 18.72
CA VAL B 34 24.14 -30.07 19.36
C VAL B 34 23.81 -30.45 20.79
N LEU B 35 23.16 -29.54 21.53
CA LEU B 35 22.88 -29.78 22.94
C LEU B 35 21.96 -30.97 23.09
N LYS B 36 20.90 -31.03 22.28
CA LYS B 36 19.99 -32.17 22.35
C LYS B 36 20.72 -33.47 22.03
N MET B 37 21.55 -33.47 20.99
CA MET B 37 22.29 -34.68 20.66
C MET B 37 23.22 -35.08 21.80
N ALA B 38 23.93 -34.11 22.38
CA ALA B 38 24.82 -34.43 23.50
C ALA B 38 24.04 -35.08 24.63
N LEU B 39 22.87 -34.52 24.97
CA LEU B 39 22.04 -35.09 26.02
C LEU B 39 21.56 -36.49 25.63
N ASP B 40 21.16 -36.67 24.37
CA ASP B 40 20.62 -37.96 23.96
C ASP B 40 21.69 -39.03 23.98
N VAL B 41 22.93 -38.70 23.61
CA VAL B 41 23.96 -39.74 23.55
C VAL B 41 24.63 -39.92 24.91
N LEU B 42 24.87 -38.82 25.65
CA LEU B 42 25.67 -38.90 26.87
C LEU B 42 24.90 -38.81 28.17
N GLY B 43 23.69 -38.26 28.18
CA GLY B 43 22.97 -38.18 29.43
C GLY B 43 23.24 -36.86 30.16
N ARG B 44 22.27 -36.48 31.00
CA ARG B 44 22.28 -35.15 31.60
C ARG B 44 23.51 -34.93 32.46
N ASP B 45 23.94 -35.97 33.18
CA ASP B 45 25.06 -35.80 34.09
C ASP B 45 26.41 -35.69 33.40
N ASN B 46 26.49 -35.95 32.09
CA ASN B 46 27.77 -35.84 31.39
C ASN B 46 27.78 -34.68 30.41
N VAL B 47 26.81 -33.78 30.52
CA VAL B 47 26.69 -32.62 29.65
C VAL B 47 26.52 -31.40 30.53
N THR B 48 27.29 -30.35 30.26
CA THR B 48 27.05 -29.04 30.88
C THR B 48 26.78 -28.03 29.79
N ALA B 49 25.59 -27.43 29.84
CA ALA B 49 25.27 -26.34 28.92
C ALA B 49 25.69 -25.02 29.54
N VAL B 50 26.35 -24.18 28.74
CA VAL B 50 26.80 -22.86 29.18
C VAL B 50 26.18 -21.80 28.27
N VAL B 51 25.52 -20.82 28.87
CA VAL B 51 25.00 -19.67 28.16
C VAL B 51 25.80 -18.46 28.61
N ALA B 52 26.46 -17.80 27.67
CA ALA B 52 27.25 -16.62 27.95
C ALA B 52 26.36 -15.39 27.83
N ASN B 53 26.29 -14.63 28.91
CA ASN B 53 25.72 -13.29 28.96
C ASN B 53 26.82 -12.27 28.82
N SER B 54 26.50 -11.13 28.20
CA SER B 54 27.50 -10.08 28.05
C SER B 54 26.79 -8.77 27.73
N GLU B 55 27.59 -7.71 27.67
CA GLU B 55 27.05 -6.39 27.33
C GLU B 55 26.77 -6.26 25.84
N LEU B 56 27.26 -7.18 25.01
CA LEU B 56 27.10 -7.09 23.56
C LEU B 56 25.95 -7.91 23.00
N PHE B 57 25.27 -8.72 23.81
CA PHE B 57 24.14 -9.52 23.37
C PHE B 57 22.99 -9.30 24.35
N THR B 58 21.76 -9.43 23.87
CA THR B 58 20.63 -8.95 24.66
C THR B 58 20.37 -9.85 25.85
N ASP B 59 19.98 -9.23 26.95
CA ASP B 59 19.55 -10.00 28.11
C ASP B 59 18.37 -10.91 27.77
N GLU B 60 17.53 -10.49 26.81
CA GLU B 60 16.39 -11.30 26.40
C GLU B 60 16.81 -12.63 25.77
N GLU B 61 17.84 -12.60 24.91
CA GLU B 61 18.32 -13.84 24.30
C GLU B 61 18.96 -14.74 25.34
N PHE B 62 19.68 -14.15 26.28
CA PHE B 62 20.26 -14.92 27.38
C PHE B 62 19.17 -15.63 28.18
N ASP B 63 18.12 -14.90 28.56
CA ASP B 63 17.05 -15.49 29.37
C ASP B 63 16.34 -16.60 28.60
N LYS B 64 16.10 -16.38 27.30
CA LYS B 64 15.47 -17.41 26.49
C LYS B 64 16.34 -18.66 26.41
N ALA B 65 17.65 -18.49 26.18
CA ALA B 65 18.54 -19.64 26.07
C ALA B 65 18.65 -20.42 27.39
N MET B 66 18.72 -19.71 28.52
CA MET B 66 18.78 -20.38 29.81
C MET B 66 17.55 -21.26 30.03
N SER B 67 16.37 -20.72 29.69
CA SER B 67 15.13 -21.47 29.83
C SER B 67 15.07 -22.60 28.83
N LEU B 68 15.58 -22.39 27.62
CA LEU B 68 15.52 -23.46 26.66
C LEU B 68 16.46 -24.60 27.06
N ALA B 69 17.64 -24.27 27.61
CA ALA B 69 18.57 -25.33 27.98
C ALA B 69 17.95 -26.26 29.03
N GLU B 70 17.23 -25.70 30.02
CA GLU B 70 16.50 -26.54 30.97
C GLU B 70 15.42 -27.36 30.27
N GLU B 71 14.71 -26.74 29.33
CA GLU B 71 13.66 -27.43 28.59
C GLU B 71 14.19 -28.63 27.83
N LEU B 72 15.42 -28.54 27.31
CA LEU B 72 16.04 -29.65 26.58
C LEU B 72 16.50 -30.77 27.50
N GLY B 73 16.56 -30.51 28.82
CA GLY B 73 16.98 -31.49 29.80
C GLY B 73 18.41 -31.36 30.26
N ALA B 74 19.04 -30.21 30.05
CA ALA B 74 20.43 -30.02 30.46
C ALA B 74 20.52 -29.34 31.82
N ASN B 75 21.56 -29.70 32.56
CA ASN B 75 22.03 -28.82 33.61
C ASN B 75 22.71 -27.62 32.98
N VAL B 76 22.28 -26.42 33.36
CA VAL B 76 22.69 -25.22 32.65
C VAL B 76 23.35 -24.26 33.61
N GLN B 77 24.39 -23.58 33.11
CA GLN B 77 25.17 -22.63 33.88
C GLN B 77 25.30 -21.36 33.05
N GLY B 78 24.89 -20.24 33.63
CA GLY B 78 25.09 -18.96 33.00
C GLY B 78 26.46 -18.43 33.37
N THR B 79 27.09 -17.74 32.43
CA THR B 79 28.37 -17.09 32.71
C THR B 79 28.37 -15.73 32.05
N THR B 80 28.97 -14.75 32.70
CA THR B 80 28.94 -13.40 32.17
C THR B 80 30.32 -13.02 31.67
N LEU B 81 30.40 -12.61 30.42
CA LEU B 81 31.66 -12.21 29.81
C LEU B 81 31.86 -10.71 29.88
N ASP B 82 33.13 -10.33 29.98
CA ASP B 82 33.55 -8.96 30.15
C ASP B 82 34.19 -8.43 28.86
N TYR B 83 33.38 -8.27 27.83
CA TYR B 83 33.95 -7.91 26.53
C TYR B 83 34.59 -6.52 26.57
N LEU B 84 33.94 -5.55 27.22
CA LEU B 84 34.47 -4.19 27.23
C LEU B 84 35.71 -4.05 28.09
N SER B 85 36.06 -5.06 28.89
CA SER B 85 37.31 -4.94 29.64
C SER B 85 38.54 -5.13 28.75
N ASP B 86 38.35 -5.61 27.52
CA ASP B 86 39.42 -5.71 26.54
C ASP B 86 39.42 -4.46 25.67
N ASP B 87 40.55 -3.75 25.64
CA ASP B 87 40.63 -2.49 24.90
C ASP B 87 40.44 -2.70 23.40
N HIS B 88 40.82 -3.87 22.89
CA HIS B 88 40.62 -4.13 21.47
C HIS B 88 39.12 -4.17 21.13
N ILE B 89 38.31 -4.69 22.05
CA ILE B 89 36.86 -4.72 21.81
C ILE B 89 36.24 -3.35 22.03
N LYS B 90 36.63 -2.68 23.11
CA LYS B 90 36.04 -1.38 23.45
C LYS B 90 36.30 -0.33 22.35
N ASN B 91 37.44 -0.38 21.69
CA ASN B 91 37.70 0.65 20.69
C ASN B 91 37.13 0.32 19.31
N ASN B 92 36.48 -0.83 19.17
CA ASN B 92 35.70 -1.24 17.99
C ASN B 92 36.46 -1.10 16.67
N THR B 93 37.49 -1.90 16.55
CA THR B 93 38.25 -2.03 15.31
C THR B 93 37.73 -3.21 14.51
N PRO B 94 38.13 -3.36 13.24
CA PRO B 94 37.81 -4.60 12.53
C PRO B 94 38.43 -5.84 13.17
N ASP B 95 39.41 -5.71 14.08
CA ASP B 95 39.93 -6.89 14.77
C ASP B 95 39.22 -7.21 16.06
N SER B 96 38.20 -6.44 16.44
CA SER B 96 37.50 -6.67 17.70
C SER B 96 36.93 -8.09 17.77
N TRP B 97 36.42 -8.59 16.65
CA TRP B 97 35.86 -9.94 16.61
C TRP B 97 36.86 -10.96 17.15
N TYR B 98 38.14 -10.81 16.79
CA TYR B 98 39.10 -11.82 17.19
C TYR B 98 39.25 -11.85 18.70
N TYR B 99 39.33 -10.67 19.32
CA TYR B 99 39.52 -10.64 20.76
C TYR B 99 38.27 -11.10 21.52
N ALA B 100 37.07 -10.80 21.01
CA ALA B 100 35.87 -11.32 21.65
C ALA B 100 35.81 -12.84 21.58
N LYS B 101 36.11 -13.42 20.40
CA LYS B 101 36.12 -14.88 20.29
C LYS B 101 37.13 -15.47 21.27
N LYS B 102 38.28 -14.80 21.41
CA LYS B 102 39.32 -15.32 22.29
C LYS B 102 38.83 -15.41 23.72
N MET B 103 38.20 -14.34 24.20
CA MET B 103 37.72 -14.30 25.58
C MET B 103 36.56 -15.26 25.78
N PHE B 104 35.67 -15.35 24.78
CA PHE B 104 34.57 -16.31 24.84
C PHE B 104 35.08 -17.73 25.03
N TYR B 105 36.00 -18.17 24.18
CA TYR B 105 36.46 -19.56 24.25
C TYR B 105 37.37 -19.80 25.43
N SER B 106 38.08 -18.76 25.90
CA SER B 106 38.89 -18.90 27.11
C SER B 106 38.01 -19.16 28.33
N ARG B 107 36.89 -18.44 28.46
CA ARG B 107 35.98 -18.67 29.57
C ARG B 107 35.37 -20.06 29.50
N LEU B 108 34.89 -20.46 28.33
CA LEU B 108 34.29 -21.79 28.22
C LEU B 108 35.31 -22.88 28.47
N ASN B 109 36.54 -22.67 28.01
CA ASN B 109 37.59 -23.65 28.29
C ASN B 109 37.86 -23.74 29.79
N ASP B 110 37.88 -22.60 30.49
CA ASP B 110 38.07 -22.62 31.94
C ASP B 110 36.96 -23.40 32.62
N ILE B 111 35.71 -23.18 32.18
CA ILE B 111 34.59 -23.89 32.78
C ILE B 111 34.75 -25.39 32.54
N ALA B 112 35.10 -25.76 31.31
CA ALA B 112 35.20 -27.17 30.93
C ALA B 112 36.37 -27.86 31.63
N ALA B 113 37.48 -27.14 31.81
CA ALA B 113 38.59 -27.73 32.55
C ALA B 113 38.17 -28.05 33.97
N ASN B 114 37.33 -27.19 34.56
CA ASN B 114 36.94 -27.33 35.96
C ASN B 114 35.87 -28.39 36.18
N ASN B 115 35.08 -28.76 35.17
CA ASN B 115 34.10 -29.81 35.38
C ASN B 115 34.50 -31.13 34.73
N GLY B 116 35.74 -31.22 34.22
CA GLY B 116 36.21 -32.48 33.68
C GLY B 116 35.73 -32.83 32.28
N SER B 117 35.25 -31.86 31.51
CA SER B 117 34.82 -32.15 30.15
C SER B 117 36.02 -32.47 29.27
N ALA B 118 35.80 -33.31 28.26
CA ALA B 118 36.86 -33.59 27.30
C ALA B 118 36.94 -32.53 26.20
N ALA B 119 35.90 -31.71 26.04
CA ALA B 119 35.94 -30.64 25.04
C ALA B 119 34.81 -29.66 25.30
N VAL B 120 34.98 -28.48 24.73
CA VAL B 120 33.91 -27.52 24.52
C VAL B 120 33.32 -27.77 23.13
N LEU B 121 31.99 -27.81 23.05
CA LEU B 121 31.31 -27.96 21.77
C LEU B 121 30.54 -26.70 21.44
N ASP B 122 30.55 -26.31 20.16
CA ASP B 122 29.71 -25.21 19.71
C ASP B 122 28.86 -25.67 18.53
N GLY B 123 28.01 -24.76 18.04
CA GLY B 123 27.08 -25.11 16.99
C GLY B 123 27.48 -24.69 15.58
N MET B 124 28.77 -24.52 15.31
CA MET B 124 29.16 -24.09 13.95
C MET B 124 28.83 -25.19 12.95
N ILE B 125 28.40 -24.80 11.76
CA ILE B 125 27.99 -25.79 10.77
C ILE B 125 28.82 -25.61 9.51
N LYS B 126 28.57 -26.44 8.50
CA LYS B 126 29.29 -26.33 7.24
C LYS B 126 28.66 -25.27 6.35
N ASN B 127 29.50 -24.63 5.53
CA ASN B 127 29.14 -23.54 4.61
C ASN B 127 28.80 -22.26 5.38
N ARG B 139 37.10 -19.63 10.44
CA ARG B 139 35.85 -20.38 10.49
C ARG B 139 35.99 -21.64 11.34
N SER B 140 37.20 -21.87 11.87
CA SER B 140 37.47 -22.97 12.78
C SER B 140 38.20 -22.42 14.00
N GLU B 141 37.89 -22.96 15.19
CA GLU B 141 38.25 -22.29 16.43
C GLU B 141 39.31 -22.99 17.28
N ALA B 142 39.69 -24.22 16.96
CA ALA B 142 40.79 -24.91 17.63
C ALA B 142 40.54 -25.19 19.11
N GLY B 143 39.95 -24.26 19.84
CA GLY B 143 39.69 -24.46 21.26
C GLY B 143 38.31 -25.01 21.54
N ALA B 144 37.68 -25.60 20.53
CA ALA B 144 36.30 -26.06 20.58
C ALA B 144 36.05 -26.99 19.42
N ARG B 145 35.18 -27.99 19.63
CA ARG B 145 34.85 -28.91 18.56
C ARG B 145 33.51 -28.49 17.97
N SER B 146 33.48 -28.26 16.65
CA SER B 146 32.23 -27.99 15.95
C SER B 146 31.81 -29.28 15.27
N LEU B 147 31.17 -30.16 16.05
CA LEU B 147 30.90 -31.52 15.59
C LEU B 147 29.92 -31.53 14.43
N LEU B 148 29.03 -30.54 14.37
CA LEU B 148 28.14 -30.47 13.22
C LEU B 148 28.94 -30.17 11.96
N GLN B 149 29.90 -29.26 12.08
CA GLN B 149 30.74 -28.92 10.94
C GLN B 149 31.64 -30.10 10.57
N GLU B 150 32.20 -30.78 11.58
CA GLU B 150 33.02 -31.96 11.31
C GLU B 150 32.21 -33.04 10.61
N ALA B 151 30.92 -33.16 10.94
CA ALA B 151 30.04 -34.14 10.35
C ALA B 151 29.40 -33.65 9.07
N ASP B 152 29.81 -32.48 8.56
CA ASP B 152 29.35 -31.96 7.27
C ASP B 152 27.86 -31.61 7.28
N PHE B 153 27.35 -31.11 8.41
CA PHE B 153 25.96 -30.66 8.48
C PHE B 153 25.80 -29.34 7.74
N PHE B 154 24.90 -29.31 6.78
CA PHE B 154 24.44 -28.05 6.21
C PHE B 154 23.20 -27.57 6.95
N LYS B 155 22.77 -26.34 6.66
CA LYS B 155 21.60 -25.82 7.37
C LYS B 155 20.39 -26.70 7.12
N THR B 156 20.29 -27.26 5.92
CA THR B 156 19.18 -28.15 5.64
C THR B 156 19.25 -29.43 6.47
N ASP B 157 20.46 -29.93 6.76
CA ASP B 157 20.54 -31.12 7.60
C ASP B 157 20.20 -30.79 9.04
N VAL B 158 20.59 -29.60 9.51
CA VAL B 158 20.23 -29.20 10.87
C VAL B 158 18.71 -29.20 11.02
N ARG B 159 18.00 -28.56 10.09
CA ARG B 159 16.55 -28.51 10.17
C ARG B 159 15.91 -29.91 10.08
N ALA B 160 16.39 -30.75 9.17
CA ALA B 160 15.80 -32.09 9.05
C ALA B 160 16.02 -32.89 10.33
N LEU B 161 17.25 -32.90 10.86
CA LEU B 161 17.49 -33.65 12.08
C LEU B 161 16.72 -33.04 13.26
N ALA B 162 16.61 -31.70 13.29
CA ALA B 162 15.85 -31.04 14.34
C ALA B 162 14.41 -31.52 14.36
N GLN B 163 13.76 -31.55 13.20
CA GLN B 163 12.39 -32.02 13.11
C GLN B 163 12.28 -33.49 13.53
N GLU B 164 13.23 -34.32 13.08
CA GLU B 164 13.19 -35.74 13.42
C GLU B 164 13.28 -35.96 14.92
N LEU B 165 14.02 -35.10 15.62
CA LEU B 165 14.10 -35.15 17.07
C LEU B 165 12.94 -34.44 17.76
N GLY B 166 12.05 -33.82 17.00
CA GLY B 166 10.95 -33.14 17.62
C GLY B 166 11.30 -31.79 18.23
N LEU B 167 12.45 -31.23 17.90
CA LEU B 167 12.80 -29.91 18.39
C LEU B 167 12.01 -28.88 17.58
N THR B 168 11.20 -28.09 18.28
CA THR B 168 10.47 -27.00 17.65
C THR B 168 10.74 -25.65 18.29
N ASN B 169 11.43 -25.60 19.42
CA ASN B 169 11.57 -24.37 20.20
C ASN B 169 13.04 -23.98 20.20
N TRP B 170 13.34 -22.83 19.61
CA TRP B 170 14.69 -22.27 19.64
C TRP B 170 14.55 -20.79 19.33
N ASN B 171 15.65 -20.06 19.40
CA ASN B 171 15.62 -18.64 19.06
C ASN B 171 15.63 -18.53 17.55
N LYS B 172 14.54 -18.04 16.97
CA LYS B 172 14.45 -18.01 15.52
C LYS B 172 15.18 -16.82 14.90
N VAL B 173 15.45 -15.77 15.65
CA VAL B 173 16.11 -14.58 15.10
C VAL B 173 17.15 -14.01 16.07
N ALA B 174 18.41 -14.37 15.87
CA ALA B 174 19.49 -13.87 16.72
C ALA B 174 19.75 -12.39 16.42
N SER B 175 19.84 -11.58 17.48
CA SER B 175 20.15 -10.16 17.33
C SER B 175 21.62 -9.90 16.99
N CYS B 176 22.53 -10.83 17.33
CA CYS B 176 23.97 -10.73 17.02
C CYS B 176 24.65 -9.58 17.77
N SER B 177 25.99 -9.48 17.72
CA SER B 177 26.72 -8.58 18.59
C SER B 177 26.38 -7.11 18.31
N VAL B 178 26.06 -6.38 19.37
CA VAL B 178 25.71 -4.96 19.24
C VAL B 178 26.86 -4.12 18.71
N SER B 179 28.10 -4.64 18.72
CA SER B 179 29.22 -3.90 18.14
C SER B 179 28.97 -3.52 16.69
N SER B 180 28.24 -4.33 15.95
CA SER B 180 27.98 -4.00 14.55
C SER B 180 27.11 -2.76 14.36
N ARG B 181 26.51 -2.22 15.41
CA ARG B 181 25.71 -1.01 15.25
C ARG B 181 26.55 0.26 15.33
N PHE B 182 27.85 0.15 15.64
CA PHE B 182 28.72 1.29 15.82
C PHE B 182 29.82 1.27 14.76
N PRO B 183 30.16 2.42 14.17
CA PRO B 183 31.22 2.44 13.15
C PRO B 183 32.57 2.05 13.73
N TYR B 184 33.38 1.43 12.90
CA TYR B 184 34.78 1.17 13.26
C TYR B 184 35.43 2.48 13.66
N GLY B 185 36.28 2.42 14.68
CA GLY B 185 36.93 3.60 15.21
C GLY B 185 36.13 4.37 16.23
N THR B 186 34.85 4.04 16.40
CA THR B 186 34.05 4.60 17.48
C THR B 186 34.30 3.81 18.77
N THR B 187 34.45 4.52 19.88
CA THR B 187 34.61 3.85 21.18
C THR B 187 33.25 3.43 21.71
N LEU B 188 33.10 2.15 22.05
CA LEU B 188 31.85 1.70 22.66
C LEU B 188 31.80 2.18 24.10
N THR B 189 30.62 2.60 24.53
CA THR B 189 30.40 2.97 25.93
C THR B 189 29.16 2.23 26.43
N HIS B 190 29.06 2.10 27.75
CA HIS B 190 27.87 1.49 28.31
C HIS B 190 26.62 2.27 27.93
N ASP B 191 26.71 3.61 27.91
CA ASP B 191 25.57 4.45 27.58
C ASP B 191 25.11 4.25 26.14
N ASN B 192 26.04 4.28 25.19
CA ASN B 192 25.59 4.18 23.80
C ASN B 192 25.12 2.77 23.48
N ILE B 193 25.76 1.76 24.08
CA ILE B 193 25.26 0.39 23.92
C ILE B 193 23.84 0.30 24.44
N ALA B 194 23.61 0.82 25.65
CA ALA B 194 22.27 0.74 26.23
C ALA B 194 21.25 1.48 25.37
N GLN B 195 21.65 2.61 24.79
CA GLN B 195 20.75 3.38 23.94
C GLN B 195 20.35 2.57 22.71
N VAL B 196 21.32 1.95 22.03
CA VAL B 196 21.02 1.12 20.88
C VAL B 196 20.17 -0.08 21.30
N MET B 197 20.54 -0.73 22.41
CA MET B 197 19.82 -1.91 22.85
C MET B 197 18.36 -1.61 23.15
N ALA B 198 18.10 -0.52 23.86
CA ALA B 198 16.72 -0.18 24.19
C ALA B 198 15.95 0.19 22.92
N ALA B 199 16.61 0.84 21.96
CA ALA B 199 15.94 1.22 20.72
C ALA B 199 15.48 -0.02 19.95
N GLU B 200 16.37 -1.00 19.79
CA GLU B 200 16.05 -2.22 19.07
C GLU B 200 14.99 -3.03 19.80
N LYS B 201 15.06 -3.06 21.13
CA LYS B 201 14.06 -3.78 21.90
C LYS B 201 12.67 -3.21 21.63
N TYR B 202 12.55 -1.89 21.57
CA TYR B 202 11.26 -1.27 21.28
C TYR B 202 10.78 -1.67 19.88
N LEU B 203 11.67 -1.60 18.90
CA LEU B 203 11.27 -1.92 17.52
C LEU B 203 10.84 -3.38 17.41
N ARG B 204 11.54 -4.28 18.08
CA ARG B 204 11.12 -5.68 18.10
C ARG B 204 9.75 -5.83 18.74
N SER B 205 9.46 -5.08 19.81
CA SER B 205 8.15 -5.24 20.44
C SER B 205 7.02 -4.80 19.54
N LEU B 206 7.30 -3.98 18.53
CA LEU B 206 6.28 -3.57 17.59
C LEU B 206 6.02 -4.63 16.52
N GLY B 207 6.79 -5.71 16.52
CA GLY B 207 6.63 -6.76 15.55
C GLY B 207 7.68 -6.83 14.46
N PHE B 208 8.87 -6.26 14.66
CA PHE B 208 9.93 -6.33 13.68
C PHE B 208 11.11 -7.08 14.30
N PRO B 209 11.09 -8.41 14.22
CA PRO B 209 12.14 -9.20 14.88
C PRO B 209 13.50 -9.03 14.25
N THR B 210 13.60 -8.60 13.00
CA THR B 210 14.87 -8.39 12.32
C THR B 210 15.03 -6.89 12.11
N VAL B 211 15.94 -6.28 12.87
CA VAL B 211 16.09 -4.84 12.84
C VAL B 211 17.47 -4.48 13.37
N ARG B 212 18.01 -3.36 12.87
CA ARG B 212 19.20 -2.73 13.39
C ARG B 212 18.93 -1.25 13.60
N VAL B 213 19.38 -0.74 14.76
CA VAL B 213 19.46 0.70 14.97
C VAL B 213 20.94 1.04 14.88
N ARG B 214 21.37 1.51 13.74
CA ARG B 214 22.77 1.84 13.60
C ARG B 214 23.02 3.22 14.20
N PHE B 215 24.11 3.32 14.95
CA PHE B 215 24.43 4.49 15.77
C PHE B 215 25.32 5.48 14.99
N HIS B 216 24.82 6.69 14.79
CA HIS B 216 25.61 7.77 14.20
C HIS B 216 25.54 9.00 15.07
N ASN B 217 25.90 8.83 16.35
CA ASN B 217 25.89 9.87 17.37
C ASN B 217 24.48 10.44 17.55
N ASP B 218 24.21 11.65 17.08
CA ASP B 218 22.87 12.22 17.28
C ASP B 218 21.86 11.68 16.28
N ILE B 219 22.27 10.80 15.36
CA ILE B 219 21.40 10.20 14.36
C ILE B 219 21.25 8.71 14.65
N ALA B 220 20.00 8.23 14.66
CA ALA B 220 19.69 6.81 14.58
C ALA B 220 19.31 6.48 13.14
N ARG B 221 19.91 5.43 12.60
CA ARG B 221 19.66 5.01 11.22
C ARG B 221 19.13 3.59 11.33
N ILE B 222 17.84 3.41 11.07
CA ILE B 222 17.17 2.13 11.28
C ILE B 222 17.24 1.31 10.01
N GLU B 223 17.69 0.06 10.13
CA GLU B 223 17.66 -0.89 9.02
C GLU B 223 16.55 -1.90 9.30
N LEU B 224 15.62 -2.03 8.35
CA LEU B 224 14.56 -3.02 8.33
C LEU B 224 14.65 -3.84 7.06
N PRO B 225 14.23 -5.10 7.08
CA PRO B 225 14.06 -5.83 5.83
C PRO B 225 13.13 -5.03 4.91
N GLU B 226 13.52 -4.93 3.64
CA GLU B 226 12.81 -4.01 2.76
C GLU B 226 11.35 -4.40 2.61
N ALA B 227 11.07 -5.70 2.61
CA ALA B 227 9.68 -6.13 2.49
C ALA B 227 8.84 -5.76 3.71
N ARG B 228 9.46 -5.26 4.79
CA ARG B 228 8.70 -4.81 5.95
C ARG B 228 8.51 -3.30 6.02
N ILE B 229 9.12 -2.51 5.13
CA ILE B 229 9.08 -1.06 5.33
C ILE B 229 7.66 -0.51 5.12
N GLY B 230 6.92 -1.05 4.15
CA GLY B 230 5.54 -0.60 3.96
C GLY B 230 4.68 -0.72 5.22
N ASP B 231 4.82 -1.83 5.95
CA ASP B 231 4.06 -2.03 7.19
C ASP B 231 4.50 -1.08 8.30
N PHE B 232 5.76 -0.65 8.26
CA PHE B 232 6.35 0.11 9.36
C PHE B 232 5.75 1.51 9.50
N LEU B 233 5.20 2.06 8.42
CA LEU B 233 4.80 3.47 8.41
C LEU B 233 3.82 3.81 9.53
N VAL B 234 2.92 2.89 9.90
CA VAL B 234 1.98 3.12 11.00
C VAL B 234 2.71 3.43 12.31
N PHE B 235 3.99 3.08 12.42
CA PHE B 235 4.76 3.30 13.64
C PHE B 235 5.71 4.50 13.59
N ASN B 236 5.81 5.21 12.45
CA ASN B 236 6.84 6.26 12.30
C ASN B 236 6.89 7.20 13.50
N ASP B 237 5.76 7.80 13.86
CA ASP B 237 5.75 8.85 14.88
C ASP B 237 6.09 8.32 16.25
N ARG B 238 5.57 7.13 16.62
CA ARG B 238 5.90 6.57 17.92
C ARG B 238 7.38 6.20 18.01
N VAL B 239 7.96 5.67 16.92
CA VAL B 239 9.37 5.32 16.94
C VAL B 239 10.24 6.55 17.03
N ASN B 240 9.86 7.60 16.28
CA ASN B 240 10.55 8.87 16.33
C ASN B 240 10.60 9.39 17.78
N ARG B 241 9.45 9.45 18.46
CA ARG B 241 9.44 10.04 19.79
C ARG B 241 10.13 9.13 20.82
N GLN B 242 9.92 7.81 20.74
CA GLN B 242 10.62 6.87 21.62
C GLN B 242 12.14 6.97 21.50
N LEU B 243 12.66 6.91 20.26
CA LEU B 243 14.10 6.93 20.10
C LEU B 243 14.67 8.30 20.40
N GLN B 244 13.87 9.37 20.24
CA GLN B 244 14.34 10.65 20.73
C GLN B 244 14.38 10.69 22.26
N SER B 245 13.39 10.08 22.93
CA SER B 245 13.44 10.08 24.38
C SER B 245 14.62 9.26 24.90
N LEU B 246 15.10 8.29 24.12
CA LEU B 246 16.32 7.56 24.46
C LEU B 246 17.59 8.34 24.18
N GLY B 247 17.50 9.49 23.51
CA GLY B 247 18.62 10.38 23.35
C GLY B 247 19.02 10.69 21.92
N PHE B 248 18.44 10.07 20.90
CA PHE B 248 18.79 10.48 19.54
C PHE B 248 18.07 11.80 19.22
N ARG B 249 18.75 12.65 18.45
CA ARG B 249 18.11 13.89 18.02
C ARG B 249 17.29 13.68 16.76
N TYR B 250 17.80 12.88 15.82
CA TYR B 250 17.14 12.58 14.56
C TYR B 250 17.00 11.07 14.47
N VAL B 251 15.82 10.62 14.06
CA VAL B 251 15.52 9.21 13.94
C VAL B 251 15.15 8.97 12.48
N THR B 252 15.91 8.10 11.83
CA THR B 252 15.85 7.94 10.39
C THR B 252 15.75 6.46 10.03
N LEU B 253 15.27 6.23 8.82
CA LEU B 253 15.16 4.91 8.22
C LEU B 253 16.09 4.84 7.03
N ASP B 254 17.00 3.86 7.02
CA ASP B 254 17.90 3.66 5.89
C ASP B 254 17.11 3.15 4.67
N LEU B 255 17.24 3.88 3.56
CA LEU B 255 16.50 3.55 2.35
C LEU B 255 16.99 2.27 1.71
N GLY B 256 18.22 1.84 2.03
CA GLY B 256 18.72 0.57 1.54
C GLY B 256 18.19 -0.65 2.26
N GLY B 257 17.56 -0.49 3.41
CA GLY B 257 17.06 -1.65 4.13
C GLY B 257 18.14 -2.43 4.87
N PHE B 258 17.75 -3.59 5.38
CA PHE B 258 18.64 -4.37 6.23
C PHE B 258 19.76 -5.02 5.44
N ARG B 259 21.00 -4.77 5.90
CA ARG B 259 22.26 -5.13 5.25
C ARG B 259 22.38 -4.41 3.90
N ALA C 2 11.46 -32.03 41.03
CA ALA C 2 11.04 -33.23 40.30
C ALA C 2 11.42 -33.13 38.82
N THR C 3 12.13 -34.16 38.37
CA THR C 3 12.55 -34.29 36.98
C THR C 3 11.36 -34.47 36.06
N LEU C 4 11.58 -34.17 34.77
CA LEU C 4 10.58 -34.50 33.76
C LEU C 4 10.23 -35.98 33.76
N ALA C 5 11.24 -36.84 33.94
CA ALA C 5 10.97 -38.27 33.95
C ALA C 5 10.00 -38.62 35.07
N THR C 6 10.17 -37.99 36.24
CA THR C 6 9.26 -38.21 37.35
C THR C 6 7.85 -37.72 37.03
N LYS C 7 7.74 -36.53 36.42
CA LYS C 7 6.41 -36.04 36.08
C LYS C 7 5.74 -36.96 35.05
N LYS C 8 6.52 -37.46 34.09
CA LYS C 8 5.99 -38.41 33.11
C LYS C 8 5.53 -39.70 33.78
N ALA C 9 6.36 -40.25 34.69
CA ALA C 9 6.01 -41.51 35.35
C ALA C 9 4.73 -41.38 36.16
N THR C 10 4.56 -40.24 36.84
CA THR C 10 3.32 -39.97 37.55
C THR C 10 2.13 -40.00 36.60
N LEU C 11 2.30 -39.37 35.44
CA LEU C 11 1.25 -39.33 34.44
C LEU C 11 0.97 -40.73 33.88
N VAL C 12 2.02 -41.50 33.63
CA VAL C 12 1.86 -42.87 33.12
C VAL C 12 1.09 -43.72 34.11
N ALA C 13 1.45 -43.64 35.40
CA ALA C 13 0.78 -44.46 36.40
C ALA C 13 -0.69 -44.06 36.53
N ALA C 14 -0.99 -42.77 36.43
CA ALA C 14 -2.37 -42.32 36.53
C ALA C 14 -3.19 -42.82 35.35
N LEU C 15 -2.61 -42.79 34.15
CA LEU C 15 -3.31 -43.34 32.98
C LEU C 15 -3.53 -44.84 33.14
N LYS C 16 -2.48 -45.57 33.54
CA LYS C 16 -2.60 -47.02 33.72
C LYS C 16 -3.74 -47.38 34.66
N ASP C 17 -3.83 -46.65 35.79
CA ASP C 17 -4.90 -46.95 36.74
C ASP C 17 -6.26 -46.73 36.11
N LEU C 18 -6.38 -45.73 35.24
CA LEU C 18 -7.70 -45.40 34.71
C LEU C 18 -8.18 -46.41 33.66
N GLN C 19 -7.25 -46.93 32.85
N GLN C 19 -7.25 -47.01 32.91
CA GLN C 19 -7.46 -48.07 31.94
CA GLN C 19 -7.52 -48.10 31.96
C GLN C 19 -8.30 -47.74 30.72
C GLN C 19 -8.19 -47.60 30.69
N ARG C 20 -9.23 -46.79 30.83
CA ARG C 20 -10.01 -46.35 29.68
C ARG C 20 -10.46 -44.93 29.90
N VAL C 21 -10.20 -44.03 28.95
CA VAL C 21 -10.43 -42.61 29.17
C VAL C 21 -11.11 -41.95 27.98
N THR C 22 -11.82 -40.87 28.27
CA THR C 22 -12.31 -39.94 27.26
C THR C 22 -11.53 -38.64 27.42
N VAL C 23 -10.97 -38.15 26.31
CA VAL C 23 -10.06 -37.01 26.31
C VAL C 23 -10.77 -35.83 25.65
N ALA C 24 -10.97 -34.74 26.39
CA ALA C 24 -11.46 -33.49 25.82
C ALA C 24 -10.33 -32.84 25.01
N PHE C 25 -10.43 -32.93 23.67
CA PHE C 25 -9.33 -32.55 22.78
C PHE C 25 -9.71 -31.29 22.01
N SER C 26 -8.90 -30.24 22.18
CA SER C 26 -9.06 -28.97 21.46
C SER C 26 -8.07 -28.81 20.32
N GLY C 27 -7.04 -29.62 20.25
CA GLY C 27 -5.97 -29.36 19.28
C GLY C 27 -4.83 -28.50 19.79
N GLY C 28 -4.97 -27.92 21.00
CA GLY C 28 -3.86 -27.21 21.63
C GLY C 28 -2.75 -28.15 22.07
N ILE C 29 -1.58 -27.58 22.36
CA ILE C 29 -0.44 -28.41 22.75
C ILE C 29 -0.75 -29.21 24.02
N ASP C 30 -1.50 -28.64 24.96
CA ASP C 30 -1.74 -29.35 26.23
C ASP C 30 -2.58 -30.61 26.02
N SER C 31 -3.75 -30.46 25.40
CA SER C 31 -4.58 -31.65 25.19
C SER C 31 -3.97 -32.60 24.16
N THR C 32 -3.13 -32.09 23.25
CA THR C 32 -2.39 -33.00 22.37
C THR C 32 -1.46 -33.90 23.19
N LEU C 33 -0.78 -33.32 24.18
CA LEU C 33 0.09 -34.13 25.03
C LEU C 33 -0.71 -35.15 25.82
N VAL C 34 -1.84 -34.75 26.39
CA VAL C 34 -2.67 -35.68 27.13
C VAL C 34 -3.11 -36.82 26.22
N LEU C 35 -3.57 -36.47 25.01
CA LEU C 35 -4.09 -37.50 24.09
C LEU C 35 -2.98 -38.46 23.66
N LYS C 36 -1.82 -37.92 23.28
CA LYS C 36 -0.69 -38.76 22.91
C LYS C 36 -0.27 -39.68 24.05
N MET C 37 -0.16 -39.15 25.28
CA MET C 37 0.20 -40.01 26.39
C MET C 37 -0.87 -41.08 26.61
N ALA C 38 -2.15 -40.69 26.56
CA ALA C 38 -3.21 -41.68 26.71
C ALA C 38 -3.07 -42.77 25.68
N LEU C 39 -2.78 -42.40 24.43
CA LEU C 39 -2.60 -43.38 23.36
C LEU C 39 -1.39 -44.28 23.62
N ASP C 40 -0.28 -43.70 24.08
CA ASP C 40 0.93 -44.49 24.30
C ASP C 40 0.77 -45.47 25.46
N VAL C 41 0.06 -45.09 26.51
CA VAL C 41 -0.04 -45.95 27.68
C VAL C 41 -1.19 -46.95 27.56
N LEU C 42 -2.34 -46.54 27.04
CA LEU C 42 -3.52 -47.40 27.05
C LEU C 42 -3.83 -48.01 25.69
N GLY C 43 -3.33 -47.44 24.61
CA GLY C 43 -3.66 -48.02 23.32
C GLY C 43 -4.88 -47.36 22.72
N ARG C 44 -4.94 -47.36 21.39
CA ARG C 44 -5.95 -46.60 20.66
C ARG C 44 -7.38 -47.09 20.99
N ASP C 45 -7.54 -48.40 21.28
CA ASP C 45 -8.85 -48.97 21.55
C ASP C 45 -9.45 -48.57 22.89
N ASN C 46 -8.66 -47.98 23.80
CA ASN C 46 -9.13 -47.61 25.12
C ASN C 46 -9.15 -46.11 25.35
N VAL C 47 -9.07 -45.34 24.27
CA VAL C 47 -9.06 -43.89 24.31
C VAL C 47 -10.10 -43.41 23.31
N THR C 48 -10.96 -42.48 23.73
CA THR C 48 -11.83 -41.77 22.81
C THR C 48 -11.49 -40.29 22.91
N ALA C 49 -11.12 -39.69 21.78
CA ALA C 49 -10.93 -38.24 21.72
C ALA C 49 -12.25 -37.57 21.39
N VAL C 50 -12.55 -36.48 22.10
CA VAL C 50 -13.79 -35.74 21.91
C VAL C 50 -13.47 -34.28 21.61
N VAL C 51 -14.00 -33.77 20.50
CA VAL C 51 -13.93 -32.36 20.13
C VAL C 51 -15.35 -31.80 20.16
N ALA C 52 -15.55 -30.74 20.94
CA ALA C 52 -16.87 -30.10 21.03
C ALA C 52 -16.99 -29.00 19.99
N ASN C 53 -18.05 -29.08 19.19
CA ASN C 53 -18.49 -28.01 18.30
C ASN C 53 -19.55 -27.16 18.99
N SER C 54 -19.58 -25.86 18.67
CA SER C 54 -20.60 -24.98 19.23
C SER C 54 -20.72 -23.70 18.41
N GLU C 55 -21.75 -22.90 18.75
CA GLU C 55 -21.99 -21.64 18.07
C GLU C 55 -20.98 -20.56 18.46
N LEU C 56 -20.25 -20.74 19.56
CA LEU C 56 -19.36 -19.70 20.04
C LEU C 56 -17.94 -19.87 19.52
N PHE C 57 -17.66 -20.95 18.78
CA PHE C 57 -16.34 -21.21 18.24
C PHE C 57 -16.44 -21.64 16.77
N THR C 58 -15.39 -21.36 16.00
CA THR C 58 -15.45 -21.53 14.56
C THR C 58 -15.41 -23.00 14.16
N ASP C 59 -16.12 -23.31 13.07
CA ASP C 59 -16.03 -24.64 12.45
C ASP C 59 -14.60 -24.95 12.01
N GLU C 60 -13.81 -23.92 11.65
CA GLU C 60 -12.44 -24.18 11.21
C GLU C 60 -11.61 -24.76 12.35
N GLU C 61 -11.73 -24.20 13.56
CA GLU C 61 -10.99 -24.78 14.66
C GLU C 61 -11.52 -26.17 15.00
N PHE C 62 -12.83 -26.39 14.86
CA PHE C 62 -13.37 -27.74 15.07
C PHE C 62 -12.80 -28.70 14.04
N ASP C 63 -12.80 -28.31 12.76
CA ASP C 63 -12.30 -29.21 11.73
C ASP C 63 -10.82 -29.51 11.94
N LYS C 64 -10.04 -28.50 12.33
CA LYS C 64 -8.61 -28.72 12.57
C LYS C 64 -8.39 -29.70 13.71
N ALA C 65 -9.12 -29.54 14.83
CA ALA C 65 -8.92 -30.43 15.97
C ALA C 65 -9.32 -31.86 15.62
N MET C 66 -10.43 -32.03 14.90
CA MET C 66 -10.82 -33.37 14.47
C MET C 66 -9.73 -34.01 13.61
N SER C 67 -9.12 -33.24 12.69
CA SER C 67 -8.06 -33.78 11.85
C SER C 67 -6.82 -34.10 12.68
N LEU C 68 -6.50 -33.26 13.66
CA LEU C 68 -5.28 -33.45 14.45
C LEU C 68 -5.38 -34.70 15.31
N ALA C 69 -6.54 -34.94 15.90
CA ALA C 69 -6.71 -36.12 16.75
C ALA C 69 -6.56 -37.39 15.93
N GLU C 70 -7.13 -37.41 14.72
CA GLU C 70 -6.97 -38.55 13.83
C GLU C 70 -5.52 -38.75 13.39
N GLU C 71 -4.83 -37.65 13.05
CA GLU C 71 -3.42 -37.76 12.69
C GLU C 71 -2.58 -38.32 13.84
N LEU C 72 -2.97 -38.03 15.09
CA LEU C 72 -2.24 -38.65 16.19
C LEU C 72 -2.52 -40.12 16.32
N GLY C 73 -3.53 -40.65 15.64
CA GLY C 73 -3.87 -42.05 15.77
C GLY C 73 -4.98 -42.33 16.75
N ALA C 74 -5.79 -41.33 17.10
CA ALA C 74 -6.90 -41.53 18.03
C ALA C 74 -8.22 -41.75 17.30
N ASN C 75 -9.07 -42.57 17.91
CA ASN C 75 -10.47 -42.59 17.54
C ASN C 75 -11.10 -41.31 18.08
N VAL C 76 -11.74 -40.54 17.21
CA VAL C 76 -12.18 -39.19 17.58
C VAL C 76 -13.66 -39.06 17.29
N GLN C 77 -14.38 -38.36 18.16
CA GLN C 77 -15.82 -38.17 18.04
C GLN C 77 -16.13 -36.69 18.23
N GLY C 78 -16.87 -36.11 17.30
CA GLY C 78 -17.32 -34.74 17.46
C GLY C 78 -18.64 -34.72 18.23
N THR C 79 -18.82 -33.68 19.05
CA THR C 79 -20.09 -33.48 19.74
C THR C 79 -20.47 -32.00 19.68
N THR C 80 -21.76 -31.70 19.53
CA THR C 80 -22.20 -30.32 19.40
C THR C 80 -22.94 -29.89 20.65
N LEU C 81 -22.50 -28.78 21.23
CA LEU C 81 -23.13 -28.19 22.41
C LEU C 81 -23.99 -27.01 21.98
N ASP C 82 -25.11 -26.82 22.67
CA ASP C 82 -26.06 -25.74 22.42
C ASP C 82 -25.94 -24.73 23.56
N TYR C 83 -24.86 -23.95 23.52
CA TYR C 83 -24.56 -23.01 24.59
C TYR C 83 -25.65 -21.96 24.74
N LEU C 84 -26.25 -21.53 23.63
CA LEU C 84 -27.26 -20.47 23.70
C LEU C 84 -28.54 -20.92 24.39
N SER C 85 -28.68 -22.20 24.73
CA SER C 85 -29.81 -22.63 25.52
C SER C 85 -29.68 -22.25 26.99
N ASP C 86 -28.49 -21.88 27.46
CA ASP C 86 -28.29 -21.44 28.84
C ASP C 86 -28.40 -19.92 28.91
N ASP C 87 -29.32 -19.42 29.76
CA ASP C 87 -29.57 -17.99 29.82
C ASP C 87 -28.34 -17.20 30.28
N HIS C 88 -27.47 -17.81 31.10
CA HIS C 88 -26.27 -17.09 31.51
C HIS C 88 -25.36 -16.84 30.33
N ILE C 89 -25.23 -17.82 29.44
CA ILE C 89 -24.39 -17.64 28.26
C ILE C 89 -25.04 -16.68 27.27
N LYS C 90 -26.34 -16.85 27.03
CA LYS C 90 -27.08 -16.00 26.09
C LYS C 90 -27.02 -14.53 26.50
N ASN C 91 -27.04 -14.23 27.79
CA ASN C 91 -27.04 -12.85 28.25
C ASN C 91 -25.65 -12.25 28.41
N ASN C 92 -24.61 -13.02 28.13
CA ASN C 92 -23.22 -12.56 28.04
C ASN C 92 -22.82 -11.74 29.27
N THR C 93 -22.84 -12.39 30.42
CA THR C 93 -22.37 -11.87 31.69
C THR C 93 -20.99 -12.40 32.01
N PRO C 94 -20.31 -11.83 33.00
CA PRO C 94 -19.00 -12.37 33.39
C PRO C 94 -19.00 -13.81 33.89
N ASP C 95 -20.13 -14.39 34.30
CA ASP C 95 -20.09 -15.80 34.69
C ASP C 95 -20.50 -16.74 33.55
N SER C 96 -20.73 -16.22 32.33
CA SER C 96 -21.18 -17.08 31.24
C SER C 96 -20.21 -18.22 30.98
N TRP C 97 -18.92 -17.94 31.03
CA TRP C 97 -17.91 -18.97 30.77
C TRP C 97 -18.08 -20.15 31.70
N TYR C 98 -18.42 -19.91 32.96
CA TYR C 98 -18.58 -21.01 33.90
C TYR C 98 -19.74 -21.90 33.49
N TYR C 99 -20.86 -21.29 33.08
CA TYR C 99 -22.01 -22.11 32.70
C TYR C 99 -21.76 -22.87 31.42
N ALA C 100 -20.96 -22.31 30.51
CA ALA C 100 -20.51 -23.05 29.34
C ALA C 100 -19.64 -24.25 29.75
N LYS C 101 -18.71 -24.03 30.68
CA LYS C 101 -17.88 -25.14 31.12
C LYS C 101 -18.74 -26.24 31.74
N LYS C 102 -19.81 -25.86 32.43
CA LYS C 102 -20.67 -26.85 33.06
C LYS C 102 -21.36 -27.72 32.00
N MET C 103 -21.90 -27.09 30.96
CA MET C 103 -22.55 -27.85 29.90
C MET C 103 -21.53 -28.68 29.12
N PHE C 104 -20.33 -28.13 28.89
CA PHE C 104 -19.26 -28.86 28.25
C PHE C 104 -18.94 -30.15 29.03
N TYR C 105 -18.64 -30.03 30.33
CA TYR C 105 -18.22 -31.22 31.08
C TYR C 105 -19.39 -32.17 31.31
N SER C 106 -20.60 -31.65 31.40
CA SER C 106 -21.76 -32.52 31.53
C SER C 106 -21.94 -33.38 30.28
N ARG C 107 -21.75 -32.78 29.10
CA ARG C 107 -21.79 -33.58 27.89
C ARG C 107 -20.68 -34.63 27.88
N LEU C 108 -19.45 -34.24 28.26
CA LEU C 108 -18.34 -35.18 28.24
C LEU C 108 -18.58 -36.35 29.22
N ASN C 109 -19.20 -36.06 30.36
CA ASN C 109 -19.53 -37.14 31.29
C ASN C 109 -20.49 -38.13 30.66
N ASP C 110 -21.51 -37.63 29.92
CA ASP C 110 -22.46 -38.54 29.28
C ASP C 110 -21.75 -39.45 28.27
N ILE C 111 -20.84 -38.88 27.49
CA ILE C 111 -20.08 -39.66 26.52
C ILE C 111 -19.24 -40.71 27.25
N ALA C 112 -18.59 -40.30 28.33
CA ALA C 112 -17.75 -41.24 29.06
C ALA C 112 -18.57 -42.35 29.69
N ALA C 113 -19.73 -42.02 30.26
CA ALA C 113 -20.56 -43.08 30.81
C ALA C 113 -20.99 -44.05 29.72
N ASN C 114 -21.27 -43.54 28.52
CA ASN C 114 -21.78 -44.41 27.47
C ASN C 114 -20.70 -45.28 26.84
N ASN C 115 -19.42 -44.88 26.89
CA ASN C 115 -18.37 -45.71 26.32
C ASN C 115 -17.53 -46.44 27.36
N GLY C 116 -17.90 -46.36 28.64
CA GLY C 116 -17.18 -47.10 29.67
C GLY C 116 -15.87 -46.49 30.12
N SER C 117 -15.63 -45.20 29.84
CA SER C 117 -14.41 -44.58 30.31
C SER C 117 -14.46 -44.39 31.83
N ALA C 118 -13.29 -44.50 32.46
CA ALA C 118 -13.25 -44.25 33.90
C ALA C 118 -13.13 -42.77 34.22
N ALA C 119 -12.76 -41.92 33.24
CA ALA C 119 -12.65 -40.51 33.55
C ALA C 119 -12.68 -39.67 32.28
N VAL C 120 -13.08 -38.40 32.44
CA VAL C 120 -12.84 -37.36 31.45
C VAL C 120 -11.52 -36.68 31.76
N LEU C 121 -10.68 -36.56 30.74
CA LEU C 121 -9.41 -35.86 30.87
C LEU C 121 -9.45 -34.59 30.04
N ASP C 122 -8.88 -33.51 30.59
CA ASP C 122 -8.70 -32.29 29.82
C ASP C 122 -7.23 -31.90 29.87
N GLY C 123 -6.88 -30.81 29.19
CA GLY C 123 -5.48 -30.43 29.09
C GLY C 123 -5.01 -29.34 30.04
N MET C 124 -5.66 -29.16 31.18
CA MET C 124 -5.28 -28.09 32.08
C MET C 124 -3.93 -28.35 32.76
N ILE C 125 -3.15 -27.29 32.93
CA ILE C 125 -1.84 -27.40 33.54
C ILE C 125 -1.76 -26.48 34.75
N LYS C 126 -0.57 -26.35 35.34
CA LYS C 126 -0.35 -25.46 36.47
C LYS C 126 0.26 -24.14 36.02
N ASN C 127 0.34 -23.19 36.95
CA ASN C 127 0.81 -21.82 36.66
C ASN C 127 1.60 -21.20 37.81
N GLY C 135 -11.27 -20.33 36.97
CA GLY C 135 -12.53 -20.93 36.59
C GLY C 135 -12.43 -22.42 36.27
N LEU C 136 -12.09 -23.22 37.29
CA LEU C 136 -12.03 -24.68 37.19
C LEU C 136 -13.00 -25.36 38.15
N LYS C 137 -13.90 -24.61 38.79
CA LYS C 137 -14.94 -25.21 39.63
C LYS C 137 -15.78 -26.19 38.83
N ALA C 138 -16.21 -25.78 37.64
CA ALA C 138 -17.04 -26.64 36.80
C ALA C 138 -16.36 -27.97 36.50
N ARG C 139 -15.05 -27.93 36.22
CA ARG C 139 -14.29 -29.17 36.02
C ARG C 139 -14.31 -30.03 37.28
N SER C 140 -14.04 -29.42 38.44
CA SER C 140 -14.01 -30.18 39.68
C SER C 140 -15.39 -30.70 40.03
N GLU C 141 -16.40 -29.84 39.99
CA GLU C 141 -17.78 -30.27 40.24
C GLU C 141 -18.17 -31.46 39.38
N ALA C 142 -17.66 -31.52 38.15
CA ALA C 142 -18.01 -32.59 37.22
C ALA C 142 -17.15 -33.84 37.40
N GLY C 143 -16.12 -33.79 38.25
CA GLY C 143 -15.22 -34.93 38.43
C GLY C 143 -14.28 -35.19 37.27
N ALA C 144 -14.01 -34.18 36.43
CA ALA C 144 -13.03 -34.31 35.35
C ALA C 144 -11.61 -34.15 35.92
N ARG C 145 -10.66 -34.87 35.32
CA ARG C 145 -9.27 -34.91 35.78
C ARG C 145 -8.37 -34.15 34.81
N SER C 146 -7.50 -33.31 35.37
CA SER C 146 -6.42 -32.63 34.64
C SER C 146 -5.11 -33.27 35.07
N LEU C 147 -4.70 -34.35 34.39
CA LEU C 147 -3.53 -35.09 34.85
C LEU C 147 -2.24 -34.31 34.66
N LEU C 148 -2.19 -33.40 33.67
CA LEU C 148 -0.98 -32.59 33.55
C LEU C 148 -0.82 -31.69 34.77
N GLN C 149 -1.92 -31.12 35.25
CA GLN C 149 -1.86 -30.28 36.44
C GLN C 149 -1.53 -31.11 37.67
N GLU C 150 -2.13 -32.30 37.80
CA GLU C 150 -1.86 -33.17 38.94
C GLU C 150 -0.40 -33.57 39.02
N ALA C 151 0.25 -33.78 37.89
CA ALA C 151 1.65 -34.20 37.82
C ALA C 151 2.64 -33.02 37.84
N ASP C 152 2.19 -31.81 38.17
CA ASP C 152 3.04 -30.61 38.30
C ASP C 152 3.63 -30.17 36.96
N PHE C 153 2.91 -30.35 35.85
CA PHE C 153 3.36 -29.87 34.55
C PHE C 153 3.11 -28.37 34.44
N PHE C 154 4.17 -27.60 34.20
CA PHE C 154 4.05 -26.23 33.69
C PHE C 154 4.23 -26.22 32.18
N LYS C 155 4.01 -25.04 31.58
CA LYS C 155 4.06 -24.96 30.11
C LYS C 155 5.43 -25.37 29.58
N THR C 156 6.51 -25.07 30.33
CA THR C 156 7.82 -25.56 29.88
C THR C 156 7.92 -27.08 29.96
N ASP C 157 7.28 -27.73 30.94
CA ASP C 157 7.33 -29.19 30.98
C ASP C 157 6.51 -29.79 29.84
N VAL C 158 5.40 -29.13 29.50
CA VAL C 158 4.60 -29.55 28.35
C VAL C 158 5.46 -29.53 27.09
N ARG C 159 6.17 -28.42 26.83
CA ARG C 159 7.02 -28.35 25.65
C ARG C 159 8.07 -29.44 25.65
N ALA C 160 8.70 -29.69 26.81
CA ALA C 160 9.77 -30.69 26.86
C ALA C 160 9.24 -32.09 26.58
N LEU C 161 8.12 -32.48 27.19
CA LEU C 161 7.61 -33.82 26.93
C LEU C 161 7.11 -33.94 25.50
N ALA C 162 6.50 -32.87 24.97
CA ALA C 162 6.07 -32.85 23.57
C ALA C 162 7.25 -33.10 22.64
N GLN C 163 8.37 -32.42 22.90
CA GLN C 163 9.57 -32.65 22.11
C GLN C 163 10.04 -34.10 22.23
N GLU C 164 10.04 -34.64 23.45
CA GLU C 164 10.51 -36.01 23.65
C GLU C 164 9.62 -37.00 22.91
N LEU C 165 8.32 -36.73 22.85
CA LEU C 165 7.40 -37.60 22.12
C LEU C 165 7.37 -37.33 20.63
N GLY C 166 8.10 -36.34 20.14
CA GLY C 166 8.07 -36.06 18.72
C GLY C 166 6.83 -35.34 18.25
N LEU C 167 6.06 -34.75 19.15
CA LEU C 167 4.91 -33.96 18.75
C LEU C 167 5.41 -32.60 18.26
N THR C 168 5.14 -32.27 17.00
CA THR C 168 5.48 -30.99 16.40
C THR C 168 4.28 -30.23 15.86
N ASN C 169 3.11 -30.85 15.79
CA ASN C 169 1.96 -30.26 15.14
C ASN C 169 0.83 -30.07 16.14
N TRP C 170 0.39 -28.84 16.31
CA TRP C 170 -0.79 -28.57 17.12
C TRP C 170 -1.31 -27.22 16.69
N ASN C 171 -2.48 -26.86 17.20
CA ASN C 171 -3.06 -25.58 16.81
C ASN C 171 -2.45 -24.51 17.72
N LYS C 172 -1.58 -23.68 17.13
CA LYS C 172 -0.91 -22.62 17.87
C LYS C 172 -1.75 -21.36 18.04
N VAL C 173 -2.79 -21.18 17.23
CA VAL C 173 -3.60 -19.96 17.34
C VAL C 173 -4.90 -20.32 18.03
N ALA C 174 -4.87 -20.27 19.36
CA ALA C 174 -5.98 -20.72 20.20
C ALA C 174 -7.18 -19.79 20.04
N SER C 175 -8.32 -20.38 19.67
CA SER C 175 -9.53 -19.61 19.45
C SER C 175 -10.16 -19.18 20.78
N CYS C 176 -10.80 -18.01 20.75
N CYS C 176 -10.81 -18.02 20.74
CA CYS C 176 -11.54 -17.45 21.87
CA CYS C 176 -11.54 -17.49 21.89
C CYS C 176 -13.03 -17.42 21.52
C CYS C 176 -13.02 -17.39 21.52
N SER C 177 -13.86 -17.34 22.55
CA SER C 177 -15.30 -17.35 22.32
C SER C 177 -15.75 -16.07 21.62
N VAL C 178 -16.62 -16.23 20.61
CA VAL C 178 -17.20 -15.09 19.90
C VAL C 178 -17.93 -14.14 20.84
N SER C 179 -18.26 -14.59 22.05
CA SER C 179 -18.94 -13.69 22.99
C SER C 179 -18.13 -12.43 23.24
N SER C 180 -16.79 -12.51 23.13
CA SER C 180 -15.93 -11.36 23.36
C SER C 180 -16.11 -10.25 22.33
N ARG C 181 -16.83 -10.52 21.24
CA ARG C 181 -17.09 -9.52 20.22
C ARG C 181 -18.28 -8.65 20.58
N PHE C 182 -18.99 -8.97 21.66
CA PHE C 182 -20.19 -8.27 22.07
C PHE C 182 -19.97 -7.62 23.44
N PRO C 183 -20.36 -6.36 23.63
CA PRO C 183 -20.23 -5.74 24.97
C PRO C 183 -21.06 -6.50 26.00
N TYR C 184 -20.59 -6.50 27.25
CA TYR C 184 -21.37 -7.13 28.32
C TYR C 184 -22.79 -6.62 28.34
N GLY C 185 -23.72 -7.53 28.59
CA GLY C 185 -25.13 -7.20 28.60
C GLY C 185 -25.78 -7.23 27.24
N THR C 186 -25.01 -7.32 26.15
CA THR C 186 -25.63 -7.50 24.85
C THR C 186 -26.08 -8.94 24.75
N THR C 187 -27.30 -9.14 24.28
CA THR C 187 -27.86 -10.47 24.18
C THR C 187 -27.31 -11.14 22.94
N LEU C 188 -26.71 -12.33 23.13
CA LEU C 188 -26.28 -13.08 21.97
C LEU C 188 -27.50 -13.71 21.32
N THR C 189 -27.55 -13.64 20.00
CA THR C 189 -28.60 -14.28 19.22
C THR C 189 -27.93 -15.10 18.14
N HIS C 190 -28.68 -16.04 17.59
CA HIS C 190 -28.15 -16.80 16.48
C HIS C 190 -27.75 -15.89 15.34
N ASP C 191 -28.57 -14.87 15.08
CA ASP C 191 -28.33 -13.98 13.94
C ASP C 191 -27.07 -13.18 14.12
N ASN C 192 -26.92 -12.52 15.28
CA ASN C 192 -25.76 -11.64 15.38
C ASN C 192 -24.47 -12.45 15.55
N ILE C 193 -24.56 -13.66 16.12
CA ILE C 193 -23.39 -14.55 16.16
C ILE C 193 -22.96 -14.93 14.75
N ALA C 194 -23.90 -15.40 13.93
CA ALA C 194 -23.56 -15.82 12.57
C ALA C 194 -23.00 -14.64 11.78
N GLN C 195 -23.50 -13.44 12.05
CA GLN C 195 -23.02 -12.25 11.38
C GLN C 195 -21.55 -12.00 11.71
N VAL C 196 -21.20 -12.10 12.99
CA VAL C 196 -19.81 -11.90 13.40
C VAL C 196 -18.95 -13.04 12.89
N MET C 197 -19.41 -14.28 13.04
CA MET C 197 -18.61 -15.42 12.62
C MET C 197 -18.33 -15.39 11.12
N ALA C 198 -19.34 -15.08 10.31
CA ALA C 198 -19.11 -14.99 8.86
C ALA C 198 -18.19 -13.83 8.50
N ALA C 199 -18.31 -12.69 9.21
CA ALA C 199 -17.43 -11.57 8.91
C ALA C 199 -15.97 -11.91 9.20
N GLU C 200 -15.71 -12.54 10.34
CA GLU C 200 -14.34 -12.91 10.71
C GLU C 200 -13.81 -14.01 9.81
N LYS C 201 -14.66 -14.96 9.42
CA LYS C 201 -14.22 -16.00 8.50
C LYS C 201 -13.77 -15.41 7.18
N TYR C 202 -14.53 -14.43 6.66
CA TYR C 202 -14.13 -13.79 5.43
C TYR C 202 -12.77 -13.08 5.58
N LEU C 203 -12.58 -12.34 6.68
CA LEU C 203 -11.33 -11.59 6.89
C LEU C 203 -10.14 -12.53 7.03
N ARG C 204 -10.31 -13.66 7.72
CA ARG C 204 -9.22 -14.62 7.80
C ARG C 204 -8.88 -15.14 6.41
N SER C 205 -9.90 -15.34 5.56
CA SER C 205 -9.66 -15.88 4.24
C SER C 205 -8.85 -14.92 3.37
N LEU C 206 -8.77 -13.65 3.75
CA LEU C 206 -7.95 -12.69 3.03
C LEU C 206 -6.48 -12.72 3.44
N GLY C 207 -6.12 -13.48 4.47
CA GLY C 207 -4.74 -13.55 4.93
C GLY C 207 -4.47 -12.85 6.26
N PHE C 208 -5.49 -12.62 7.09
CA PHE C 208 -5.35 -11.99 8.40
C PHE C 208 -5.86 -12.97 9.46
N PRO C 209 -5.00 -13.89 9.93
CA PRO C 209 -5.47 -14.89 10.92
C PRO C 209 -5.80 -14.31 12.28
N THR C 210 -5.30 -13.12 12.60
CA THR C 210 -5.60 -12.46 13.87
C THR C 210 -6.48 -11.25 13.55
N VAL C 211 -7.75 -11.34 13.93
CA VAL C 211 -8.72 -10.31 13.58
C VAL C 211 -9.90 -10.43 14.54
N ARG C 212 -10.56 -9.31 14.81
CA ARG C 212 -11.82 -9.29 15.54
C ARG C 212 -12.79 -8.40 14.78
N VAL C 213 -14.04 -8.86 14.67
CA VAL C 213 -15.13 -8.01 14.19
C VAL C 213 -15.96 -7.67 15.42
N ARG C 214 -15.76 -6.49 15.97
CA ARG C 214 -16.49 -6.11 17.15
C ARG C 214 -17.87 -5.59 16.78
N PHE C 215 -18.87 -6.06 17.51
CA PHE C 215 -20.28 -5.82 17.19
C PHE C 215 -20.73 -4.57 17.92
N HIS C 216 -21.12 -3.56 17.17
CA HIS C 216 -21.72 -2.34 17.72
C HIS C 216 -23.04 -2.09 17.00
N ASN C 217 -23.91 -3.10 17.10
CA ASN C 217 -25.20 -3.10 16.43
C ASN C 217 -25.08 -2.94 14.92
N ASP C 218 -25.43 -1.76 14.38
CA ASP C 218 -25.34 -1.56 12.94
C ASP C 218 -23.91 -1.23 12.47
N ILE C 219 -22.96 -1.09 13.40
CA ILE C 219 -21.58 -0.79 13.05
C ILE C 219 -20.74 -2.01 13.37
N ALA C 220 -19.95 -2.45 12.40
CA ALA C 220 -18.88 -3.40 12.64
C ALA C 220 -17.57 -2.62 12.81
N ARG C 221 -16.81 -2.96 13.85
CA ARG C 221 -15.54 -2.30 14.13
C ARG C 221 -14.46 -3.37 14.06
N ILE C 222 -13.67 -3.33 12.98
CA ILE C 222 -12.66 -4.35 12.70
C ILE C 222 -11.37 -3.98 13.42
N GLU C 223 -10.85 -4.93 14.19
CA GLU C 223 -9.56 -4.80 14.86
C GLU C 223 -8.57 -5.70 14.14
N LEU C 224 -7.48 -5.12 13.65
CA LEU C 224 -6.34 -5.82 13.06
C LEU C 224 -5.06 -5.44 13.79
N PRO C 225 -4.07 -6.34 13.88
CA PRO C 225 -2.75 -5.92 14.36
C PRO C 225 -2.26 -4.76 13.49
N GLU C 226 -1.67 -3.76 14.16
CA GLU C 226 -1.35 -2.52 13.46
C GLU C 226 -0.36 -2.77 12.33
N ALA C 227 0.56 -3.72 12.49
CA ALA C 227 1.56 -3.99 11.46
C ALA C 227 0.95 -4.61 10.21
N ARG C 228 -0.31 -5.00 10.24
CA ARG C 228 -1.02 -5.55 9.08
C ARG C 228 -1.94 -4.57 8.37
N ILE C 229 -2.19 -3.37 8.91
CA ILE C 229 -3.24 -2.52 8.35
C ILE C 229 -2.86 -2.03 6.96
N GLY C 230 -1.60 -1.72 6.73
CA GLY C 230 -1.17 -1.33 5.39
C GLY C 230 -1.50 -2.38 4.33
N ASP C 231 -1.35 -3.65 4.69
CA ASP C 231 -1.68 -4.74 3.76
C ASP C 231 -3.16 -4.78 3.44
N PHE C 232 -4.00 -4.24 4.32
CA PHE C 232 -5.45 -4.40 4.22
C PHE C 232 -6.08 -3.55 3.11
N LEU C 233 -5.41 -2.46 2.72
CA LEU C 233 -6.02 -1.44 1.85
C LEU C 233 -6.61 -2.03 0.58
N VAL C 234 -5.93 -3.00 -0.03
CA VAL C 234 -6.42 -3.60 -1.25
C VAL C 234 -7.78 -4.31 -1.07
N PHE C 235 -8.17 -4.60 0.17
CA PHE C 235 -9.41 -5.32 0.44
C PHE C 235 -10.54 -4.42 0.92
N ASN C 236 -10.30 -3.11 1.07
CA ASN C 236 -11.30 -2.21 1.70
C ASN C 236 -12.69 -2.39 1.12
N ASP C 237 -12.82 -2.25 -0.20
CA ASP C 237 -14.15 -2.25 -0.81
C ASP C 237 -14.81 -3.63 -0.70
N ARG C 238 -14.05 -4.70 -0.90
CA ARG C 238 -14.66 -6.02 -0.80
C ARG C 238 -15.11 -6.31 0.63
N VAL C 239 -14.33 -5.89 1.62
CA VAL C 239 -14.69 -6.11 3.01
C VAL C 239 -15.88 -5.24 3.39
N ASN C 240 -15.89 -3.99 2.94
CA ASN C 240 -17.04 -3.10 3.13
C ASN C 240 -18.33 -3.73 2.60
N ARG C 241 -18.31 -4.20 1.35
CA ARG C 241 -19.54 -4.73 0.75
C ARG C 241 -19.88 -6.10 1.29
N GLN C 242 -18.88 -6.97 1.51
CA GLN C 242 -19.16 -8.28 2.11
C GLN C 242 -19.87 -8.13 3.45
N LEU C 243 -19.36 -7.27 4.32
CA LEU C 243 -19.93 -7.21 5.65
C LEU C 243 -21.28 -6.49 5.65
N GLN C 244 -21.52 -5.55 4.72
CA GLN C 244 -22.86 -4.99 4.59
C GLN C 244 -23.84 -6.06 4.11
N SER C 245 -23.39 -6.95 3.23
CA SER C 245 -24.28 -8.03 2.82
C SER C 245 -24.58 -8.98 3.99
N LEU C 246 -23.71 -9.03 4.99
CA LEU C 246 -23.99 -9.80 6.19
C LEU C 246 -24.92 -9.06 7.14
N GLY C 247 -25.25 -7.81 6.87
CA GLY C 247 -26.25 -7.07 7.61
C GLY C 247 -25.76 -5.80 8.28
N PHE C 248 -24.47 -5.52 8.32
CA PHE C 248 -24.01 -4.28 8.95
C PHE C 248 -24.36 -3.08 8.09
N ARG C 249 -24.66 -1.96 8.75
CA ARG C 249 -24.85 -0.72 7.99
C ARG C 249 -23.52 -0.04 7.68
N TYR C 250 -22.59 -0.03 8.65
CA TYR C 250 -21.30 0.62 8.51
C TYR C 250 -20.17 -0.34 8.86
N VAL C 251 -19.13 -0.34 8.03
CA VAL C 251 -17.99 -1.24 8.19
C VAL C 251 -16.76 -0.37 8.41
N THR C 252 -16.15 -0.49 9.58
CA THR C 252 -15.08 0.43 9.96
C THR C 252 -13.86 -0.34 10.44
N LEU C 253 -12.71 0.32 10.38
CA LEU C 253 -11.44 -0.21 10.86
C LEU C 253 -11.01 0.63 12.06
N ASP C 254 -10.78 -0.04 13.20
CA ASP C 254 -10.34 0.63 14.42
C ASP C 254 -8.92 1.15 14.23
N LEU C 255 -8.73 2.46 14.40
CA LEU C 255 -7.41 3.03 14.20
C LEU C 255 -6.45 2.61 15.29
N GLY C 256 -6.97 2.19 16.44
CA GLY C 256 -6.15 1.69 17.53
C GLY C 256 -5.62 0.29 17.34
N GLY C 257 -6.11 -0.46 16.34
CA GLY C 257 -5.61 -1.80 16.12
C GLY C 257 -6.19 -2.89 17.03
N PHE C 258 -5.56 -4.05 16.97
CA PHE C 258 -6.09 -5.25 17.60
C PHE C 258 -6.07 -5.10 19.12
N ARG C 259 -7.25 -5.30 19.72
CA ARG C 259 -7.48 -5.12 21.16
C ARG C 259 -7.17 -3.69 21.57
N SER C 260 -7.60 -2.74 20.71
CA SER C 260 -7.39 -1.33 20.96
C SER C 260 -8.01 -0.90 22.28
N GLY C 261 -9.22 -1.37 22.57
CA GLY C 261 -9.92 -0.94 23.75
C GLY C 261 -9.47 -1.66 25.01
N ARG C 262 -10.21 -2.72 25.36
CA ARG C 262 -10.05 -3.40 26.63
C ARG C 262 -10.32 -2.45 27.79
N MET C 263 -10.73 -1.22 27.48
CA MET C 263 -10.91 -0.18 28.48
C MET C 263 -12.00 0.80 28.10
N ALA D 2 -12.37 46.96 3.10
CA ALA D 2 -11.20 46.73 2.26
C ALA D 2 -11.58 45.98 0.99
N THR D 3 -12.39 46.62 0.14
CA THR D 3 -12.74 46.02 -1.14
C THR D 3 -11.50 45.88 -2.02
N LEU D 4 -11.58 44.96 -2.98
CA LEU D 4 -10.50 44.81 -3.95
C LEU D 4 -10.19 46.13 -4.66
N ALA D 5 -11.23 46.91 -4.97
CA ALA D 5 -11.04 48.18 -5.65
C ALA D 5 -10.23 49.16 -4.79
N THR D 6 -10.51 49.23 -3.49
CA THR D 6 -9.75 50.11 -2.61
C THR D 6 -8.30 49.66 -2.53
N LYS D 7 -8.06 48.36 -2.40
CA LYS D 7 -6.69 47.86 -2.31
C LYS D 7 -5.92 48.09 -3.61
N LYS D 8 -6.54 47.83 -4.76
CA LYS D 8 -5.88 48.11 -6.03
C LYS D 8 -5.61 49.60 -6.20
N ALA D 9 -6.62 50.43 -5.91
CA ALA D 9 -6.45 51.87 -6.07
C ALA D 9 -5.39 52.41 -5.12
N THR D 10 -5.33 51.86 -3.90
CA THR D 10 -4.28 52.26 -2.97
C THR D 10 -2.91 51.99 -3.55
N LEU D 11 -2.72 50.80 -4.14
CA LEU D 11 -1.44 50.45 -4.75
C LEU D 11 -1.17 51.29 -6.01
N VAL D 12 -2.21 51.52 -6.83
CA VAL D 12 -2.05 52.33 -8.04
C VAL D 12 -1.54 53.72 -7.70
N ALA D 13 -2.11 54.35 -6.67
CA ALA D 13 -1.67 55.69 -6.30
C ALA D 13 -0.25 55.68 -5.76
N ALA D 14 0.13 54.63 -5.00
CA ALA D 14 1.47 54.56 -4.45
C ALA D 14 2.52 54.41 -5.55
N LEU D 15 2.26 53.55 -6.54
CA LEU D 15 3.19 53.42 -7.67
C LEU D 15 3.28 54.71 -8.44
N LYS D 16 2.14 55.33 -8.74
CA LYS D 16 2.13 56.59 -9.49
C LYS D 16 3.00 57.64 -8.80
N ASP D 17 2.92 57.72 -7.47
CA ASP D 17 3.73 58.68 -6.74
C ASP D 17 5.23 58.38 -6.91
N LEU D 18 5.61 57.10 -6.95
CA LEU D 18 7.04 56.78 -7.00
C LEU D 18 7.68 56.98 -8.38
N GLN D 19 6.89 57.16 -9.44
CA GLN D 19 7.40 57.49 -10.77
C GLN D 19 8.29 56.40 -11.40
N ARG D 20 9.45 56.09 -10.82
CA ARG D 20 10.41 55.16 -11.42
C ARG D 20 10.81 54.11 -10.39
N VAL D 21 10.70 52.83 -10.76
CA VAL D 21 10.89 51.76 -9.78
C VAL D 21 11.79 50.66 -10.33
N THR D 22 12.50 50.02 -9.39
CA THR D 22 13.17 48.76 -9.59
C THR D 22 12.44 47.72 -8.74
N VAL D 23 12.09 46.59 -9.33
CA VAL D 23 11.28 45.57 -8.67
C VAL D 23 12.17 44.38 -8.38
N ALA D 24 12.30 44.03 -7.10
CA ALA D 24 12.92 42.75 -6.75
C ALA D 24 11.93 41.67 -7.14
N PHE D 25 12.23 40.94 -8.20
CA PHE D 25 11.29 40.00 -8.79
C PHE D 25 11.81 38.58 -8.59
N SER D 26 11.05 37.75 -7.88
CA SER D 26 11.44 36.36 -7.62
C SER D 26 10.71 35.35 -8.48
N GLY D 27 9.65 35.76 -9.19
CA GLY D 27 8.82 34.84 -9.92
C GLY D 27 7.62 34.32 -9.14
N GLY D 28 7.53 34.62 -7.84
CA GLY D 28 6.33 34.28 -7.11
C GLY D 28 5.15 35.09 -7.60
N ILE D 29 3.94 34.63 -7.24
CA ILE D 29 2.73 35.31 -7.68
C ILE D 29 2.70 36.74 -7.14
N ASP D 30 3.28 36.95 -5.95
CA ASP D 30 3.25 38.27 -5.31
C ASP D 30 4.11 39.27 -6.07
N SER D 31 5.39 38.95 -6.31
CA SER D 31 6.22 39.88 -7.06
C SER D 31 5.78 39.95 -8.51
N THR D 32 5.14 38.88 -9.01
CA THR D 32 4.51 38.96 -10.32
C THR D 32 3.42 40.01 -10.32
N LEU D 33 2.64 40.08 -9.25
CA LEU D 33 1.59 41.09 -9.18
C LEU D 33 2.19 42.50 -9.13
N VAL D 34 3.22 42.71 -8.31
CA VAL D 34 3.84 44.04 -8.22
C VAL D 34 4.40 44.46 -9.57
N LEU D 35 5.09 43.55 -10.27
CA LEU D 35 5.71 43.90 -11.53
C LEU D 35 4.65 44.28 -12.57
N LYS D 36 3.61 43.45 -12.71
CA LYS D 36 2.56 43.73 -13.69
C LYS D 36 1.90 45.08 -13.41
N MET D 37 1.55 45.33 -12.14
CA MET D 37 0.94 46.61 -11.78
C MET D 37 1.87 47.78 -12.05
N ALA D 38 3.15 47.65 -11.67
CA ALA D 38 4.12 48.72 -11.90
C ALA D 38 4.25 49.04 -13.39
N LEU D 39 4.34 48.00 -14.23
CA LEU D 39 4.42 48.20 -15.67
C LEU D 39 3.18 48.91 -16.20
N ASP D 40 2.01 48.50 -15.72
CA ASP D 40 0.76 49.08 -16.21
C ASP D 40 0.62 50.53 -15.77
N VAL D 41 1.09 50.87 -14.58
CA VAL D 41 0.91 52.21 -14.05
C VAL D 41 2.01 53.15 -14.51
N LEU D 42 3.25 52.66 -14.61
CA LEU D 42 4.40 53.52 -14.88
C LEU D 42 4.96 53.39 -16.30
N GLY D 43 4.67 52.30 -17.00
CA GLY D 43 5.22 52.10 -18.34
C GLY D 43 6.49 51.28 -18.32
N ARG D 44 6.75 50.60 -19.45
CA ARG D 44 7.83 49.62 -19.51
C ARG D 44 9.20 50.25 -19.31
N ASP D 45 9.40 51.44 -19.86
CA ASP D 45 10.70 52.10 -19.81
C ASP D 45 11.01 52.76 -18.47
N ASN D 46 10.07 52.73 -17.51
CA ASN D 46 10.29 53.25 -16.17
C ASN D 46 10.33 52.16 -15.11
N VAL D 47 10.40 50.90 -15.51
CA VAL D 47 10.43 49.76 -14.60
C VAL D 47 11.58 48.86 -15.01
N THR D 48 12.40 48.47 -14.05
CA THR D 48 13.40 47.43 -14.26
C THR D 48 13.16 46.31 -13.27
N ALA D 49 12.96 45.10 -13.78
CA ALA D 49 12.87 43.92 -12.95
C ALA D 49 14.27 43.37 -12.76
N VAL D 50 14.60 43.05 -11.51
CA VAL D 50 15.90 42.48 -11.16
C VAL D 50 15.65 41.13 -10.51
N VAL D 51 16.26 40.09 -11.07
CA VAL D 51 16.21 38.76 -10.50
C VAL D 51 17.62 38.41 -10.06
N ALA D 52 17.78 38.05 -8.80
CA ALA D 52 19.09 37.73 -8.23
C ALA D 52 19.42 36.26 -8.47
N ASN D 53 20.59 36.02 -9.08
CA ASN D 53 21.19 34.68 -9.15
C ASN D 53 22.17 34.52 -7.99
N SER D 54 22.25 33.32 -7.44
CA SER D 54 23.14 33.05 -6.32
C SER D 54 23.34 31.55 -6.13
N GLU D 55 24.28 31.21 -5.25
CA GLU D 55 24.54 29.81 -4.95
C GLU D 55 23.53 29.20 -3.99
N LEU D 56 22.76 30.01 -3.28
CA LEU D 56 21.85 29.53 -2.25
C LEU D 56 20.47 29.20 -2.81
N PHE D 57 20.22 29.48 -4.08
CA PHE D 57 18.94 29.23 -4.74
C PHE D 57 19.19 28.56 -6.07
N THR D 58 18.20 27.81 -6.56
CA THR D 58 18.42 26.97 -7.73
C THR D 58 18.50 27.79 -9.01
N ASP D 59 19.35 27.32 -9.93
CA ASP D 59 19.41 27.88 -11.28
C ASP D 59 18.07 27.76 -11.97
N GLU D 60 17.28 26.73 -11.65
CA GLU D 60 15.97 26.59 -12.27
C GLU D 60 15.07 27.75 -11.88
N GLU D 61 15.11 28.16 -10.62
CA GLU D 61 14.29 29.27 -10.16
C GLU D 61 14.74 30.59 -10.76
N PHE D 62 16.04 30.79 -10.95
CA PHE D 62 16.53 32.00 -11.61
C PHE D 62 16.06 32.07 -13.06
N ASP D 63 16.19 30.98 -13.81
CA ASP D 63 15.80 30.96 -15.22
C ASP D 63 14.30 31.19 -15.38
N LYS D 64 13.49 30.57 -14.52
CA LYS D 64 12.05 30.74 -14.60
C LYS D 64 11.63 32.18 -14.31
N ALA D 65 12.20 32.79 -13.27
CA ALA D 65 11.86 34.16 -12.92
C ALA D 65 12.31 35.14 -14.00
N MET D 66 13.50 34.92 -14.56
CA MET D 66 13.93 35.75 -15.68
C MET D 66 12.95 35.65 -16.83
N SER D 67 12.55 34.41 -17.16
CA SER D 67 11.62 34.19 -18.26
C SER D 67 10.24 34.75 -17.93
N LEU D 68 9.81 34.64 -16.69
CA LEU D 68 8.45 35.10 -16.42
C LEU D 68 8.38 36.62 -16.53
N ALA D 69 9.37 37.34 -16.00
CA ALA D 69 9.33 38.80 -16.06
C ALA D 69 9.38 39.30 -17.50
N GLU D 70 10.22 38.70 -18.35
CA GLU D 70 10.23 39.05 -19.77
C GLU D 70 8.88 38.75 -20.40
N GLU D 71 8.24 37.65 -19.99
CA GLU D 71 6.93 37.27 -20.49
C GLU D 71 5.89 38.35 -20.20
N LEU D 72 5.97 38.99 -19.03
CA LEU D 72 5.06 40.07 -18.69
C LEU D 72 5.37 41.38 -19.39
N GLY D 73 6.53 41.50 -20.03
CA GLY D 73 6.86 42.72 -20.74
C GLY D 73 7.76 43.69 -20.01
N ALA D 74 8.51 43.25 -19.01
CA ALA D 74 9.41 44.13 -18.29
C ALA D 74 10.80 44.04 -18.91
N ASN D 75 11.53 45.16 -18.86
CA ASN D 75 12.97 45.07 -19.06
C ASN D 75 13.57 44.41 -17.82
N VAL D 76 14.30 43.31 -18.03
CA VAL D 76 14.70 42.45 -16.93
C VAL D 76 16.22 42.36 -16.89
N GLN D 77 16.75 42.42 -15.68
CA GLN D 77 18.18 42.44 -15.44
C GLN D 77 18.48 41.40 -14.38
N GLY D 78 19.37 40.48 -14.71
CA GLY D 78 19.88 39.54 -13.74
C GLY D 78 21.08 40.12 -13.03
N THR D 79 21.21 39.78 -11.76
CA THR D 79 22.34 40.19 -10.96
C THR D 79 22.83 38.99 -10.17
N THR D 80 24.14 38.88 -10.01
CA THR D 80 24.75 37.74 -9.34
C THR D 80 25.26 38.19 -7.98
N LEU D 81 24.76 37.55 -6.93
CA LEU D 81 25.27 37.79 -5.59
C LEU D 81 26.23 36.68 -5.22
N ASP D 82 27.31 37.03 -4.51
CA ASP D 82 28.31 36.07 -4.06
C ASP D 82 28.17 35.96 -2.55
N TYR D 83 27.14 35.22 -2.13
CA TYR D 83 26.79 35.11 -0.72
C TYR D 83 27.91 34.47 0.10
N LEU D 84 28.59 33.47 -0.48
CA LEU D 84 29.61 32.70 0.24
C LEU D 84 30.87 33.50 0.53
N SER D 85 31.01 34.71 -0.05
CA SER D 85 32.12 35.58 0.31
C SER D 85 31.93 36.27 1.64
N ASP D 86 30.74 36.17 2.24
CA ASP D 86 30.47 36.71 3.57
C ASP D 86 30.71 35.60 4.61
N ASP D 87 31.59 35.88 5.56
CA ASP D 87 32.01 34.85 6.51
C ASP D 87 30.85 34.33 7.34
N HIS D 88 29.86 35.17 7.61
CA HIS D 88 28.70 34.72 8.36
C HIS D 88 27.89 33.71 7.57
N ILE D 89 27.73 33.96 6.27
CA ILE D 89 26.99 33.06 5.40
C ILE D 89 27.79 31.79 5.15
N LYS D 90 29.10 31.95 4.90
CA LYS D 90 29.96 30.80 4.61
C LYS D 90 29.96 29.80 5.76
N ASN D 91 30.02 30.29 6.99
CA ASN D 91 30.08 29.43 8.17
C ASN D 91 28.71 29.10 8.73
N ASN D 92 27.65 29.56 8.06
CA ASN D 92 26.27 29.23 8.41
C ASN D 92 26.00 29.48 9.89
N THR D 93 26.08 30.76 10.26
CA THR D 93 25.72 31.12 11.62
C THR D 93 24.21 31.25 11.69
N PRO D 94 23.64 31.20 12.89
CA PRO D 94 22.20 31.46 13.01
C PRO D 94 21.81 32.86 12.59
N ASP D 95 22.80 33.76 12.51
CA ASP D 95 22.62 35.14 12.07
C ASP D 95 22.86 35.35 10.58
N SER D 96 23.21 34.29 9.84
CA SER D 96 23.60 34.45 8.43
C SER D 96 22.49 35.10 7.61
N TRP D 97 21.22 34.77 7.92
CA TRP D 97 20.09 35.34 7.19
C TRP D 97 20.19 36.87 7.11
N TYR D 98 20.66 37.51 8.19
CA TYR D 98 20.70 38.96 8.22
C TYR D 98 21.70 39.50 7.21
N TYR D 99 22.87 38.86 7.15
CA TYR D 99 23.92 39.30 6.25
C TYR D 99 23.58 39.02 4.79
N ALA D 100 22.84 37.94 4.52
CA ALA D 100 22.35 37.67 3.17
C ALA D 100 21.39 38.76 2.70
N LYS D 101 20.42 39.11 3.56
CA LYS D 101 19.51 40.19 3.20
C LYS D 101 20.27 41.48 2.99
N LYS D 102 21.35 41.68 3.74
CA LYS D 102 22.15 42.89 3.60
C LYS D 102 22.72 43.00 2.18
N MET D 103 23.37 41.93 1.71
CA MET D 103 23.95 42.00 0.37
C MET D 103 22.89 42.14 -0.69
N PHE D 104 21.78 41.40 -0.54
CA PHE D 104 20.70 41.49 -1.51
C PHE D 104 20.20 42.92 -1.65
N TYR D 105 19.81 43.56 -0.55
CA TYR D 105 19.25 44.91 -0.65
C TYR D 105 20.32 45.94 -0.98
N SER D 106 21.56 45.67 -0.63
CA SER D 106 22.64 46.56 -1.07
C SER D 106 22.81 46.50 -2.59
N ARG D 107 22.77 45.29 -3.17
CA ARG D 107 22.89 45.16 -4.62
C ARG D 107 21.73 45.82 -5.33
N LEU D 108 20.50 45.57 -4.86
CA LEU D 108 19.35 46.19 -5.51
C LEU D 108 19.34 47.69 -5.31
N ASN D 109 19.80 48.18 -4.15
CA ASN D 109 19.92 49.62 -3.95
C ASN D 109 20.93 50.22 -4.92
N ASP D 110 22.07 49.55 -5.13
CA ASP D 110 23.06 50.02 -6.09
C ASP D 110 22.49 50.03 -7.50
N ILE D 111 21.74 49.00 -7.88
CA ILE D 111 21.14 48.99 -9.21
C ILE D 111 20.14 50.12 -9.37
N ALA D 112 19.31 50.36 -8.34
CA ALA D 112 18.26 51.37 -8.42
C ALA D 112 18.83 52.79 -8.46
N ALA D 113 19.86 53.05 -7.67
CA ALA D 113 20.48 54.37 -7.69
C ALA D 113 21.08 54.67 -9.07
N ASN D 114 21.61 53.65 -9.73
CA ASN D 114 22.34 53.83 -10.99
C ASN D 114 21.40 54.04 -12.17
N ASN D 115 20.18 53.51 -12.12
CA ASN D 115 19.24 53.65 -13.23
C ASN D 115 18.13 54.67 -12.94
N GLY D 116 18.26 55.42 -11.85
CA GLY D 116 17.33 56.48 -11.54
C GLY D 116 16.03 56.07 -10.88
N SER D 117 15.97 54.86 -10.33
CA SER D 117 14.77 54.44 -9.63
C SER D 117 14.63 55.15 -8.29
N ALA D 118 13.39 55.43 -7.91
CA ALA D 118 13.10 56.06 -6.63
C ALA D 118 13.00 55.08 -5.47
N ALA D 119 12.81 53.79 -5.74
CA ALA D 119 12.73 52.81 -4.67
C ALA D 119 12.90 51.42 -5.24
N VAL D 120 13.33 50.51 -4.37
CA VAL D 120 13.27 49.08 -4.62
C VAL D 120 11.95 48.56 -4.08
N LEU D 121 11.23 47.78 -4.88
CA LEU D 121 9.96 47.19 -4.50
C LEU D 121 10.08 45.68 -4.39
N ASP D 122 9.44 45.09 -3.40
CA ASP D 122 9.36 43.65 -3.32
C ASP D 122 7.91 43.20 -3.18
N GLY D 123 7.72 41.88 -3.20
CA GLY D 123 6.40 41.30 -3.19
C GLY D 123 5.92 40.78 -1.85
N MET D 124 6.42 41.31 -0.74
CA MET D 124 5.94 40.82 0.54
C MET D 124 4.50 41.25 0.78
N ILE D 125 3.70 40.32 1.31
CA ILE D 125 2.27 40.55 1.54
C ILE D 125 1.92 40.27 3.00
N ALA D 144 13.04 49.97 0.40
CA ALA D 144 12.52 48.63 0.13
C ALA D 144 11.09 48.47 0.67
N ARG D 145 10.11 48.91 -0.11
CA ARG D 145 8.71 48.92 0.30
C ARG D 145 7.90 47.83 -0.41
N SER D 146 7.02 47.18 0.36
CA SER D 146 6.08 46.17 -0.15
C SER D 146 4.69 46.79 -0.26
N LEU D 147 4.39 47.37 -1.42
CA LEU D 147 3.13 48.08 -1.56
C LEU D 147 1.94 47.13 -1.48
N LEU D 148 2.13 45.84 -1.81
CA LEU D 148 1.06 44.87 -1.58
C LEU D 148 0.77 44.74 -0.09
N GLN D 149 1.81 44.75 0.75
CA GLN D 149 1.63 44.72 2.20
C GLN D 149 0.97 46.01 2.70
N GLU D 150 1.40 47.16 2.18
CA GLU D 150 0.81 48.43 2.57
C GLU D 150 -0.67 48.50 2.22
N ALA D 151 -1.06 47.89 1.10
CA ALA D 151 -2.45 47.90 0.70
C ALA D 151 -3.25 46.77 1.33
N ASP D 152 -2.65 46.05 2.28
CA ASP D 152 -3.36 45.04 3.07
C ASP D 152 -3.82 43.87 2.21
N PHE D 153 -2.98 43.48 1.24
CA PHE D 153 -3.28 42.33 0.38
C PHE D 153 -3.10 41.02 1.14
N PHE D 154 -4.14 40.19 1.16
CA PHE D 154 -3.95 38.80 1.55
C PHE D 154 -3.68 37.95 0.31
N LYS D 155 -3.35 36.68 0.53
CA LYS D 155 -3.04 35.81 -0.59
C LYS D 155 -4.24 35.65 -1.52
N THR D 156 -5.46 35.65 -0.94
CA THR D 156 -6.65 35.47 -1.75
C THR D 156 -6.93 36.68 -2.65
N ASP D 157 -6.74 37.91 -2.15
CA ASP D 157 -7.03 39.05 -3.02
C ASP D 157 -5.94 39.21 -4.08
N VAL D 158 -4.70 38.83 -3.76
CA VAL D 158 -3.64 38.75 -4.77
C VAL D 158 -4.09 37.84 -5.92
N ARG D 159 -4.68 36.69 -5.58
CA ARG D 159 -5.18 35.77 -6.60
C ARG D 159 -6.26 36.44 -7.46
N ALA D 160 -7.15 37.22 -6.83
CA ALA D 160 -8.25 37.86 -7.56
C ALA D 160 -7.73 38.82 -8.63
N LEU D 161 -6.74 39.64 -8.28
CA LEU D 161 -6.16 40.59 -9.22
C LEU D 161 -5.36 39.89 -10.31
N ALA D 162 -4.67 38.79 -9.96
CA ALA D 162 -3.89 38.06 -10.95
C ALA D 162 -4.75 37.58 -12.11
N GLN D 163 -5.87 36.93 -11.81
CA GLN D 163 -6.80 36.57 -12.88
C GLN D 163 -7.37 37.80 -13.55
N GLU D 164 -7.74 38.82 -12.76
CA GLU D 164 -8.36 40.00 -13.35
C GLU D 164 -7.44 40.67 -14.36
N LEU D 165 -6.13 40.63 -14.09
CA LEU D 165 -5.15 41.18 -15.02
C LEU D 165 -4.72 40.17 -16.08
N GLY D 166 -5.28 38.96 -16.07
CA GLY D 166 -4.95 37.94 -17.05
C GLY D 166 -3.68 37.15 -16.77
N LEU D 167 -3.19 37.21 -15.54
CA LEU D 167 -2.00 36.47 -15.12
C LEU D 167 -2.34 35.01 -14.86
N THR D 168 -1.67 34.10 -15.58
CA THR D 168 -1.82 32.67 -15.33
C THR D 168 -0.50 31.96 -15.00
N ASN D 169 0.65 32.61 -15.19
CA ASN D 169 1.96 31.95 -15.08
C ASN D 169 2.81 32.59 -13.98
N TRP D 170 3.25 31.77 -13.01
CA TRP D 170 4.21 32.21 -12.00
C TRP D 170 4.87 30.98 -11.38
N ASN D 171 5.86 31.23 -10.51
CA ASN D 171 6.59 30.15 -9.85
C ASN D 171 5.75 29.67 -8.68
N LYS D 172 5.18 28.46 -8.81
CA LYS D 172 4.25 27.94 -7.82
C LYS D 172 4.93 27.32 -6.60
N VAL D 173 6.20 26.95 -6.70
CA VAL D 173 6.89 26.35 -5.57
C VAL D 173 7.98 27.31 -5.09
N ALA D 174 7.66 28.18 -4.13
CA ALA D 174 8.64 29.15 -3.65
C ALA D 174 9.71 28.43 -2.84
N SER D 175 10.95 28.52 -3.31
CA SER D 175 12.06 27.83 -2.65
C SER D 175 12.58 28.64 -1.47
N CYS D 176 13.42 27.97 -0.66
N CYS D 176 13.42 27.98 -0.68
CA CYS D 176 14.09 28.55 0.49
CA CYS D 176 14.10 28.61 0.45
C CYS D 176 15.59 28.49 0.26
C CYS D 176 15.59 28.53 0.23
N SER D 177 16.32 29.29 1.04
CA SER D 177 17.78 29.29 0.95
C SER D 177 18.33 27.91 1.33
N VAL D 178 19.25 27.40 0.50
CA VAL D 178 19.85 26.09 0.75
C VAL D 178 20.58 26.03 2.09
N SER D 179 20.91 27.18 2.70
CA SER D 179 21.55 27.17 4.01
C SER D 179 20.77 26.35 5.03
N SER D 180 19.44 26.32 4.91
CA SER D 180 18.63 25.58 5.88
C SER D 180 18.85 24.07 5.82
N ARG D 181 19.56 23.57 4.82
CA ARG D 181 19.85 22.15 4.73
C ARG D 181 21.08 21.75 5.52
N PHE D 182 21.80 22.72 6.09
CA PHE D 182 23.03 22.49 6.84
C PHE D 182 22.84 22.90 8.29
N PRO D 183 23.37 22.12 9.22
CA PRO D 183 23.33 22.55 10.63
C PRO D 183 24.13 23.83 10.81
N TYR D 184 23.69 24.66 11.74
CA TYR D 184 24.45 25.86 12.11
C TYR D 184 25.89 25.50 12.45
N GLY D 185 26.83 26.35 12.04
CA GLY D 185 28.23 26.10 12.27
C GLY D 185 28.90 25.24 11.23
N THR D 186 28.15 24.66 10.31
CA THR D 186 28.73 23.93 9.21
C THR D 186 29.23 24.87 8.13
N THR D 187 30.39 24.58 7.57
CA THR D 187 30.92 25.41 6.50
C THR D 187 30.28 25.01 5.18
N LEU D 188 29.65 25.98 4.52
CA LEU D 188 29.11 25.75 3.18
C LEU D 188 30.24 25.72 2.18
N THR D 189 30.15 24.80 1.23
CA THR D 189 31.09 24.76 0.12
C THR D 189 30.33 24.68 -1.18
N HIS D 190 31.04 25.01 -2.27
CA HIS D 190 30.45 24.88 -3.60
C HIS D 190 30.02 23.44 -3.85
N ASP D 191 30.86 22.47 -3.43
CA ASP D 191 30.59 21.06 -3.67
C ASP D 191 29.37 20.56 -2.89
N ASN D 192 29.32 20.85 -1.58
CA ASN D 192 28.22 20.27 -0.80
C ASN D 192 26.89 20.98 -1.10
N ILE D 193 26.92 22.27 -1.43
CA ILE D 193 25.71 22.92 -1.92
C ILE D 193 25.23 22.25 -3.20
N ALA D 194 26.14 22.06 -4.16
CA ALA D 194 25.76 21.40 -5.40
C ALA D 194 25.21 20.00 -5.15
N GLN D 195 25.79 19.29 -4.18
CA GLN D 195 25.34 17.95 -3.82
C GLN D 195 23.91 17.96 -3.27
N VAL D 196 23.62 18.85 -2.33
CA VAL D 196 22.27 18.94 -1.79
C VAL D 196 21.30 19.37 -2.89
N MET D 197 21.66 20.41 -3.64
CA MET D 197 20.79 20.90 -4.68
C MET D 197 20.51 19.83 -5.73
N ALA D 198 21.51 19.04 -6.11
CA ALA D 198 21.27 17.98 -7.07
C ALA D 198 20.36 16.91 -6.48
N ALA D 199 20.54 16.58 -5.21
CA ALA D 199 19.71 15.55 -4.57
C ALA D 199 18.24 15.97 -4.55
N GLU D 200 17.98 17.23 -4.19
CA GLU D 200 16.60 17.72 -4.13
C GLU D 200 15.98 17.79 -5.51
N LYS D 201 16.77 18.20 -6.52
CA LYS D 201 16.25 18.26 -7.89
C LYS D 201 15.80 16.89 -8.35
N TYR D 202 16.59 15.86 -8.04
CA TYR D 202 16.21 14.49 -8.38
C TYR D 202 14.90 14.09 -7.70
N LEU D 203 14.77 14.35 -6.40
CA LEU D 203 13.57 13.94 -5.66
C LEU D 203 12.32 14.68 -6.15
N ARG D 204 12.45 15.97 -6.47
CA ARG D 204 11.31 16.68 -7.06
C ARG D 204 10.89 16.07 -8.39
N SER D 205 11.87 15.62 -9.17
CA SER D 205 11.57 15.05 -10.48
C SER D 205 10.78 13.74 -10.37
N LEU D 206 10.77 13.12 -9.19
CA LEU D 206 9.99 11.92 -8.94
C LEU D 206 8.54 12.21 -8.56
N GLY D 207 8.17 13.48 -8.37
CA GLY D 207 6.84 13.86 -7.97
C GLY D 207 6.68 14.36 -6.54
N PHE D 208 7.75 14.80 -5.89
CA PHE D 208 7.69 15.29 -4.52
C PHE D 208 8.15 16.74 -4.50
N PRO D 209 7.25 17.67 -4.80
CA PRO D 209 7.68 19.07 -4.95
C PRO D 209 8.14 19.71 -3.65
N THR D 210 7.74 19.18 -2.49
CA THR D 210 8.15 19.69 -1.18
C THR D 210 9.09 18.67 -0.55
N VAL D 211 10.38 19.03 -0.45
CA VAL D 211 11.38 18.07 0.01
C VAL D 211 12.58 18.83 0.57
N ARG D 212 13.25 18.21 1.51
CA ARG D 212 14.55 18.68 1.94
C ARG D 212 15.50 17.50 1.99
N VAL D 213 16.72 17.70 1.48
CA VAL D 213 17.81 16.77 1.71
C VAL D 213 18.72 17.43 2.74
N ARG D 214 18.57 17.06 4.00
CA ARG D 214 19.36 17.68 5.05
C ARG D 214 20.74 17.04 5.10
N PHE D 215 21.78 17.89 5.23
CA PHE D 215 23.16 17.47 5.03
C PHE D 215 23.77 17.10 6.36
N HIS D 216 24.17 15.84 6.51
CA HIS D 216 24.88 15.41 7.72
C HIS D 216 26.18 14.69 7.35
N ASN D 217 27.04 15.42 6.62
CA ASN D 217 28.31 14.87 6.15
C ASN D 217 28.10 13.63 5.30
N ASP D 218 28.41 12.45 5.83
CA ASP D 218 28.23 11.25 5.01
C ASP D 218 26.80 10.72 5.01
N ILE D 219 25.90 11.32 5.78
CA ILE D 219 24.50 10.89 5.85
C ILE D 219 23.62 11.95 5.21
N ALA D 220 22.76 11.52 4.28
CA ALA D 220 21.66 12.35 3.81
C ALA D 220 20.38 11.97 4.55
N ARG D 221 19.68 12.98 5.08
CA ARG D 221 18.44 12.79 5.82
C ARG D 221 17.32 13.53 5.06
N ILE D 222 16.44 12.75 4.44
CA ILE D 222 15.39 13.29 3.57
C ILE D 222 14.17 13.62 4.43
N GLU D 223 13.66 14.83 4.28
CA GLU D 223 12.42 15.24 4.92
C GLU D 223 11.35 15.35 3.85
N LEU D 224 10.26 14.63 4.04
CA LEU D 224 9.07 14.67 3.21
C LEU D 224 7.87 15.00 4.07
N PRO D 225 6.87 15.66 3.52
CA PRO D 225 5.58 15.71 4.21
C PRO D 225 5.13 14.28 4.54
N GLU D 226 4.66 14.09 5.78
CA GLU D 226 4.40 12.75 6.28
C GLU D 226 3.36 12.03 5.44
N ALA D 227 2.41 12.77 4.87
CA ALA D 227 1.38 12.16 4.03
C ALA D 227 1.93 11.66 2.69
N ARG D 228 3.17 11.96 2.32
CA ARG D 228 3.77 11.47 1.08
C ARG D 228 4.70 10.29 1.28
N ILE D 229 5.00 9.91 2.52
CA ILE D 229 6.07 8.93 2.74
C ILE D 229 5.66 7.56 2.19
N GLY D 230 4.39 7.18 2.33
CA GLY D 230 3.92 5.94 1.73
C GLY D 230 4.07 5.92 0.21
N ASP D 231 3.81 7.04 -0.45
CA ASP D 231 3.97 7.09 -1.91
C ASP D 231 5.43 6.95 -2.31
N PHE D 232 6.35 7.34 -1.42
CA PHE D 232 7.77 7.39 -1.76
C PHE D 232 8.41 6.01 -1.89
N LEU D 233 7.83 5.00 -1.23
CA LEU D 233 8.50 3.71 -1.07
C LEU D 233 8.91 3.08 -2.39
N VAL D 234 8.11 3.24 -3.44
CA VAL D 234 8.45 2.71 -4.76
C VAL D 234 9.80 3.24 -5.26
N PHE D 235 10.28 4.36 -4.71
CA PHE D 235 11.52 4.98 -5.15
C PHE D 235 12.72 4.69 -4.25
N ASN D 236 12.53 4.00 -3.11
CA ASN D 236 13.58 3.83 -2.09
C ASN D 236 14.93 3.46 -2.70
N ASP D 237 14.96 2.41 -3.50
CA ASP D 237 16.23 1.90 -4.01
C ASP D 237 16.88 2.86 -5.01
N ARG D 238 16.11 3.45 -5.93
CA ARG D 238 16.69 4.38 -6.89
C ARG D 238 17.23 5.62 -6.17
N VAL D 239 16.51 6.10 -5.16
CA VAL D 239 16.95 7.28 -4.39
C VAL D 239 18.21 6.97 -3.60
N ASN D 240 18.25 5.81 -2.93
CA ASN D 240 19.45 5.39 -2.21
C ASN D 240 20.67 5.42 -3.13
N ARG D 241 20.56 4.77 -4.28
CA ARG D 241 21.71 4.67 -5.18
C ARG D 241 22.02 6.01 -5.86
N GLN D 242 20.99 6.76 -6.27
CA GLN D 242 21.21 8.08 -6.83
C GLN D 242 21.99 8.97 -5.86
N LEU D 243 21.53 9.09 -4.61
CA LEU D 243 22.19 10.03 -3.72
C LEU D 243 23.55 9.51 -3.25
N GLN D 244 23.77 8.19 -3.28
CA GLN D 244 25.11 7.68 -3.02
C GLN D 244 26.06 8.08 -4.16
N SER D 245 25.58 8.04 -5.40
CA SER D 245 26.42 8.50 -6.49
C SER D 245 26.70 9.99 -6.38
N LEU D 246 25.85 10.74 -5.70
CA LEU D 246 26.16 12.14 -5.46
C LEU D 246 27.15 12.34 -4.32
N GLY D 247 27.54 11.30 -3.59
CA GLY D 247 28.58 11.40 -2.59
C GLY D 247 28.15 11.06 -1.18
N PHE D 248 26.87 10.88 -0.90
CA PHE D 248 26.48 10.47 0.45
C PHE D 248 26.82 9.00 0.65
N ARG D 249 27.25 8.65 1.86
CA ARG D 249 27.47 7.23 2.12
C ARG D 249 26.17 6.54 2.51
N TYR D 250 25.32 7.19 3.30
CA TYR D 250 24.06 6.65 3.76
C TYR D 250 22.94 7.58 3.37
N VAL D 251 21.85 7.01 2.87
CA VAL D 251 20.68 7.78 2.42
C VAL D 251 19.49 7.33 3.27
N THR D 252 18.92 8.26 4.03
CA THR D 252 17.94 7.94 5.06
C THR D 252 16.71 8.83 4.91
N LEU D 253 15.62 8.38 5.52
CA LEU D 253 14.35 9.09 5.55
C LEU D 253 14.02 9.45 7.00
N ASP D 254 13.84 10.74 7.28
CA ASP D 254 13.49 11.17 8.63
C ASP D 254 12.07 10.71 9.00
N LEU D 255 11.94 10.00 10.13
CA LEU D 255 10.62 9.49 10.51
C LEU D 255 9.67 10.60 10.96
N GLY D 256 10.21 11.74 11.38
CA GLY D 256 9.39 12.89 11.75
C GLY D 256 8.78 13.63 10.59
N GLY D 257 9.24 13.35 9.36
CA GLY D 257 8.71 14.03 8.19
C GLY D 257 9.27 15.42 8.02
N PHE D 258 8.66 16.19 7.10
CA PHE D 258 9.13 17.53 6.80
C PHE D 258 8.77 18.46 7.95
N ARG D 259 9.81 19.04 8.54
CA ARG D 259 9.81 19.80 9.77
C ARG D 259 9.32 19.03 10.98
N ALA E 2 -29.49 27.54 -24.17
CA ALA E 2 -28.58 26.75 -24.98
C ALA E 2 -27.13 27.14 -24.74
N THR E 3 -26.64 28.13 -25.49
CA THR E 3 -25.28 28.61 -25.29
C THR E 3 -25.12 29.30 -23.94
N LEU E 4 -23.88 29.30 -23.45
CA LEU E 4 -23.55 30.01 -22.22
C LEU E 4 -23.97 31.48 -22.30
N ALA E 5 -23.83 32.11 -23.46
CA ALA E 5 -24.20 33.51 -23.63
C ALA E 5 -25.70 33.74 -23.44
N THR E 6 -26.54 32.83 -23.96
CA THR E 6 -27.97 32.97 -23.73
C THR E 6 -28.28 32.86 -22.25
N LYS E 7 -27.64 31.91 -21.58
CA LYS E 7 -27.90 31.69 -20.16
C LYS E 7 -27.49 32.91 -19.34
N LYS E 8 -26.33 33.48 -19.65
CA LYS E 8 -25.90 34.71 -18.99
C LYS E 8 -26.89 35.84 -19.25
N ALA E 9 -27.37 35.94 -20.50
CA ALA E 9 -28.32 36.99 -20.85
C ALA E 9 -29.64 36.81 -20.11
N THR E 10 -30.10 35.57 -19.96
CA THR E 10 -31.28 35.32 -19.13
C THR E 10 -31.04 35.81 -17.71
N LEU E 11 -29.85 35.54 -17.17
CA LEU E 11 -29.52 35.99 -15.83
C LEU E 11 -29.45 37.51 -15.75
N VAL E 12 -28.83 38.14 -16.74
CA VAL E 12 -28.75 39.60 -16.78
C VAL E 12 -30.14 40.23 -16.78
N ALA E 13 -31.03 39.70 -17.62
CA ALA E 13 -32.36 40.30 -17.73
C ALA E 13 -33.12 40.16 -16.42
N ALA E 14 -32.95 39.03 -15.72
CA ALA E 14 -33.67 38.84 -14.46
C ALA E 14 -33.19 39.82 -13.38
N LEU E 15 -31.87 40.02 -13.25
CA LEU E 15 -31.36 40.97 -12.27
C LEU E 15 -31.80 42.40 -12.56
N LYS E 16 -31.69 42.84 -13.82
CA LYS E 16 -32.14 44.19 -14.16
C LYS E 16 -33.60 44.38 -13.76
N ASP E 17 -34.41 43.35 -13.96
CA ASP E 17 -35.82 43.40 -13.59
C ASP E 17 -35.99 43.60 -12.08
N LEU E 18 -35.12 42.99 -11.27
CA LEU E 18 -35.30 43.06 -9.82
C LEU E 18 -34.86 44.39 -9.23
N GLN E 19 -33.77 44.98 -9.75
CA GLN E 19 -33.28 46.32 -9.41
C GLN E 19 -32.55 46.37 -8.07
N ARG E 20 -33.12 45.75 -7.04
CA ARG E 20 -32.49 45.70 -5.73
C ARG E 20 -32.66 44.30 -5.15
N VAL E 21 -31.56 43.68 -4.75
CA VAL E 21 -31.57 42.29 -4.31
C VAL E 21 -30.72 42.10 -3.06
N THR E 22 -31.11 41.09 -2.28
CA THR E 22 -30.30 40.56 -1.19
C THR E 22 -29.85 39.16 -1.57
N VAL E 23 -28.56 38.88 -1.43
CA VAL E 23 -27.95 37.64 -1.90
C VAL E 23 -27.57 36.79 -0.69
N ALA E 24 -28.13 35.57 -0.62
CA ALA E 24 -27.69 34.56 0.33
C ALA E 24 -26.33 34.03 -0.10
N PHE E 25 -25.28 34.44 0.59
CA PHE E 25 -23.91 34.14 0.13
C PHE E 25 -23.25 33.18 1.09
N SER E 26 -22.90 32.01 0.58
CA SER E 26 -22.25 30.99 1.37
C SER E 26 -20.75 30.91 1.11
N GLY E 27 -20.27 31.56 0.06
CA GLY E 27 -18.89 31.38 -0.34
C GLY E 27 -18.66 30.28 -1.37
N GLY E 28 -19.69 29.46 -1.66
CA GLY E 28 -19.56 28.50 -2.74
C GLY E 28 -19.48 29.16 -4.11
N ILE E 29 -19.05 28.37 -5.11
CA ILE E 29 -18.87 28.92 -6.45
C ILE E 29 -20.21 29.43 -7.00
N ASP E 30 -21.31 28.79 -6.65
CA ASP E 30 -22.62 29.16 -7.17
C ASP E 30 -23.05 30.52 -6.67
N SER E 31 -23.04 30.70 -5.35
CA SER E 31 -23.44 31.98 -4.79
C SER E 31 -22.42 33.06 -5.07
N THR E 32 -21.15 32.68 -5.28
CA THR E 32 -20.16 33.63 -5.78
C THR E 32 -20.55 34.12 -7.17
N LEU E 33 -20.98 33.22 -8.04
CA LEU E 33 -21.38 33.64 -9.37
C LEU E 33 -22.59 34.57 -9.29
N VAL E 34 -23.58 34.21 -8.47
CA VAL E 34 -24.77 35.07 -8.34
C VAL E 34 -24.38 36.44 -7.83
N LEU E 35 -23.52 36.50 -6.81
CA LEU E 35 -23.16 37.79 -6.23
C LEU E 35 -22.42 38.68 -7.22
N LYS E 36 -21.41 38.11 -7.91
CA LYS E 36 -20.66 38.86 -8.91
C LYS E 36 -21.57 39.40 -10.01
N MET E 37 -22.47 38.55 -10.51
CA MET E 37 -23.40 38.99 -11.55
C MET E 37 -24.28 40.14 -11.06
N ALA E 38 -24.83 40.00 -9.85
CA ALA E 38 -25.67 41.06 -9.29
C ALA E 38 -24.91 42.38 -9.20
N LEU E 39 -23.68 42.34 -8.69
CA LEU E 39 -22.89 43.56 -8.58
C LEU E 39 -22.65 44.18 -9.95
N ASP E 40 -22.30 43.35 -10.94
CA ASP E 40 -22.00 43.85 -12.27
C ASP E 40 -23.23 44.39 -12.97
N VAL E 41 -24.40 43.79 -12.74
CA VAL E 41 -25.63 44.21 -13.41
C VAL E 41 -26.33 45.32 -12.64
N LEU E 42 -26.35 45.24 -11.32
CA LEU E 42 -27.14 46.17 -10.52
C LEU E 42 -26.31 47.21 -9.80
N GLY E 43 -25.03 47.00 -9.63
CA GLY E 43 -24.28 48.02 -8.90
C GLY E 43 -24.22 47.74 -7.42
N ARG E 44 -23.13 48.20 -6.80
CA ARG E 44 -22.85 47.85 -5.42
C ARG E 44 -23.92 48.38 -4.46
N ASP E 45 -24.48 49.55 -4.76
CA ASP E 45 -25.47 50.18 -3.89
C ASP E 45 -26.83 49.48 -3.94
N ASN E 46 -27.01 48.53 -4.86
CA ASN E 46 -28.27 47.81 -5.04
C ASN E 46 -28.18 46.33 -4.69
N VAL E 47 -27.11 45.90 -4.04
CA VAL E 47 -26.94 44.51 -3.65
C VAL E 47 -26.46 44.45 -2.20
N THR E 48 -27.10 43.60 -1.41
CA THR E 48 -26.62 43.23 -0.08
C THR E 48 -26.35 41.73 -0.06
N ALA E 49 -25.12 41.36 0.28
CA ALA E 49 -24.75 39.99 0.52
C ALA E 49 -24.95 39.67 2.00
N VAL E 50 -25.59 38.55 2.29
CA VAL E 50 -25.80 38.09 3.65
C VAL E 50 -25.13 36.73 3.79
N VAL E 51 -24.31 36.58 4.83
CA VAL E 51 -23.72 35.30 5.20
C VAL E 51 -24.36 34.88 6.51
N ALA E 52 -25.03 33.73 6.54
CA ALA E 52 -25.68 33.27 7.75
C ALA E 52 -24.72 32.39 8.54
N ASN E 53 -24.43 32.80 9.77
CA ASN E 53 -23.73 31.99 10.76
C ASN E 53 -24.76 31.31 11.65
N SER E 54 -24.35 30.19 12.21
CA SER E 54 -25.21 29.40 13.07
C SER E 54 -24.32 28.44 13.86
N GLU E 55 -24.95 27.70 14.76
CA GLU E 55 -24.19 26.71 15.49
C GLU E 55 -23.80 25.54 14.60
N LEU E 56 -24.38 25.43 13.39
CA LEU E 56 -24.11 24.31 12.48
C LEU E 56 -23.06 24.64 11.43
N PHE E 57 -22.54 25.87 11.43
CA PHE E 57 -21.63 26.38 10.41
C PHE E 57 -20.33 26.77 11.11
N THR E 58 -19.19 26.37 10.53
CA THR E 58 -17.95 26.62 11.25
C THR E 58 -17.66 28.10 11.13
N ASP E 59 -17.15 28.69 12.20
CA ASP E 59 -16.80 30.10 12.15
C ASP E 59 -15.77 30.37 11.08
N GLU E 60 -14.90 29.40 10.79
CA GLU E 60 -13.91 29.57 9.75
C GLU E 60 -14.57 29.75 8.38
N GLU E 61 -15.63 28.97 8.08
CA GLU E 61 -16.31 29.16 6.80
C GLU E 61 -17.12 30.45 6.77
N PHE E 62 -17.70 30.85 7.90
CA PHE E 62 -18.38 32.14 7.96
C PHE E 62 -17.41 33.28 7.66
N ASP E 63 -16.20 33.23 8.25
CA ASP E 63 -15.21 34.27 8.00
C ASP E 63 -14.76 34.28 6.55
N LYS E 64 -14.56 33.09 5.97
CA LYS E 64 -14.10 33.04 4.58
C LYS E 64 -15.14 33.65 3.64
N ALA E 65 -16.43 33.33 3.85
CA ALA E 65 -17.48 33.92 3.01
C ALA E 65 -17.56 35.43 3.22
N MET E 66 -17.40 35.90 4.46
CA MET E 66 -17.39 37.33 4.72
C MET E 66 -16.25 38.03 3.99
N SER E 67 -15.07 37.41 3.98
CA SER E 67 -13.92 37.99 3.30
C SER E 67 -14.07 37.93 1.78
N LEU E 68 -14.66 36.85 1.25
CA LEU E 68 -14.81 36.75 -0.20
C LEU E 68 -15.86 37.73 -0.72
N ALA E 69 -16.96 37.91 0.01
CA ALA E 69 -17.99 38.83 -0.46
C ALA E 69 -17.46 40.26 -0.51
N GLU E 70 -16.72 40.68 0.51
CA GLU E 70 -16.12 42.00 0.47
C GLU E 70 -15.09 42.10 -0.65
N GLU E 71 -14.32 41.02 -0.86
CA GLU E 71 -13.33 41.00 -1.93
C GLU E 71 -13.98 41.25 -3.29
N LEU E 72 -15.19 40.73 -3.48
CA LEU E 72 -15.90 40.96 -4.73
C LEU E 72 -16.43 42.37 -4.85
N GLY E 73 -16.42 43.14 -3.76
CA GLY E 73 -16.92 44.50 -3.77
C GLY E 73 -18.34 44.69 -3.27
N ALA E 74 -18.89 43.74 -2.53
CA ALA E 74 -20.25 43.85 -2.06
C ALA E 74 -20.27 44.49 -0.68
N ASN E 75 -21.33 45.23 -0.39
CA ASN E 75 -21.67 45.48 1.01
C ASN E 75 -22.18 44.15 1.58
N VAL E 76 -21.55 43.67 2.66
CA VAL E 76 -21.82 42.34 3.19
C VAL E 76 -22.20 42.45 4.65
N GLN E 77 -23.16 41.62 5.05
CA GLN E 77 -23.66 41.62 6.43
C GLN E 77 -23.79 40.19 6.91
N GLY E 78 -23.14 39.89 8.04
CA GLY E 78 -23.29 38.59 8.67
C GLY E 78 -24.44 38.61 9.67
N THR E 79 -25.15 37.48 9.75
CA THR E 79 -26.22 37.30 10.72
C THR E 79 -26.19 35.87 11.25
N THR E 80 -26.51 35.70 12.54
CA THR E 80 -26.49 34.40 13.20
C THR E 80 -27.90 33.90 13.47
N LEU E 81 -28.17 32.68 13.01
CA LEU E 81 -29.41 31.97 13.26
C LEU E 81 -29.23 31.03 14.44
N ASP E 82 -30.33 30.86 15.19
CA ASP E 82 -30.35 30.00 16.37
C ASP E 82 -31.10 28.72 15.99
N TYR E 83 -30.40 27.87 15.23
CA TYR E 83 -31.05 26.66 14.74
C TYR E 83 -31.46 25.76 15.90
N LEU E 84 -30.65 25.70 16.95
CA LEU E 84 -30.90 24.80 18.08
C LEU E 84 -32.10 25.23 18.91
N SER E 85 -32.67 26.40 18.65
CA SER E 85 -33.90 26.78 19.33
C SER E 85 -35.13 26.10 18.74
N ASP E 86 -35.01 25.46 17.58
CA ASP E 86 -36.10 24.71 16.95
C ASP E 86 -35.95 23.23 17.31
N ASP E 87 -36.98 22.65 17.92
CA ASP E 87 -36.88 21.27 18.38
C ASP E 87 -36.68 20.28 17.24
N HIS E 88 -37.21 20.56 16.05
CA HIS E 88 -37.00 19.65 14.93
C HIS E 88 -35.51 19.58 14.55
N ILE E 89 -34.83 20.73 14.58
CA ILE E 89 -33.40 20.74 14.27
C ILE E 89 -32.60 20.17 15.43
N LYS E 90 -32.96 20.57 16.66
CA LYS E 90 -32.24 20.13 17.85
C LYS E 90 -32.21 18.61 17.97
N ASN E 91 -33.34 17.95 17.72
CA ASN E 91 -33.42 16.51 17.86
C ASN E 91 -33.08 15.77 16.57
N ASN E 92 -32.67 16.50 15.54
CA ASN E 92 -32.16 15.96 14.27
C ASN E 92 -33.12 14.91 13.68
N THR E 93 -34.26 15.40 13.32
CA THR E 93 -35.24 14.53 12.67
C THR E 93 -34.95 14.51 11.18
N PRO E 94 -35.50 13.54 10.44
CA PRO E 94 -35.28 13.56 8.98
C PRO E 94 -35.81 14.81 8.32
N ASP E 95 -36.70 15.56 8.97
CA ASP E 95 -37.24 16.80 8.45
C ASP E 95 -36.43 18.01 8.90
N SER E 96 -35.35 17.80 9.64
CA SER E 96 -34.58 18.92 10.17
C SER E 96 -34.14 19.85 9.05
N TRP E 97 -33.81 19.29 7.90
CA TRP E 97 -33.34 20.09 6.77
C TRP E 97 -34.32 21.20 6.42
N TYR E 98 -35.62 20.88 6.40
CA TYR E 98 -36.62 21.85 5.97
C TYR E 98 -36.77 22.97 6.98
N TYR E 99 -36.78 22.63 8.28
CA TYR E 99 -36.97 23.66 9.29
C TYR E 99 -35.75 24.57 9.39
N ALA E 100 -34.55 24.03 9.16
CA ALA E 100 -33.39 24.91 9.09
C ALA E 100 -33.54 25.86 7.91
N LYS E 101 -33.89 25.33 6.75
CA LYS E 101 -34.08 26.18 5.57
C LYS E 101 -35.21 27.18 5.79
N LYS E 102 -36.26 26.76 6.48
CA LYS E 102 -37.39 27.65 6.78
C LYS E 102 -36.96 28.84 7.61
N MET E 103 -36.20 28.59 8.68
CA MET E 103 -35.72 29.67 9.55
C MET E 103 -34.69 30.51 8.80
N PHE E 104 -33.86 29.88 7.98
CA PHE E 104 -32.92 30.59 7.12
C PHE E 104 -33.63 31.62 6.24
N TYR E 105 -34.65 31.19 5.49
CA TYR E 105 -35.31 32.09 4.55
C TYR E 105 -36.15 33.16 5.25
N SER E 106 -36.64 32.88 6.45
CA SER E 106 -37.36 33.91 7.20
C SER E 106 -36.45 35.06 7.59
N ARG E 107 -35.22 34.76 8.02
CA ARG E 107 -34.26 35.78 8.40
C ARG E 107 -33.86 36.63 7.21
N LEU E 108 -33.57 35.98 6.08
CA LEU E 108 -33.16 36.71 4.89
C LEU E 108 -34.28 37.58 4.37
N ASN E 109 -35.51 37.08 4.46
CA ASN E 109 -36.67 37.87 4.07
C ASN E 109 -36.82 39.10 4.97
N ASP E 110 -36.56 38.95 6.27
CA ASP E 110 -36.63 40.09 7.18
C ASP E 110 -35.64 41.17 6.76
N ILE E 111 -34.42 40.75 6.41
CA ILE E 111 -33.38 41.68 5.99
C ILE E 111 -33.77 42.39 4.70
N ALA E 112 -34.29 41.65 3.72
CA ALA E 112 -34.62 42.21 2.42
C ALA E 112 -35.77 43.21 2.52
N ALA E 113 -36.77 42.90 3.35
CA ALA E 113 -37.84 43.87 3.59
C ALA E 113 -37.27 45.15 4.19
N ASN E 114 -36.26 45.01 5.05
CA ASN E 114 -35.68 46.17 5.74
C ASN E 114 -34.73 46.97 4.86
N ASN E 115 -34.15 46.37 3.83
CA ASN E 115 -33.24 47.10 2.94
C ASN E 115 -33.86 47.43 1.60
N GLY E 116 -35.15 47.15 1.42
CA GLY E 116 -35.80 47.52 0.18
C GLY E 116 -35.49 46.61 -0.99
N SER E 117 -34.98 45.41 -0.73
CA SER E 117 -34.71 44.47 -1.81
C SER E 117 -36.01 43.94 -2.38
N ALA E 118 -35.99 43.65 -3.68
CA ALA E 118 -37.16 43.06 -4.31
C ALA E 118 -37.21 41.55 -4.14
N ALA E 119 -36.09 40.93 -3.81
CA ALA E 119 -36.07 39.48 -3.62
C ALA E 119 -34.79 39.08 -2.89
N VAL E 120 -34.84 37.92 -2.25
CA VAL E 120 -33.64 37.23 -1.81
C VAL E 120 -33.19 36.27 -2.90
N LEU E 121 -31.90 36.26 -3.21
CA LEU E 121 -31.33 35.37 -4.21
C LEU E 121 -30.41 34.36 -3.55
N ASP E 122 -30.49 33.10 -3.97
CA ASP E 122 -29.55 32.09 -3.51
C ASP E 122 -28.87 31.44 -4.70
N GLY E 123 -27.95 30.52 -4.39
CA GLY E 123 -27.11 29.94 -5.41
C GLY E 123 -27.57 28.59 -5.89
N MET E 124 -28.86 28.30 -5.77
CA MET E 124 -29.36 27.01 -6.20
C MET E 124 -29.27 26.87 -7.71
N ILE E 125 -28.84 25.70 -8.17
CA ILE E 125 -28.66 25.43 -9.60
C ILE E 125 -29.42 24.17 -9.98
N LYS E 126 -29.13 23.65 -11.17
CA LYS E 126 -29.57 22.34 -11.65
C LYS E 126 -29.86 21.31 -10.55
N GLY E 143 -40.09 33.72 -0.28
CA GLY E 143 -40.14 33.89 -1.72
C GLY E 143 -38.78 34.09 -2.36
N ALA E 144 -37.96 33.04 -2.32
CA ALA E 144 -36.56 33.09 -2.73
C ALA E 144 -36.37 32.69 -4.17
N ARG E 145 -35.55 33.46 -4.89
CA ARG E 145 -35.29 33.23 -6.31
C ARG E 145 -33.90 32.63 -6.51
N SER E 146 -33.85 31.56 -7.29
CA SER E 146 -32.60 30.91 -7.71
C SER E 146 -32.42 31.20 -9.20
N LEU E 147 -31.82 32.35 -9.51
CA LEU E 147 -31.78 32.80 -10.91
C LEU E 147 -30.90 31.89 -11.77
N LEU E 148 -29.90 31.22 -11.17
CA LEU E 148 -29.09 30.27 -11.95
C LEU E 148 -29.94 29.10 -12.41
N GLN E 149 -30.81 28.59 -11.55
CA GLN E 149 -31.70 27.50 -11.94
C GLN E 149 -32.71 27.97 -12.97
N GLU E 150 -33.24 29.18 -12.80
CA GLU E 150 -34.19 29.74 -13.78
C GLU E 150 -33.54 29.89 -15.15
N ALA E 151 -32.25 30.24 -15.20
CA ALA E 151 -31.54 30.42 -16.46
C ALA E 151 -30.93 29.13 -16.98
N ASP E 152 -31.29 27.97 -16.39
CA ASP E 152 -30.85 26.66 -16.86
C ASP E 152 -29.35 26.42 -16.67
N PHE E 153 -28.76 26.97 -15.61
CA PHE E 153 -27.34 26.74 -15.33
C PHE E 153 -27.14 25.37 -14.68
N PHE E 154 -26.32 24.52 -15.32
CA PHE E 154 -25.78 23.32 -14.70
C PHE E 154 -24.38 23.65 -14.16
N LYS E 155 -23.78 22.66 -13.49
CA LYS E 155 -22.48 22.86 -12.85
C LYS E 155 -21.42 23.26 -13.86
N THR E 156 -21.50 22.71 -15.07
CA THR E 156 -20.53 23.07 -16.08
C THR E 156 -20.68 24.55 -16.48
N ASP E 157 -21.90 25.06 -16.53
CA ASP E 157 -22.07 26.45 -16.95
C ASP E 157 -21.63 27.40 -15.86
N VAL E 158 -21.86 27.06 -14.60
CA VAL E 158 -21.35 27.89 -13.50
C VAL E 158 -19.84 27.99 -13.58
N ARG E 159 -19.15 26.85 -13.75
CA ARG E 159 -17.70 26.89 -13.85
C ARG E 159 -17.25 27.73 -15.05
N ALA E 160 -17.92 27.57 -16.19
CA ALA E 160 -17.54 28.30 -17.39
C ALA E 160 -17.74 29.81 -17.21
N LEU E 161 -18.89 30.22 -16.66
CA LEU E 161 -19.10 31.65 -16.48
C LEU E 161 -18.18 32.23 -15.42
N ALA E 162 -17.96 31.48 -14.33
CA ALA E 162 -17.04 31.93 -13.28
C ALA E 162 -15.65 32.16 -13.84
N GLN E 163 -15.18 31.25 -14.67
CA GLN E 163 -13.90 31.44 -15.34
C GLN E 163 -13.94 32.71 -16.20
N GLU E 164 -15.02 32.92 -16.94
CA GLU E 164 -15.09 34.06 -17.84
C GLU E 164 -15.03 35.40 -17.08
N LEU E 165 -15.65 35.47 -15.90
CA LEU E 165 -15.56 36.70 -15.12
C LEU E 165 -14.28 36.80 -14.32
N GLY E 166 -13.41 35.80 -14.35
CA GLY E 166 -12.20 35.87 -13.55
C GLY E 166 -12.39 35.52 -12.09
N LEU E 167 -13.47 34.83 -11.73
CA LEU E 167 -13.64 34.42 -10.35
C LEU E 167 -12.64 33.30 -10.03
N THR E 168 -11.78 33.53 -9.03
CA THR E 168 -10.78 32.56 -8.65
C THR E 168 -10.95 32.03 -7.25
N ASN E 169 -11.71 32.70 -6.40
CA ASN E 169 -11.78 32.37 -5.00
C ASN E 169 -13.22 31.99 -4.67
N TRP E 170 -13.39 30.80 -4.14
CA TRP E 170 -14.66 30.39 -3.59
C TRP E 170 -14.28 29.26 -2.64
N ASN E 171 -15.25 28.78 -1.88
CA ASN E 171 -14.93 27.75 -0.90
C ASN E 171 -14.84 26.42 -1.62
N LYS E 172 -13.60 25.93 -1.80
CA LYS E 172 -13.39 24.67 -2.51
C LYS E 172 -13.60 23.46 -1.61
N VAL E 173 -13.54 23.64 -0.29
CA VAL E 173 -13.74 22.55 0.64
C VAL E 173 -15.12 22.81 1.21
N ALA E 174 -16.10 22.20 0.54
CA ALA E 174 -17.48 22.69 0.57
C ALA E 174 -18.10 22.55 1.94
N SER E 175 -18.71 23.64 2.40
CA SER E 175 -19.37 23.63 3.69
C SER E 175 -20.64 22.80 3.59
N CYS E 176 -20.85 21.95 4.58
CA CYS E 176 -22.13 21.33 4.81
C CYS E 176 -22.50 21.56 6.26
N SER E 177 -23.80 21.49 6.55
CA SER E 177 -24.24 21.62 7.92
C SER E 177 -23.63 20.51 8.76
N VAL E 178 -23.09 20.87 9.93
CA VAL E 178 -22.53 19.82 10.77
C VAL E 178 -23.58 18.79 11.17
N SER E 179 -24.87 19.10 11.03
CA SER E 179 -25.94 18.15 11.37
C SER E 179 -25.81 16.84 10.61
N SER E 180 -25.26 16.88 9.40
CA SER E 180 -25.08 15.69 8.58
C SER E 180 -24.09 14.70 9.19
N ARG E 181 -23.36 15.10 10.23
CA ARG E 181 -22.46 14.18 10.91
C ARG E 181 -23.17 13.37 11.98
N PHE E 182 -24.47 13.67 12.27
CA PHE E 182 -25.17 13.02 13.36
C PHE E 182 -26.29 12.14 12.85
N PRO E 183 -26.47 10.96 13.44
CA PRO E 183 -27.60 10.12 13.04
C PRO E 183 -28.92 10.82 13.34
N TYR E 184 -29.92 10.52 12.52
CA TYR E 184 -31.28 10.96 12.81
C TYR E 184 -31.69 10.48 14.19
N GLY E 185 -32.40 11.33 14.93
CA GLY E 185 -32.81 11.01 16.28
C GLY E 185 -31.79 11.34 17.35
N THR E 186 -30.57 11.68 16.96
CA THR E 186 -29.59 12.13 17.93
C THR E 186 -29.79 13.61 18.25
N THR E 187 -29.72 13.94 19.54
CA THR E 187 -29.87 15.33 19.94
C THR E 187 -28.55 16.07 19.74
N LEU E 188 -28.59 17.16 18.98
CA LEU E 188 -27.44 18.04 18.80
C LEU E 188 -27.28 18.91 20.04
N THR E 189 -26.04 19.06 20.50
CA THR E 189 -25.69 19.96 21.60
C THR E 189 -24.47 20.77 21.21
N HIS E 190 -24.23 21.86 21.92
CA HIS E 190 -23.00 22.60 21.69
C HIS E 190 -21.77 21.72 21.90
N ASP E 191 -21.81 20.85 22.92
CA ASP E 191 -20.65 19.99 23.20
C ASP E 191 -20.39 19.02 22.07
N ASN E 192 -21.41 18.27 21.62
CA ASN E 192 -21.10 17.26 20.63
C ASN E 192 -20.86 17.89 19.26
N ILE E 193 -21.50 19.04 18.97
CA ILE E 193 -21.15 19.76 17.74
C ILE E 193 -19.70 20.18 17.78
N ALA E 194 -19.27 20.80 18.89
CA ALA E 194 -17.87 21.23 19.00
C ALA E 194 -16.92 20.04 18.88
N GLN E 195 -17.32 18.91 19.43
CA GLN E 195 -16.51 17.71 19.35
C GLN E 195 -16.32 17.30 17.90
N VAL E 196 -17.40 17.31 17.11
CA VAL E 196 -17.28 16.97 15.70
C VAL E 196 -16.44 18.01 14.97
N MET E 197 -16.72 19.30 15.20
CA MET E 197 -15.99 20.33 14.46
C MET E 197 -14.49 20.26 14.77
N ALA E 198 -14.14 20.09 16.04
CA ALA E 198 -12.73 20.03 16.43
C ALA E 198 -12.04 18.80 15.83
N ALA E 199 -12.76 17.67 15.76
CA ALA E 199 -12.16 16.48 15.17
C ALA E 199 -11.88 16.71 13.69
N GLU E 200 -12.85 17.30 12.97
CA GLU E 200 -12.63 17.54 11.55
C GLU E 200 -11.54 18.57 11.30
N LYS E 201 -11.49 19.62 12.11
CA LYS E 201 -10.45 20.63 11.96
C LYS E 201 -9.07 20.01 12.18
N TYR E 202 -8.95 19.12 13.17
CA TYR E 202 -7.68 18.43 13.39
C TYR E 202 -7.27 17.63 12.15
N LEU E 203 -8.21 16.89 11.55
CA LEU E 203 -7.89 16.07 10.39
C LEU E 203 -7.50 16.93 9.18
N ARG E 204 -8.20 18.04 8.97
CA ARG E 204 -7.80 18.98 7.92
C ARG E 204 -6.37 19.48 8.16
N SER E 205 -6.01 19.72 9.42
CA SER E 205 -4.66 20.21 9.66
C SER E 205 -3.61 19.17 9.33
N LEU E 206 -3.97 17.89 9.24
CA LEU E 206 -3.01 16.87 8.82
C LEU E 206 -2.86 16.79 7.31
N GLY E 207 -3.64 17.53 6.54
CA GLY E 207 -3.60 17.48 5.09
C GLY E 207 -4.76 16.78 4.40
N PHE E 208 -5.90 16.63 5.08
CA PHE E 208 -7.08 15.98 4.51
C PHE E 208 -8.20 17.03 4.48
N PRO E 209 -8.24 17.85 3.44
CA PRO E 209 -9.22 18.96 3.42
C PRO E 209 -10.66 18.48 3.26
N THR E 210 -10.88 17.33 2.66
CA THR E 210 -12.21 16.75 2.52
C THR E 210 -12.32 15.57 3.48
N VAL E 211 -13.13 15.73 4.52
CA VAL E 211 -13.22 14.74 5.58
C VAL E 211 -14.56 14.88 6.29
N ARG E 212 -15.07 13.77 6.83
CA ARG E 212 -16.20 13.81 7.72
C ARG E 212 -15.87 12.97 8.95
N VAL E 213 -16.19 13.50 10.12
CA VAL E 213 -16.15 12.72 11.36
C VAL E 213 -17.59 12.46 11.73
N ARG E 214 -18.06 11.27 11.40
CA ARG E 214 -19.46 10.96 11.70
C ARG E 214 -19.57 10.51 13.15
N PHE E 215 -20.57 11.05 13.82
CA PHE E 215 -20.75 10.90 15.26
C PHE E 215 -21.65 9.71 15.54
N HIS E 216 -21.14 8.72 16.26
CA HIS E 216 -21.97 7.60 16.68
C HIS E 216 -21.81 7.38 18.17
N ASN E 217 -22.08 8.44 18.94
CA ASN E 217 -21.97 8.41 20.39
C ASN E 217 -20.54 8.09 20.80
N ASP E 218 -20.28 6.86 21.26
CA ASP E 218 -18.93 6.54 21.69
C ASP E 218 -18.01 6.19 20.53
N ILE E 219 -18.53 6.12 19.30
CA ILE E 219 -17.73 5.79 18.11
C ILE E 219 -17.63 7.01 17.20
N ALA E 220 -16.41 7.32 16.76
CA ALA E 220 -16.18 8.21 15.63
C ALA E 220 -15.92 7.38 14.37
N ARG E 221 -16.61 7.68 13.29
CA ARG E 221 -16.44 6.98 12.02
C ARG E 221 -15.96 8.01 10.99
N ILE E 222 -14.70 7.89 10.58
CA ILE E 222 -14.07 8.88 9.72
C ILE E 222 -14.28 8.49 8.25
N GLU E 223 -14.77 9.44 7.45
CA GLU E 223 -14.88 9.28 6.00
C GLU E 223 -13.82 10.14 5.33
N LEU E 224 -12.97 9.51 4.51
CA LEU E 224 -11.97 10.14 3.67
C LEU E 224 -12.18 9.74 2.21
N PRO E 225 -11.83 10.61 1.26
CA PRO E 225 -11.76 10.16 -0.14
C PRO E 225 -10.87 8.94 -0.22
N GLU E 226 -11.32 7.94 -0.97
CA GLU E 226 -10.65 6.65 -0.94
C GLU E 226 -9.21 6.75 -1.41
N ALA E 227 -8.93 7.64 -2.37
CA ALA E 227 -7.58 7.78 -2.90
C ALA E 227 -6.62 8.39 -1.88
N ARG E 228 -7.11 8.87 -0.73
CA ARG E 228 -6.26 9.38 0.34
C ARG E 228 -6.03 8.38 1.47
N ILE E 229 -6.77 7.27 1.52
CA ILE E 229 -6.72 6.40 2.71
C ILE E 229 -5.34 5.79 2.89
N GLY E 230 -4.69 5.42 1.77
CA GLY E 230 -3.34 4.89 1.87
C GLY E 230 -2.39 5.85 2.55
N ASP E 231 -2.55 7.15 2.29
CA ASP E 231 -1.72 8.17 2.94
C ASP E 231 -1.99 8.28 4.44
N PHE E 232 -3.18 7.89 4.88
CA PHE E 232 -3.62 8.14 6.25
C PHE E 232 -2.88 7.29 7.29
N LEU E 233 -2.29 6.16 6.89
CA LEU E 233 -1.80 5.16 7.83
C LEU E 233 -0.80 5.76 8.84
N VAL E 234 0.07 6.66 8.37
CA VAL E 234 1.06 7.31 9.22
C VAL E 234 0.42 8.11 10.34
N PHE E 235 -0.86 8.48 10.23
CA PHE E 235 -1.51 9.30 11.25
C PHE E 235 -2.42 8.50 12.20
N ASN E 236 -2.57 7.17 11.98
CA ASN E 236 -3.53 6.35 12.72
C ASN E 236 -3.46 6.59 14.23
N ASP E 237 -2.28 6.45 14.82
CA ASP E 237 -2.15 6.54 16.27
C ASP E 237 -2.42 7.96 16.76
N ARG E 238 -1.91 8.98 16.06
CA ARG E 238 -2.16 10.34 16.50
C ARG E 238 -3.65 10.68 16.40
N VAL E 239 -4.31 10.22 15.35
CA VAL E 239 -5.73 10.51 15.19
C VAL E 239 -6.54 9.77 16.26
N ASN E 240 -6.21 8.51 16.51
CA ASN E 240 -6.86 7.73 17.56
C ASN E 240 -6.79 8.47 18.90
N ARG E 241 -5.58 8.92 19.28
CA ARG E 241 -5.42 9.54 20.58
C ARG E 241 -6.07 10.94 20.62
N GLN E 242 -5.90 11.73 19.55
CA GLN E 242 -6.53 13.05 19.48
C GLN E 242 -8.06 12.95 19.63
N LEU E 243 -8.68 12.06 18.88
CA LEU E 243 -10.13 12.02 18.93
C LEU E 243 -10.65 11.39 20.22
N GLN E 244 -9.85 10.51 20.85
CA GLN E 244 -10.24 10.03 22.17
C GLN E 244 -10.20 11.15 23.21
N SER E 245 -9.21 12.04 23.14
CA SER E 245 -9.18 13.15 24.07
C SER E 245 -10.30 14.16 23.81
N LEU E 246 -10.84 14.18 22.60
CA LEU E 246 -12.02 14.98 22.33
C LEU E 246 -13.28 14.33 22.85
N GLY E 247 -13.21 13.09 23.31
CA GLY E 247 -14.34 12.45 23.96
C GLY E 247 -14.84 11.17 23.30
N PHE E 248 -14.37 10.78 22.12
CA PHE E 248 -14.79 9.51 21.56
C PHE E 248 -14.08 8.36 22.28
N ARG E 249 -14.78 7.23 22.38
CA ARG E 249 -14.18 6.01 22.93
C ARG E 249 -13.42 5.22 21.87
N TYR E 250 -14.01 5.07 20.67
CA TYR E 250 -13.41 4.31 19.59
C TYR E 250 -13.30 5.21 18.37
N VAL E 251 -12.14 5.18 17.72
CA VAL E 251 -11.87 6.00 16.57
C VAL E 251 -11.62 5.07 15.39
N THR E 252 -12.48 5.15 14.38
CA THR E 252 -12.51 4.20 13.30
C THR E 252 -12.55 4.92 11.95
N LEU E 253 -12.16 4.20 10.91
CA LEU E 253 -12.16 4.67 9.53
C LEU E 253 -13.20 3.88 8.75
N ASP E 254 -14.14 4.57 8.13
CA ASP E 254 -15.14 3.89 7.30
C ASP E 254 -14.47 3.30 6.06
N LEU E 255 -14.59 1.97 5.89
CA LEU E 255 -13.93 1.34 4.77
C LEU E 255 -14.53 1.74 3.43
N GLY E 256 -15.78 2.23 3.41
CA GLY E 256 -16.37 2.68 2.17
C GLY E 256 -15.89 4.05 1.72
N GLY E 257 -15.26 4.81 2.62
CA GLY E 257 -14.75 6.14 2.32
C GLY E 257 -15.86 7.20 2.20
N PHE E 258 -15.43 8.40 1.82
CA PHE E 258 -16.34 9.53 1.61
C PHE E 258 -17.05 9.38 0.27
N ARG E 259 -18.37 9.57 0.26
CA ARG E 259 -19.19 9.43 -0.95
C ARG E 259 -19.09 8.01 -1.50
N SER E 260 -19.22 7.04 -0.60
CA SER E 260 -19.20 5.62 -0.92
C SER E 260 -20.01 5.31 -2.17
N GLY E 261 -19.40 4.59 -3.10
CA GLY E 261 -20.06 4.07 -4.27
C GLY E 261 -19.81 4.86 -5.53
N ARG E 262 -19.58 6.20 -5.43
CA ARG E 262 -19.45 7.00 -6.64
C ARG E 262 -18.32 6.52 -7.56
N MET E 263 -17.32 5.82 -7.03
CA MET E 263 -16.15 5.41 -7.81
C MET E 263 -16.12 3.93 -8.17
N ASN E 264 -17.08 3.15 -7.69
CA ASN E 264 -17.10 1.72 -7.92
C ASN E 264 -17.40 1.38 -9.38
N ASP E 265 -16.95 0.20 -9.79
CA ASP E 265 -17.38 -0.42 -11.03
C ASP E 265 -18.91 -0.55 -11.04
N THR E 266 -19.46 -0.76 -12.24
CA THR E 266 -20.91 -0.60 -12.43
C THR E 266 -21.70 -1.55 -11.53
N LEU E 267 -21.27 -2.82 -11.42
CA LEU E 267 -21.97 -3.79 -10.59
C LEU E 267 -22.00 -3.36 -9.13
N THR E 268 -20.84 -3.07 -8.55
CA THR E 268 -20.79 -2.82 -7.11
C THR E 268 -21.35 -1.44 -6.76
N LYS E 269 -21.31 -0.48 -7.67
CA LYS E 269 -22.03 0.77 -7.44
C LYS E 269 -23.53 0.49 -7.26
N ALA E 270 -24.09 -0.38 -8.12
CA ALA E 270 -25.47 -0.81 -7.95
C ALA E 270 -25.68 -1.53 -6.63
N GLN E 271 -24.73 -2.37 -6.21
CA GLN E 271 -24.89 -3.09 -4.94
C GLN E 271 -24.94 -2.13 -3.75
N LEU E 272 -23.99 -1.18 -3.69
CA LEU E 272 -23.94 -0.23 -2.58
C LEU E 272 -25.12 0.72 -2.59
N ALA E 273 -25.68 0.99 -3.78
CA ALA E 273 -26.89 1.79 -3.85
C ALA E 273 -28.07 1.03 -3.24
N THR E 274 -28.04 -0.30 -3.33
CA THR E 274 -29.06 -1.10 -2.66
C THR E 274 -28.87 -1.03 -1.15
N PHE E 275 -27.63 -1.20 -0.67
CA PHE E 275 -27.35 -1.17 0.76
C PHE E 275 -27.80 0.16 1.36
N ALA E 276 -27.36 1.28 0.77
CA ALA E 276 -27.74 2.59 1.29
C ALA E 276 -29.25 2.76 1.33
N ALA E 277 -29.95 2.31 0.29
CA ALA E 277 -31.41 2.45 0.24
C ALA E 277 -32.12 1.62 1.30
N SER E 278 -31.45 0.58 1.83
CA SER E 278 -32.07 -0.30 2.83
C SER E 278 -32.24 0.38 4.19
N TRP E 279 -31.52 1.49 4.45
CA TRP E 279 -31.60 2.24 5.69
C TRP E 279 -32.42 3.51 5.60
N SER E 280 -32.91 3.87 4.41
CA SER E 280 -33.78 5.04 4.23
C SER E 280 -35.17 4.78 4.80
N ALA F 2 12.06 41.24 -32.66
CA ALA F 2 12.48 40.34 -31.59
C ALA F 2 11.45 40.32 -30.46
N THR F 3 10.90 41.50 -30.17
CA THR F 3 9.90 41.68 -29.13
C THR F 3 8.57 41.01 -29.48
N LEU F 4 7.76 40.81 -28.44
CA LEU F 4 6.41 40.33 -28.63
C LEU F 4 5.61 41.23 -29.55
N ALA F 5 5.79 42.56 -29.43
CA ALA F 5 5.03 43.48 -30.28
C ALA F 5 5.35 43.25 -31.75
N THR F 6 6.62 43.04 -32.09
CA THR F 6 6.97 42.74 -33.48
C THR F 6 6.38 41.40 -33.91
N LYS F 7 6.40 40.39 -33.03
CA LYS F 7 5.79 39.11 -33.38
C LYS F 7 4.28 39.26 -33.56
N LYS F 8 3.62 39.99 -32.67
CA LYS F 8 2.18 40.18 -32.81
C LYS F 8 1.88 40.89 -34.12
N ALA F 9 2.69 41.88 -34.47
CA ALA F 9 2.45 42.63 -35.69
C ALA F 9 2.57 41.76 -36.92
N THR F 10 3.57 40.87 -36.94
CA THR F 10 3.70 39.92 -38.03
C THR F 10 2.45 39.06 -38.16
N LEU F 11 1.91 38.62 -37.02
CA LEU F 11 0.70 37.81 -37.01
C LEU F 11 -0.51 38.62 -37.49
N VAL F 12 -0.65 39.86 -37.01
CA VAL F 12 -1.75 40.72 -37.44
C VAL F 12 -1.70 40.95 -38.95
N ALA F 13 -0.52 41.32 -39.47
CA ALA F 13 -0.44 41.61 -40.90
C ALA F 13 -0.70 40.36 -41.73
N ALA F 14 -0.25 39.19 -41.25
CA ALA F 14 -0.51 37.97 -42.01
C ALA F 14 -2.00 37.70 -42.10
N LEU F 15 -2.72 37.87 -40.99
CA LEU F 15 -4.17 37.68 -40.99
C LEU F 15 -4.87 38.69 -41.92
N LYS F 16 -4.53 39.98 -41.79
CA LYS F 16 -5.15 41.00 -42.64
C LYS F 16 -4.99 40.66 -44.10
N ASP F 17 -3.80 40.21 -44.50
CA ASP F 17 -3.57 39.84 -45.88
C ASP F 17 -4.46 38.69 -46.31
N LEU F 18 -4.74 37.73 -45.41
CA LEU F 18 -5.52 36.56 -45.81
C LEU F 18 -7.02 36.84 -45.90
N GLN F 19 -7.56 37.68 -45.01
CA GLN F 19 -8.90 38.27 -45.10
C GLN F 19 -10.01 37.31 -44.65
N ARG F 20 -10.00 36.06 -45.09
CA ARG F 20 -10.98 35.08 -44.61
C ARG F 20 -10.26 33.75 -44.40
N VAL F 21 -10.41 33.16 -43.20
CA VAL F 21 -9.63 31.99 -42.80
C VAL F 21 -10.52 30.91 -42.19
N THR F 22 -10.04 29.68 -42.29
CA THR F 22 -10.57 28.52 -41.59
C THR F 22 -9.51 28.09 -40.57
N VAL F 23 -9.92 27.94 -39.31
CA VAL F 23 -8.98 27.70 -38.20
C VAL F 23 -9.17 26.29 -37.71
N ALA F 24 -8.12 25.49 -37.77
CA ALA F 24 -8.13 24.18 -37.11
C ALA F 24 -8.05 24.40 -35.60
N PHE F 25 -9.17 24.23 -34.90
CA PHE F 25 -9.27 24.60 -33.48
C PHE F 25 -9.39 23.34 -32.62
N SER F 26 -8.42 23.16 -31.73
CA SER F 26 -8.39 22.03 -30.80
C SER F 26 -8.71 22.41 -29.36
N GLY F 27 -8.74 23.70 -29.03
CA GLY F 27 -8.90 24.12 -27.66
C GLY F 27 -7.61 24.34 -26.90
N GLY F 28 -6.47 24.01 -27.48
CA GLY F 28 -5.20 24.32 -26.84
C GLY F 28 -4.98 25.82 -26.80
N ILE F 29 -3.99 26.23 -25.99
CA ILE F 29 -3.72 27.67 -25.90
C ILE F 29 -3.30 28.24 -27.25
N ASP F 30 -2.58 27.45 -28.06
CA ASP F 30 -2.04 27.97 -29.32
C ASP F 30 -3.15 28.29 -30.30
N SER F 31 -4.02 27.31 -30.57
CA SER F 31 -5.11 27.56 -31.49
C SER F 31 -6.14 28.50 -30.88
N THR F 32 -6.22 28.57 -29.54
CA THR F 32 -7.04 29.61 -28.93
C THR F 32 -6.51 30.98 -29.26
N LEU F 33 -5.20 31.15 -29.20
CA LEU F 33 -4.60 32.45 -29.55
C LEU F 33 -4.84 32.78 -31.02
N VAL F 34 -4.67 31.80 -31.93
CA VAL F 34 -4.90 32.05 -33.35
C VAL F 34 -6.36 32.43 -33.58
N LEU F 35 -7.27 31.69 -32.96
CA LEU F 35 -8.69 31.97 -33.18
C LEU F 35 -9.07 33.35 -32.67
N LYS F 36 -8.61 33.72 -31.47
CA LYS F 36 -8.88 35.06 -30.94
C LYS F 36 -8.31 36.15 -31.85
N MET F 37 -7.04 36.02 -32.26
CA MET F 37 -6.46 37.03 -33.15
C MET F 37 -7.23 37.11 -34.46
N ALA F 38 -7.59 35.95 -35.04
CA ALA F 38 -8.37 35.94 -36.28
C ALA F 38 -9.71 36.65 -36.09
N LEU F 39 -10.40 36.41 -34.97
CA LEU F 39 -11.68 37.09 -34.72
C LEU F 39 -11.48 38.59 -34.59
N ASP F 40 -10.47 39.00 -33.83
CA ASP F 40 -10.25 40.42 -33.58
C ASP F 40 -9.81 41.13 -34.85
N VAL F 41 -9.04 40.46 -35.70
CA VAL F 41 -8.54 41.15 -36.89
C VAL F 41 -9.55 41.05 -38.03
N LEU F 42 -10.24 39.93 -38.20
CA LEU F 42 -11.06 39.74 -39.41
C LEU F 42 -12.56 39.83 -39.20
N GLY F 43 -13.06 39.61 -37.98
CA GLY F 43 -14.49 39.64 -37.72
C GLY F 43 -15.11 38.26 -37.83
N ARG F 44 -16.21 38.07 -37.08
CA ARG F 44 -16.74 36.72 -36.90
C ARG F 44 -17.21 36.08 -38.20
N ASP F 45 -17.74 36.86 -39.15
CA ASP F 45 -18.19 36.27 -40.41
C ASP F 45 -17.05 35.86 -41.33
N ASN F 46 -15.81 36.24 -41.02
CA ASN F 46 -14.68 35.89 -41.88
C ASN F 46 -13.83 34.77 -41.31
N VAL F 47 -14.29 34.11 -40.26
CA VAL F 47 -13.54 33.07 -39.58
C VAL F 47 -14.44 31.88 -39.36
N THR F 48 -13.98 30.69 -39.76
CA THR F 48 -14.67 29.45 -39.43
C THR F 48 -13.75 28.62 -38.56
N ALA F 49 -14.18 28.34 -37.35
CA ALA F 49 -13.43 27.45 -36.48
C ALA F 49 -13.93 26.05 -36.76
N VAL F 50 -13.01 25.14 -36.97
CA VAL F 50 -13.32 23.75 -37.29
C VAL F 50 -12.69 22.87 -36.21
N VAL F 51 -13.51 22.02 -35.59
CA VAL F 51 -13.07 21.00 -34.63
C VAL F 51 -13.36 19.62 -35.25
N ALA F 52 -12.34 18.78 -35.37
CA ALA F 52 -12.50 17.46 -35.95
C ALA F 52 -12.84 16.42 -34.89
N ASN F 53 -13.94 15.69 -35.10
CA ASN F 53 -14.25 14.51 -34.32
C ASN F 53 -13.72 13.30 -35.05
N SER F 54 -13.27 12.31 -34.28
CA SER F 54 -12.72 11.11 -34.90
C SER F 54 -12.64 9.99 -33.87
N GLU F 55 -12.30 8.80 -34.38
CA GLU F 55 -12.20 7.62 -33.53
C GLU F 55 -10.93 7.60 -32.69
N LEU F 56 -9.93 8.43 -33.01
CA LEU F 56 -8.66 8.38 -32.31
C LEU F 56 -8.60 9.35 -31.14
N PHE F 57 -9.63 10.18 -30.97
CA PHE F 57 -9.70 11.17 -29.90
C PHE F 57 -11.08 11.09 -29.26
N THR F 58 -11.15 11.48 -27.99
CA THR F 58 -12.34 11.30 -27.17
C THR F 58 -13.45 12.31 -27.48
N ASP F 59 -14.69 11.87 -27.29
CA ASP F 59 -15.82 12.79 -27.37
C ASP F 59 -15.69 13.93 -26.38
N GLU F 60 -15.07 13.69 -25.22
CA GLU F 60 -14.95 14.77 -24.25
C GLU F 60 -14.08 15.91 -24.79
N GLU F 61 -12.96 15.58 -25.44
CA GLU F 61 -12.11 16.65 -25.98
C GLU F 61 -12.78 17.36 -27.14
N PHE F 62 -13.57 16.64 -27.93
CA PHE F 62 -14.33 17.27 -28.99
C PHE F 62 -15.34 18.27 -28.41
N ASP F 63 -16.12 17.82 -27.42
CA ASP F 63 -17.15 18.67 -26.84
C ASP F 63 -16.53 19.90 -26.18
N LYS F 64 -15.39 19.72 -25.50
CA LYS F 64 -14.73 20.86 -24.87
C LYS F 64 -14.27 21.87 -25.92
N ALA F 65 -13.70 21.40 -27.03
CA ALA F 65 -13.23 22.34 -28.04
C ALA F 65 -14.39 23.09 -28.68
N MET F 66 -15.50 22.39 -28.94
CA MET F 66 -16.66 23.05 -29.52
C MET F 66 -17.17 24.15 -28.61
N SER F 67 -17.23 23.86 -27.30
CA SER F 67 -17.75 24.84 -26.36
C SER F 67 -16.78 26.02 -26.22
N LEU F 68 -15.48 25.77 -26.27
CA LEU F 68 -14.49 26.85 -26.14
C LEU F 68 -14.53 27.78 -27.35
N ALA F 69 -14.68 27.22 -28.55
CA ALA F 69 -14.79 28.07 -29.73
C ALA F 69 -16.04 28.93 -29.62
N GLU F 70 -17.14 28.31 -29.18
CA GLU F 70 -18.38 29.06 -28.94
C GLU F 70 -18.15 30.16 -27.93
N GLU F 71 -17.46 29.85 -26.83
CA GLU F 71 -17.21 30.85 -25.79
C GLU F 71 -16.38 32.02 -26.30
N LEU F 72 -15.43 31.76 -27.20
CA LEU F 72 -14.63 32.86 -27.73
C LEU F 72 -15.39 33.77 -28.67
N GLY F 73 -16.57 33.36 -29.13
CA GLY F 73 -17.35 34.16 -30.05
C GLY F 73 -17.19 33.78 -31.51
N ALA F 74 -16.71 32.58 -31.82
CA ALA F 74 -16.52 32.13 -33.20
C ALA F 74 -17.70 31.32 -33.69
N ASN F 75 -17.98 31.42 -34.99
CA ASN F 75 -18.77 30.39 -35.66
C ASN F 75 -17.91 29.13 -35.75
N VAL F 76 -18.42 28.03 -35.20
CA VAL F 76 -17.66 26.79 -35.07
C VAL F 76 -18.47 25.67 -35.72
N GLN F 77 -17.77 24.77 -36.42
CA GLN F 77 -18.39 23.63 -37.08
C GLN F 77 -17.56 22.39 -36.80
N GLY F 78 -18.22 21.32 -36.37
CA GLY F 78 -17.54 20.05 -36.21
C GLY F 78 -17.52 19.29 -37.52
N THR F 79 -16.43 18.54 -37.75
CA THR F 79 -16.34 17.68 -38.92
C THR F 79 -15.84 16.32 -38.46
N THR F 80 -16.38 15.27 -39.04
CA THR F 80 -16.04 13.93 -38.60
C THR F 80 -15.10 13.30 -39.59
N LEU F 81 -13.93 12.86 -39.11
CA LEU F 81 -12.96 12.13 -39.92
C LEU F 81 -13.10 10.64 -39.64
N ASP F 82 -12.96 9.84 -40.69
CA ASP F 82 -13.03 8.38 -40.62
C ASP F 82 -11.61 7.81 -40.83
N TYR F 83 -10.78 7.96 -39.80
CA TYR F 83 -9.36 7.62 -39.90
C TYR F 83 -9.17 6.14 -40.20
N LEU F 84 -10.04 5.28 -39.66
CA LEU F 84 -9.89 3.84 -39.81
C LEU F 84 -10.11 3.38 -41.25
N SER F 85 -10.57 4.27 -42.13
CA SER F 85 -10.70 3.94 -43.54
C SER F 85 -9.36 3.92 -44.28
N ASP F 86 -8.30 4.46 -43.68
CA ASP F 86 -6.96 4.37 -44.24
C ASP F 86 -6.25 3.17 -43.64
N ASP F 87 -5.76 2.27 -44.50
CA ASP F 87 -5.14 1.05 -44.05
C ASP F 87 -3.86 1.31 -43.24
N HIS F 88 -3.15 2.41 -43.52
CA HIS F 88 -1.97 2.72 -42.73
C HIS F 88 -2.36 3.01 -41.28
N ILE F 89 -3.46 3.74 -41.10
CA ILE F 89 -3.93 4.03 -39.76
C ILE F 89 -4.56 2.79 -39.14
N LYS F 90 -5.36 2.08 -39.92
CA LYS F 90 -6.04 0.89 -39.43
C LYS F 90 -5.03 -0.14 -38.92
N ASN F 91 -3.92 -0.32 -39.63
CA ASN F 91 -2.92 -1.32 -39.27
C ASN F 91 -1.81 -0.77 -38.39
N ASN F 92 -1.86 0.51 -38.05
CA ASN F 92 -0.97 1.16 -37.11
C ASN F 92 0.49 0.89 -37.47
N THR F 93 0.89 1.42 -38.62
CA THR F 93 2.29 1.31 -38.98
C THR F 93 3.03 2.46 -38.32
N PRO F 94 4.36 2.40 -38.26
CA PRO F 94 5.10 3.56 -37.74
C PRO F 94 4.85 4.84 -38.55
N ASP F 95 4.30 4.72 -39.76
CA ASP F 95 3.96 5.87 -40.60
C ASP F 95 2.53 6.35 -40.45
N SER F 96 1.73 5.72 -39.59
CA SER F 96 0.30 6.03 -39.52
C SER F 96 0.03 7.49 -39.17
N TRP F 97 0.83 8.08 -38.28
CA TRP F 97 0.64 9.48 -37.92
C TRP F 97 0.56 10.37 -39.14
N TYR F 98 1.41 10.10 -40.14
CA TYR F 98 1.48 10.97 -41.31
C TYR F 98 0.20 10.90 -42.14
N TYR F 99 -0.35 9.70 -42.29
CA TYR F 99 -1.57 9.53 -43.07
C TYR F 99 -2.78 10.11 -42.36
N ALA F 100 -2.82 10.04 -41.02
CA ALA F 100 -3.88 10.72 -40.29
C ALA F 100 -3.78 12.23 -40.50
N LYS F 101 -2.57 12.77 -40.40
CA LYS F 101 -2.36 14.18 -40.66
C LYS F 101 -2.76 14.54 -42.10
N LYS F 102 -2.49 13.65 -43.06
CA LYS F 102 -2.87 13.88 -44.45
C LYS F 102 -4.37 14.05 -44.59
N MET F 103 -5.13 13.12 -44.01
CA MET F 103 -6.58 13.15 -44.11
C MET F 103 -7.17 14.35 -43.38
N PHE F 104 -6.56 14.71 -42.24
CA PHE F 104 -6.99 15.89 -41.48
C PHE F 104 -6.89 17.15 -42.32
N TYR F 105 -5.71 17.41 -42.89
CA TYR F 105 -5.53 18.67 -43.62
C TYR F 105 -6.31 18.66 -44.93
N SER F 106 -6.55 17.49 -45.52
CA SER F 106 -7.37 17.42 -46.73
C SER F 106 -8.80 17.83 -46.44
N ARG F 107 -9.35 17.35 -45.32
CA ARG F 107 -10.71 17.72 -44.93
C ARG F 107 -10.83 19.22 -44.67
N LEU F 108 -9.89 19.78 -43.91
CA LEU F 108 -9.96 21.21 -43.63
C LEU F 108 -9.79 22.02 -44.90
N ASN F 109 -8.98 21.54 -45.86
CA ASN F 109 -8.88 22.20 -47.16
C ASN F 109 -10.21 22.18 -47.89
N ASP F 110 -10.93 21.04 -47.84
CA ASP F 110 -12.23 20.97 -48.49
C ASP F 110 -13.19 21.98 -47.90
N ILE F 111 -13.20 22.09 -46.58
CA ILE F 111 -14.07 23.04 -45.91
C ILE F 111 -13.71 24.45 -46.32
N ALA F 112 -12.40 24.76 -46.33
CA ALA F 112 -11.95 26.10 -46.65
C ALA F 112 -12.26 26.43 -48.11
N ALA F 113 -12.11 25.45 -49.02
CA ALA F 113 -12.46 25.70 -50.40
C ALA F 113 -13.94 26.03 -50.54
N ASN F 114 -14.78 25.41 -49.72
CA ASN F 114 -16.22 25.58 -49.81
C ASN F 114 -16.75 26.86 -49.15
N ASN F 115 -16.03 27.44 -48.17
CA ASN F 115 -16.49 28.67 -47.54
C ASN F 115 -15.70 29.90 -47.99
N GLY F 116 -14.85 29.76 -48.99
CA GLY F 116 -14.16 30.92 -49.51
C GLY F 116 -12.98 31.34 -48.68
N SER F 117 -12.47 30.47 -47.81
CA SER F 117 -11.30 30.84 -47.05
C SER F 117 -10.06 30.86 -47.95
N ALA F 118 -9.14 31.77 -47.64
CA ALA F 118 -7.86 31.85 -48.32
C ALA F 118 -6.83 30.91 -47.73
N ALA F 119 -7.04 30.41 -46.51
CA ALA F 119 -6.08 29.45 -45.95
C ALA F 119 -6.71 28.72 -44.79
N VAL F 120 -6.15 27.54 -44.52
CA VAL F 120 -6.33 26.84 -43.26
C VAL F 120 -5.20 27.25 -42.34
N LEU F 121 -5.55 27.60 -41.10
CA LEU F 121 -4.60 27.97 -40.05
C LEU F 121 -4.65 26.94 -38.94
N ASP F 122 -3.49 26.61 -38.39
CA ASP F 122 -3.41 25.78 -37.20
C ASP F 122 -2.56 26.49 -36.15
N GLY F 123 -2.41 25.83 -34.99
CA GLY F 123 -1.70 26.46 -33.90
C GLY F 123 -0.25 26.06 -33.70
N MET F 124 0.43 25.61 -34.75
CA MET F 124 1.83 25.19 -34.60
C MET F 124 2.70 26.40 -34.29
N ILE F 125 3.68 26.23 -33.42
CA ILE F 125 4.56 27.32 -33.02
C ILE F 125 6.01 26.95 -33.31
N LYS F 126 6.93 27.88 -33.04
CA LYS F 126 8.35 27.55 -32.98
C LYS F 126 8.66 26.79 -31.70
N ASN F 127 9.30 25.62 -31.81
CA ASN F 127 9.67 24.79 -30.65
C ASN F 127 11.03 25.17 -30.06
N PRO F 134 10.08 17.40 -40.26
CA PRO F 134 9.67 16.64 -39.07
C PRO F 134 8.26 16.08 -39.20
N GLY F 135 7.45 16.22 -38.15
CA GLY F 135 6.05 15.85 -38.22
C GLY F 135 5.16 16.82 -38.98
N LEU F 136 5.71 17.96 -39.41
CA LEU F 136 4.93 18.98 -40.11
C LEU F 136 4.86 18.75 -41.62
N LYS F 137 5.27 17.57 -42.09
CA LYS F 137 5.22 17.27 -43.52
C LYS F 137 3.80 17.41 -44.06
N ALA F 138 2.82 16.83 -43.36
CA ALA F 138 1.47 16.80 -43.89
C ALA F 138 0.89 18.21 -44.02
N ARG F 139 1.14 19.07 -43.03
CA ARG F 139 0.63 20.43 -43.10
C ARG F 139 1.18 21.17 -44.31
N SER F 140 2.51 21.17 -44.46
CA SER F 140 3.14 21.89 -45.56
C SER F 140 2.66 21.40 -46.92
N GLU F 141 2.45 20.08 -47.06
CA GLU F 141 2.01 19.50 -48.32
C GLU F 141 0.61 19.96 -48.71
N ALA F 142 -0.24 20.24 -47.73
CA ALA F 142 -1.60 20.72 -47.99
C ALA F 142 -1.71 22.23 -48.05
N GLY F 143 -0.67 22.97 -47.69
CA GLY F 143 -0.71 24.42 -47.76
C GLY F 143 -1.26 25.12 -46.55
N ALA F 144 -1.45 24.41 -45.44
CA ALA F 144 -1.91 25.01 -44.20
C ALA F 144 -0.81 25.89 -43.58
N ARG F 145 -1.21 27.04 -43.05
CA ARG F 145 -0.29 28.03 -42.51
C ARG F 145 -0.31 27.97 -40.98
N SER F 146 0.87 27.95 -40.38
CA SER F 146 1.04 28.03 -38.93
C SER F 146 1.53 29.45 -38.65
N LEU F 147 0.61 30.41 -38.46
CA LEU F 147 1.07 31.79 -38.41
C LEU F 147 1.88 32.08 -37.17
N LEU F 148 1.63 31.37 -36.07
CA LEU F 148 2.44 31.59 -34.89
C LEU F 148 3.89 31.20 -35.16
N GLN F 149 4.08 30.09 -35.89
CA GLN F 149 5.43 29.65 -36.25
C GLN F 149 6.08 30.64 -37.20
N GLU F 150 5.33 31.10 -38.20
CA GLU F 150 5.85 32.09 -39.13
C GLU F 150 6.27 33.37 -38.39
N ALA F 151 5.52 33.76 -37.37
CA ALA F 151 5.85 34.94 -36.59
C ALA F 151 6.82 34.66 -35.46
N ASP F 152 7.42 33.47 -35.42
CA ASP F 152 8.48 33.13 -34.47
C ASP F 152 7.99 33.14 -33.02
N PHE F 153 6.74 32.77 -32.82
CA PHE F 153 6.19 32.69 -31.47
C PHE F 153 6.78 31.45 -30.80
N PHE F 154 7.47 31.63 -29.69
CA PHE F 154 7.71 30.48 -28.84
C PHE F 154 6.62 30.43 -27.78
N LYS F 155 6.65 29.35 -26.99
CA LYS F 155 5.59 29.09 -26.02
C LYS F 155 5.46 30.24 -25.04
N THR F 156 6.59 30.83 -24.67
CA THR F 156 6.58 31.96 -23.77
C THR F 156 5.88 33.17 -24.39
N ASP F 157 6.01 33.36 -25.71
CA ASP F 157 5.32 34.46 -26.36
C ASP F 157 3.82 34.19 -26.45
N VAL F 158 3.43 32.93 -26.65
CA VAL F 158 2.02 32.58 -26.66
C VAL F 158 1.38 32.95 -25.32
N ARG F 159 2.01 32.54 -24.21
CA ARG F 159 1.47 32.91 -22.90
C ARG F 159 1.46 34.42 -22.73
N ALA F 160 2.52 35.08 -23.17
CA ALA F 160 2.59 36.53 -23.02
C ALA F 160 1.43 37.19 -23.75
N LEU F 161 1.21 36.79 -25.00
CA LEU F 161 0.14 37.42 -25.79
C LEU F 161 -1.23 37.05 -25.23
N ALA F 162 -1.39 35.80 -24.80
CA ALA F 162 -2.65 35.39 -24.21
C ALA F 162 -2.97 36.25 -23.00
N GLN F 163 -1.97 36.47 -22.15
CA GLN F 163 -2.18 37.32 -20.99
C GLN F 163 -2.57 38.73 -21.40
N GLU F 164 -1.88 39.32 -22.36
CA GLU F 164 -2.19 40.68 -22.77
C GLU F 164 -3.58 40.77 -23.38
N LEU F 165 -4.02 39.72 -24.09
CA LEU F 165 -5.36 39.71 -24.66
C LEU F 165 -6.44 39.30 -23.66
N GLY F 166 -6.08 38.90 -22.45
CA GLY F 166 -7.09 38.50 -21.49
C GLY F 166 -7.64 37.10 -21.69
N LEU F 167 -6.96 36.26 -22.48
CA LEU F 167 -7.31 34.86 -22.60
C LEU F 167 -6.78 34.09 -21.39
N THR F 168 -7.69 33.46 -20.65
CA THR F 168 -7.33 32.60 -19.54
C THR F 168 -7.90 31.17 -19.63
N ASN F 169 -8.77 30.88 -20.59
CA ASN F 169 -9.51 29.63 -20.64
C ASN F 169 -9.09 28.88 -21.90
N TRP F 170 -8.57 27.67 -21.71
CA TRP F 170 -8.24 26.77 -22.80
C TRP F 170 -8.12 25.37 -22.21
N ASN F 171 -7.92 24.39 -23.07
CA ASN F 171 -7.79 23.00 -22.64
C ASN F 171 -6.37 22.75 -22.15
N LYS F 172 -6.23 22.52 -20.85
CA LYS F 172 -4.95 22.26 -20.21
C LYS F 172 -4.47 20.83 -20.39
N VAL F 173 -5.32 19.93 -20.88
CA VAL F 173 -4.97 18.52 -21.06
C VAL F 173 -4.74 18.29 -22.55
N ALA F 174 -3.46 18.20 -22.93
CA ALA F 174 -3.08 17.99 -24.32
C ALA F 174 -3.47 16.58 -24.78
N SER F 175 -4.19 16.49 -25.90
CA SER F 175 -4.66 15.21 -26.39
C SER F 175 -3.52 14.37 -26.97
N CYS F 176 -3.67 13.05 -26.89
CA CYS F 176 -2.69 12.14 -27.43
CA CYS F 176 -2.69 12.11 -27.42
C CYS F 176 -3.43 11.01 -28.14
N SER F 177 -3.18 10.86 -29.44
CA SER F 177 -3.87 9.88 -30.27
C SER F 177 -3.88 8.51 -29.60
N VAL F 178 -5.06 7.88 -29.59
CA VAL F 178 -5.22 6.55 -28.99
C VAL F 178 -4.37 5.49 -29.69
N SER F 179 -3.88 5.80 -30.90
CA SER F 179 -3.03 4.86 -31.62
C SER F 179 -1.84 4.44 -30.76
N SER F 180 -1.39 5.33 -29.87
CA SER F 180 -0.25 5.07 -29.02
C SER F 180 -0.52 3.98 -27.99
N ARG F 181 -1.78 3.55 -27.80
CA ARG F 181 -2.08 2.47 -26.86
C ARG F 181 -1.96 1.10 -27.50
N PHE F 182 -1.69 1.04 -28.80
CA PHE F 182 -1.64 -0.18 -29.60
C PHE F 182 -0.24 -0.39 -30.14
N PRO F 183 0.30 -1.62 -30.05
CA PRO F 183 1.61 -1.89 -30.64
C PRO F 183 1.55 -1.68 -32.15
N TYR F 184 2.69 -1.29 -32.73
CA TYR F 184 2.80 -1.21 -34.17
C TYR F 184 2.42 -2.55 -34.79
N GLY F 185 1.73 -2.52 -35.93
CA GLY F 185 1.29 -3.74 -36.58
C GLY F 185 0.01 -4.33 -36.03
N THR F 186 -0.48 -3.83 -34.89
CA THR F 186 -1.77 -4.24 -34.34
C THR F 186 -2.90 -3.50 -35.06
N THR F 187 -3.96 -4.22 -35.41
CA THR F 187 -5.10 -3.62 -36.10
C THR F 187 -6.03 -2.94 -35.11
N LEU F 188 -6.24 -1.62 -35.29
CA LEU F 188 -7.25 -0.92 -34.51
C LEU F 188 -8.63 -1.17 -35.10
N THR F 189 -9.60 -1.35 -34.22
CA THR F 189 -10.99 -1.53 -34.58
C THR F 189 -11.84 -0.56 -33.77
N HIS F 190 -13.07 -0.38 -34.22
CA HIS F 190 -14.02 0.44 -33.47
C HIS F 190 -14.17 -0.10 -32.05
N ASP F 191 -14.24 -1.42 -31.90
CA ASP F 191 -14.45 -2.05 -30.60
C ASP F 191 -13.26 -1.86 -29.66
N ASN F 192 -12.04 -2.17 -30.12
CA ASN F 192 -10.93 -2.12 -29.17
C ASN F 192 -10.50 -0.68 -28.88
N ILE F 193 -10.70 0.24 -29.82
CA ILE F 193 -10.47 1.66 -29.50
C ILE F 193 -11.40 2.09 -28.36
N ALA F 194 -12.69 1.80 -28.53
CA ALA F 194 -13.66 2.19 -27.50
C ALA F 194 -13.36 1.51 -26.17
N GLN F 195 -12.88 0.28 -26.21
CA GLN F 195 -12.53 -0.39 -24.96
C GLN F 195 -11.33 0.31 -24.30
N VAL F 196 -10.34 0.72 -25.08
CA VAL F 196 -9.23 1.47 -24.48
C VAL F 196 -9.74 2.81 -23.91
N MET F 197 -10.53 3.58 -24.68
CA MET F 197 -10.99 4.86 -24.15
C MET F 197 -11.88 4.69 -22.93
N ALA F 198 -12.77 3.70 -22.94
CA ALA F 198 -13.64 3.51 -21.78
C ALA F 198 -12.82 3.11 -20.55
N ALA F 199 -11.78 2.30 -20.74
CA ALA F 199 -10.93 1.92 -19.61
C ALA F 199 -10.19 3.14 -19.05
N GLU F 200 -9.62 3.96 -19.93
CA GLU F 200 -8.91 5.15 -19.46
C GLU F 200 -9.86 6.13 -18.80
N LYS F 201 -11.08 6.29 -19.35
CA LYS F 201 -12.03 7.21 -18.73
C LYS F 201 -12.36 6.78 -17.31
N TYR F 202 -12.51 5.48 -17.07
CA TYR F 202 -12.76 5.01 -15.71
C TYR F 202 -11.61 5.35 -14.78
N LEU F 203 -10.38 5.09 -15.21
CA LEU F 203 -9.20 5.34 -14.38
C LEU F 203 -9.04 6.83 -14.07
N ARG F 204 -9.30 7.70 -15.03
CA ARG F 204 -9.26 9.12 -14.76
C ARG F 204 -10.30 9.52 -13.72
N SER F 205 -11.50 8.92 -13.80
CA SER F 205 -12.57 9.25 -12.87
C SER F 205 -12.22 8.86 -11.45
N LEU F 206 -11.24 7.97 -11.27
CA LEU F 206 -10.76 7.59 -9.96
C LEU F 206 -9.75 8.59 -9.36
N GLY F 207 -9.35 9.63 -10.09
CA GLY F 207 -8.36 10.56 -9.60
C GLY F 207 -6.96 10.38 -10.18
N PHE F 208 -6.84 9.69 -11.32
CA PHE F 208 -5.56 9.48 -11.99
C PHE F 208 -5.65 10.13 -13.36
N PRO F 209 -5.43 11.45 -13.44
CA PRO F 209 -5.58 12.15 -14.74
C PRO F 209 -4.52 11.78 -15.75
N THR F 210 -3.37 11.29 -15.31
CA THR F 210 -2.30 10.86 -16.20
C THR F 210 -2.25 9.35 -16.18
N VAL F 211 -2.67 8.74 -17.29
CA VAL F 211 -2.82 7.29 -17.34
C VAL F 211 -2.85 6.85 -18.80
N ARG F 212 -2.37 5.63 -19.04
CA ARG F 212 -2.55 4.94 -20.31
C ARG F 212 -3.00 3.53 -20.02
N VAL F 213 -3.98 3.05 -20.78
CA VAL F 213 -4.35 1.64 -20.80
C VAL F 213 -3.81 1.09 -22.11
N ARG F 214 -2.64 0.45 -22.06
CA ARG F 214 -2.05 -0.07 -23.29
C ARG F 214 -2.69 -1.41 -23.66
N PHE F 215 -3.01 -1.57 -24.95
CA PHE F 215 -3.78 -2.70 -25.47
C PHE F 215 -2.85 -3.80 -25.98
N HIS F 216 -2.93 -4.99 -25.37
CA HIS F 216 -2.15 -6.16 -25.78
C HIS F 216 -3.07 -7.37 -25.99
N ASN F 217 -4.02 -7.21 -26.91
CA ASN F 217 -5.05 -8.21 -27.18
C ASN F 217 -5.89 -8.53 -25.94
N ASP F 218 -5.69 -9.70 -25.34
CA ASP F 218 -6.50 -10.02 -24.17
C ASP F 218 -5.98 -9.38 -22.89
N ILE F 219 -4.87 -8.64 -22.96
CA ILE F 219 -4.25 -8.02 -21.80
C ILE F 219 -4.38 -6.52 -21.88
N ALA F 220 -4.81 -5.90 -20.77
CA ALA F 220 -4.68 -4.47 -20.55
C ALA F 220 -3.43 -4.25 -19.68
N ARG F 221 -2.59 -3.31 -20.09
CA ARG F 221 -1.38 -2.98 -19.32
C ARG F 221 -1.50 -1.51 -18.94
N ILE F 222 -1.72 -1.24 -17.65
CA ILE F 222 -1.98 0.13 -17.18
C ILE F 222 -0.65 0.79 -16.84
N GLU F 223 -0.43 2.00 -17.38
CA GLU F 223 0.72 2.82 -17.03
C GLU F 223 0.22 3.97 -16.18
N LEU F 224 0.78 4.08 -14.97
CA LEU F 224 0.52 5.15 -14.03
C LEU F 224 1.84 5.79 -13.61
N PRO F 225 1.86 7.09 -13.31
CA PRO F 225 3.05 7.65 -12.64
C PRO F 225 3.33 6.88 -11.36
N GLU F 226 4.60 6.53 -11.17
CA GLU F 226 4.94 5.59 -10.10
C GLU F 226 4.56 6.13 -8.72
N ALA F 227 4.64 7.45 -8.52
CA ALA F 227 4.28 8.00 -7.23
C ALA F 227 2.79 7.88 -6.92
N ARG F 228 1.95 7.48 -7.88
CA ARG F 228 0.53 7.25 -7.63
C ARG F 228 0.18 5.79 -7.34
N ILE F 229 1.11 4.85 -7.50
CA ILE F 229 0.73 3.43 -7.45
C ILE F 229 0.35 3.01 -6.03
N GLY F 230 1.01 3.55 -5.01
CA GLY F 230 0.63 3.20 -3.64
C GLY F 230 -0.81 3.53 -3.31
N ASP F 231 -1.29 4.71 -3.73
CA ASP F 231 -2.69 5.06 -3.52
C ASP F 231 -3.60 4.23 -4.40
N PHE F 232 -3.08 3.77 -5.53
CA PHE F 232 -3.92 3.08 -6.51
C PHE F 232 -4.43 1.76 -5.96
N LEU F 233 -3.72 1.17 -5.00
CA LEU F 233 -3.99 -0.20 -4.55
C LEU F 233 -5.44 -0.37 -4.09
N VAL F 234 -6.00 0.66 -3.45
CA VAL F 234 -7.37 0.58 -2.95
C VAL F 234 -8.37 0.28 -4.07
N PHE F 235 -8.02 0.55 -5.31
CA PHE F 235 -8.92 0.38 -6.44
C PHE F 235 -8.63 -0.88 -7.27
N ASN F 236 -7.61 -1.68 -6.91
CA ASN F 236 -7.18 -2.80 -7.75
C ASN F 236 -8.33 -3.65 -8.24
N ASP F 237 -9.16 -4.14 -7.31
CA ASP F 237 -10.21 -5.09 -7.67
C ASP F 237 -11.29 -4.43 -8.50
N ARG F 238 -11.67 -3.19 -8.15
CA ARG F 238 -12.69 -2.52 -8.95
C ARG F 238 -12.18 -2.27 -10.36
N VAL F 239 -10.90 -1.91 -10.49
CA VAL F 239 -10.33 -1.70 -11.81
C VAL F 239 -10.25 -3.01 -12.58
N ASN F 240 -9.83 -4.09 -11.91
CA ASN F 240 -9.75 -5.41 -12.55
C ASN F 240 -11.09 -5.81 -13.16
N ARG F 241 -12.16 -5.72 -12.38
CA ARG F 241 -13.46 -6.17 -12.85
C ARG F 241 -14.07 -5.20 -13.88
N GLN F 242 -13.92 -3.88 -13.67
CA GLN F 242 -14.42 -2.92 -14.67
C GLN F 242 -13.79 -3.19 -16.03
N LEU F 243 -12.46 -3.27 -16.07
CA LEU F 243 -11.80 -3.42 -17.36
C LEU F 243 -12.06 -4.80 -17.94
N GLN F 244 -12.29 -5.80 -17.09
CA GLN F 244 -12.72 -7.08 -17.65
C GLN F 244 -14.12 -6.98 -18.25
N SER F 245 -15.03 -6.22 -17.61
CA SER F 245 -16.36 -6.08 -18.22
C SER F 245 -16.30 -5.31 -19.53
N LEU F 246 -15.25 -4.52 -19.74
CA LEU F 246 -15.04 -3.86 -21.02
C LEU F 246 -14.47 -4.78 -22.09
N GLY F 247 -14.10 -6.02 -21.74
CA GLY F 247 -13.66 -6.99 -22.72
C GLY F 247 -12.25 -7.54 -22.52
N PHE F 248 -11.46 -7.01 -21.58
CA PHE F 248 -10.14 -7.57 -21.32
C PHE F 248 -10.21 -8.88 -20.56
N ARG F 249 -9.31 -9.79 -20.89
CA ARG F 249 -9.24 -11.04 -20.14
C ARG F 249 -8.39 -10.88 -18.89
N TYR F 250 -7.27 -10.15 -18.99
CA TYR F 250 -6.34 -9.88 -17.88
C TYR F 250 -6.11 -8.39 -17.79
N VAL F 251 -6.11 -7.88 -16.56
CA VAL F 251 -5.91 -6.46 -16.28
C VAL F 251 -4.66 -6.36 -15.42
N THR F 252 -3.64 -5.65 -15.93
CA THR F 252 -2.33 -5.65 -15.31
C THR F 252 -1.83 -4.23 -15.11
N LEU F 253 -0.85 -4.08 -14.21
CA LEU F 253 -0.18 -2.82 -13.92
C LEU F 253 1.26 -2.93 -14.35
N ASP F 254 1.71 -2.02 -15.22
CA ASP F 254 3.10 -2.03 -15.63
C ASP F 254 4.01 -1.60 -14.48
N LEU F 255 4.96 -2.45 -14.11
CA LEU F 255 5.83 -2.14 -12.99
C LEU F 255 6.78 -0.99 -13.29
N GLY F 256 7.00 -0.68 -14.56
CA GLY F 256 7.82 0.45 -14.95
C GLY F 256 7.15 1.81 -14.83
N GLY F 257 5.82 1.84 -14.68
CA GLY F 257 5.10 3.10 -14.59
C GLY F 257 4.83 3.76 -15.94
N PHE F 258 4.38 5.02 -15.88
CA PHE F 258 4.00 5.73 -17.09
C PHE F 258 5.25 6.11 -17.90
N ARG F 259 5.28 5.66 -19.15
CA ARG F 259 6.41 5.83 -20.07
C ARG F 259 7.69 5.21 -19.53
N1A COA G . 9.25 -38.44 -10.28
C2A COA G . 8.67 -39.57 -9.83
N3A COA G . 7.40 -39.79 -9.49
C4A COA G . 6.68 -38.68 -9.63
C5A COA G . 7.13 -37.44 -10.07
C6A COA G . 8.48 -37.34 -10.41
N6A COA G . 9.05 -36.21 -10.86
N7A COA G . 6.08 -36.53 -10.10
C8A COA G . 5.05 -37.23 -9.67
N9A COA G . 5.34 -38.53 -9.37
C1B COA G . 4.45 -39.56 -8.84
C2B COA G . 4.54 -39.66 -7.31
O2B COA G . 4.26 -40.99 -6.91
C3B COA G . 3.42 -38.69 -6.92
O3B COA G . 2.99 -38.84 -5.54
P3B COA G . 3.20 -37.67 -4.48
O7A COA G . 3.90 -36.50 -5.19
O8A COA G . 1.80 -37.23 -4.01
O9A COA G . 4.00 -38.19 -3.35
C4B COA G . 2.33 -39.08 -7.91
O4B COA G . 3.09 -39.25 -9.16
C5B COA G . 1.23 -38.07 -8.07
O5B COA G . 1.65 -37.05 -9.01
P1A COA G . 1.05 -35.59 -8.99
O1A COA G . 2.17 -34.62 -8.90
O2A COA G . -0.06 -35.51 -7.94
O3A COA G . 0.34 -35.47 -10.38
P2A COA G . -1.03 -35.94 -11.02
O4A COA G . -1.56 -37.13 -10.32
O5A COA G . -1.94 -34.70 -11.05
O6A COA G . -0.69 -36.45 -12.52
CBP COA G . 1.55 -37.06 -13.37
CCP COA G . 0.48 -35.98 -13.22
CDP COA G . 1.63 -37.86 -12.07
CEP COA G . 1.10 -38.02 -14.47
CAP COA G . 2.96 -36.49 -13.71
OAP COA G . 3.97 -37.26 -13.07
C9P COA G . 3.29 -36.34 -15.20
O9P COA G . 3.80 -37.28 -15.80
N8P COA G . 3.04 -35.16 -15.80
C7P COA G . 2.46 -34.01 -15.11
C6P COA G . 1.79 -33.08 -16.09
C5P COA G . 0.56 -32.41 -15.52
O5P COA G . 0.48 -31.18 -15.51
N4P COA G . -0.40 -33.20 -15.04
C3P COA G . -1.64 -32.67 -14.45
C2P COA G . -2.56 -33.79 -14.02
S1P COA G . -4.29 -33.21 -13.96
P PO4 H . -1.18 -22.96 -11.35
O1 PO4 H . 0.15 -22.59 -11.96
O2 PO4 H . -2.17 -21.85 -11.59
O3 PO4 H . -1.68 -24.24 -12.00
O4 PO4 H . -1.02 -23.16 -9.86
N1A COA I . 26.52 -18.32 24.73
C2A COA I . 26.91 -19.58 24.44
N3A COA I . 27.29 -20.09 23.27
C4A COA I . 27.25 -19.14 22.31
C5A COA I . 26.90 -17.81 22.46
C6A COA I . 26.50 -17.39 23.75
N6A COA I . 26.11 -16.15 24.03
N7A COA I . 26.99 -17.15 21.24
C8A COA I . 27.39 -18.08 20.41
N9A COA I . 27.58 -19.30 20.99
C1B COA I . 27.98 -20.55 20.35
C2B COA I . 26.79 -21.42 19.94
O2B COA I . 27.22 -22.77 19.93
C3B COA I . 26.52 -20.87 18.53
O3B COA I . 25.67 -21.73 17.73
P3B COA I . 24.23 -21.25 17.19
O7A COA I . 23.97 -19.80 17.64
O8A COA I . 24.25 -21.36 15.66
O9A COA I . 23.18 -22.09 17.81
C4B COA I . 27.95 -20.80 17.99
O4B COA I . 28.71 -20.26 19.15
C5B COA I . 28.16 -19.93 16.78
O5B COA I . 27.99 -18.55 17.15
P1A COA I . 27.62 -17.44 16.08
O1A COA I . 26.40 -16.72 16.48
O2A COA I . 27.64 -18.10 14.69
O3A COA I . 28.87 -16.54 16.14
P2A COA I . 30.27 -16.47 15.40
O4A COA I . 30.36 -17.54 14.40
O5A COA I . 30.44 -15.03 14.94
O6A COA I . 31.37 -16.78 16.54
CBP COA I . 31.36 -16.19 18.90
CCP COA I . 31.75 -15.77 17.48
CDP COA I . 30.46 -17.42 18.81
CEP COA I . 32.63 -16.59 19.66
CAP COA I . 30.61 -15.07 19.67
OAP COA I . 29.74 -15.69 20.61
C9P COA I . 31.52 -14.07 20.41
O9P COA I . 31.91 -14.34 21.55
N8P COA I . 31.83 -12.93 19.80
C7P COA I . 31.37 -12.55 18.47
C6P COA I . 31.64 -11.09 18.21
C5P COA I . 31.91 -10.78 16.75
O5P COA I . 32.08 -9.61 16.38
N4P COA I . 31.94 -11.81 15.90
C3P COA I . 32.16 -11.61 14.47
C2P COA I . 32.50 -12.92 13.81
S1P COA I . 31.69 -13.03 12.19
P PO4 J . 25.05 -7.11 11.03
O1 PO4 J . 26.54 -7.40 11.11
O2 PO4 J . 24.72 -6.44 9.72
O3 PO4 J . 24.24 -8.36 11.22
O4 PO4 J . 24.68 -6.12 12.13
N1A COA K . -13.33 -29.68 22.51
C2A COA K . -12.74 -30.47 23.41
N3A COA K . -11.99 -30.11 24.45
C4A COA K . -11.88 -28.78 24.55
C5A COA K . -12.43 -27.84 23.70
C6A COA K . -13.20 -28.33 22.62
N6A COA K . -13.81 -27.55 21.74
N7A COA K . -12.09 -26.55 24.10
C8A COA K . -11.36 -26.75 25.17
N9A COA K . -11.21 -28.07 25.50
C1B COA K . -10.43 -28.65 26.59
C2B COA K . -9.03 -29.08 26.14
O2B COA K . -8.67 -30.17 26.96
C3B COA K . -8.26 -27.79 26.42
O3B COA K . -6.83 -27.97 26.52
P3B COA K . -5.84 -27.19 25.55
O7A COA K . -6.67 -26.26 24.67
O8A COA K . -4.90 -26.34 26.43
O9A COA K . -5.10 -28.21 24.72
C4B COA K . -8.84 -27.39 27.77
O4B COA K . -10.24 -27.69 27.62
C5B COA K . -8.63 -25.94 28.12
O5B COA K . -9.51 -25.13 27.32
P1A COA K . -9.32 -23.56 27.24
O1A COA K . -9.66 -23.01 25.91
O2A COA K . -7.91 -23.20 27.77
O3A COA K . -10.33 -23.09 28.33
P2A COA K . -10.28 -22.83 29.89
O4A COA K . -9.03 -23.38 30.45
O5A COA K . -10.44 -21.31 30.07
O6A COA K . -11.57 -23.63 30.50
CBP COA K . -13.05 -25.23 29.40
CCP COA K . -12.82 -23.78 29.79
CDP COA K . -11.74 -26.00 29.56
CEP COA K . -14.04 -25.87 30.37
CAP COA K . -13.58 -25.42 27.94
OAP COA K . -13.76 -26.80 27.68
C9P COA K . -14.87 -24.64 27.56
O9P COA K . -15.49 -24.05 28.43
N8P COA K . -15.27 -24.66 26.27
C7P COA K . -14.57 -25.37 25.23
C6P COA K . -14.49 -24.59 23.93
C5P COA K . -15.72 -24.80 23.06
O5P COA K . -16.82 -24.80 23.61
N4P COA K . -15.61 -24.95 21.72
C3P COA K . -14.45 -25.05 20.80
C2P COA K . -13.28 -24.17 21.22
S1P COA K . -12.17 -23.91 19.81
P PO4 L . -10.50 -10.84 22.70
O1 PO4 L . -9.34 -11.72 22.36
O2 PO4 L . -11.60 -11.10 21.68
O3 PO4 L . -11.04 -11.10 24.10
O4 PO4 L . -10.06 -9.40 22.64
N1A COA M . 15.46 37.98 -7.01
C2A COA M . 14.71 39.09 -6.92
N3A COA M . 13.83 39.43 -5.97
C4A COA M . 13.77 38.50 -5.02
C5A COA M . 14.48 37.32 -4.96
C6A COA M . 15.36 37.06 -6.02
N6A COA M . 16.13 35.96 -6.09
N7A COA M . 14.14 36.60 -3.82
C8A COA M . 13.26 37.36 -3.22
N9A COA M . 12.98 38.52 -3.89
C1B COA M . 12.02 39.56 -3.52
C2B COA M . 10.65 39.34 -4.17
O2B COA M . 9.97 40.57 -4.37
C3B COA M . 9.98 38.50 -3.10
O3B COA M . 8.53 38.46 -3.23
P3B COA M . 7.76 37.09 -3.37
O7A COA M . 8.77 35.96 -3.16
O8A COA M . 6.73 37.01 -2.23
O9A COA M . 7.14 37.03 -4.75
C4B COA M . 10.41 39.22 -1.83
O4B COA M . 11.82 39.51 -2.11
C5B COA M . 10.28 38.41 -0.56
O5B COA M . 11.24 37.34 -0.52
P1A COA M . 10.86 35.92 0.08
O1A COA M . 11.04 34.89 -0.97
O2A COA M . 9.49 36.00 0.73
O3A COA M . 11.94 35.70 1.26
P2A COA M . 12.27 36.35 2.68
O4A COA M . 11.06 36.78 3.41
O5A COA M . 13.11 35.33 3.44
O6A COA M . 13.14 37.65 2.35
CBP COA M . 15.15 38.11 1.05
CCP COA M . 14.57 37.56 2.34
CDP COA M . 14.01 38.73 0.22
CEP COA M . 16.16 39.21 1.39
CAP COA M . 15.84 37.01 0.19
OAP COA M . 15.43 37.10 -1.16
C9P COA M . 17.37 36.99 0.26
O9P COA M . 18.01 37.72 -0.48
N8P COA M . 17.94 36.14 1.10
C7P COA M . 17.18 35.28 1.99
C6P COA M . 17.51 35.58 3.45
C5P COA M . 17.09 34.46 4.35
O5P COA M . 17.53 33.33 4.19
N4P COA M . 16.21 34.78 5.30
C3P COA M . 15.67 33.84 6.27
C2P COA M . 14.44 34.42 6.92
S1P COA M . 14.52 34.22 8.72
P PO4 N . 13.36 24.88 5.98
O1 PO4 N . 14.35 24.20 5.06
O2 PO4 N . 12.09 25.20 5.23
O3 PO4 N . 12.97 23.97 7.12
O4 PO4 N . 13.98 26.15 6.54
N1A COA O . -25.20 31.69 4.58
C2A COA O . -25.67 32.30 3.47
N3A COA O . -26.17 31.74 2.37
C4A COA O . -26.17 30.40 2.46
C5A COA O . -25.73 29.65 3.53
C6A COA O . -25.21 30.34 4.64
N6A COA O . -24.74 29.74 5.74
N7A COA O . -25.89 28.29 3.27
C8A COA O . -26.43 28.27 2.07
N9A COA O . -26.63 29.51 1.53
C1B COA O . -27.17 29.82 0.22
C2B COA O . -26.09 30.16 -0.81
O2B COA O . -26.65 31.04 -1.78
C3B COA O . -25.85 28.77 -1.36
O3B COA O . -25.11 28.73 -2.59
P3B COA O . -23.84 27.79 -2.75
O7A COA O . -23.60 27.09 -1.41
O8A COA O . -24.20 26.72 -3.79
O9A COA O . -22.68 28.64 -3.18
C4B COA O . -27.28 28.30 -1.54
O4B COA O . -27.85 28.67 -0.27
C5B COA O . -27.49 26.84 -1.80
O5B COA O . -26.45 26.05 -1.18
P1A COA O . -26.48 24.48 -1.26
O1A COA O . -25.16 23.91 -0.95
O2A COA O . -27.12 24.10 -2.60
O3A COA O . -27.56 24.14 -0.16
P2A COA O . -29.14 23.93 -0.13
O4A COA O . -29.86 25.01 -0.82
O5A COA O . -29.38 22.53 -0.70
O6A COA O . -29.51 23.91 1.41
CBP COA O . -29.34 25.50 3.27
CCP COA O . -28.61 24.50 2.37
CDP COA O . -29.43 26.84 2.54
CEP COA O . -30.77 24.99 3.51
CAP COA O . -28.63 25.69 4.66
OAP COA O . -28.43 27.06 4.94
C9P COA O . -29.33 25.02 5.85
O9P COA O . -30.15 25.66 6.50
N8P COA O . -29.00 23.74 6.11
C7P COA O . -28.01 23.00 5.34
C6P COA O . -28.25 21.50 5.34
C5P COA O . -29.69 21.13 5.04
O5P COA O . -30.27 20.30 5.73
N4P COA O . -30.25 21.72 3.98
C3P COA O . -31.64 21.48 3.58
C2P COA O . -31.90 22.11 2.24
S1P COA O . -31.95 20.85 0.94
P PO4 P . -22.44 15.19 3.86
O1 PO4 P . -21.67 15.94 2.79
O2 PO4 P . -23.86 15.69 3.94
O3 PO4 P . -22.44 13.73 3.52
O4 PO4 P . -21.79 15.46 5.22
N1A COA Q . -9.50 19.80 -34.49
C2A COA Q . -8.98 20.91 -35.00
N3A COA Q . -7.71 21.31 -35.01
C4A COA Q . -6.92 20.41 -34.41
C5A COA Q . -7.30 19.22 -33.84
C6A COA Q . -8.68 18.91 -33.88
N6A COA Q . -9.20 17.79 -33.36
N7A COA Q . -6.21 18.56 -33.30
C8A COA Q . -5.20 19.35 -33.56
N9A COA Q . -5.56 20.49 -34.23
C1B COA Q . -4.70 21.58 -34.66
C2B COA Q . -4.74 22.78 -33.72
O2B COA Q . -4.59 23.99 -34.45
C3B COA Q . -3.61 22.41 -32.76
O3B COA Q . -3.07 23.49 -31.97
P3B COA Q . -3.10 23.44 -30.37
O7A COA Q . -3.60 22.06 -29.91
O8A COA Q . -1.64 23.61 -29.88
O9A COA Q . -3.98 24.54 -29.88
C4B COA Q . -2.55 21.88 -33.72
O4B COA Q . -3.36 21.12 -34.68
C5B COA Q . -1.50 20.99 -33.09
O5B COA Q . -2.15 19.84 -32.50
P1A COA Q . -1.34 18.79 -31.63
O1A COA Q . -2.33 18.08 -30.81
O2A COA Q . -0.16 19.51 -30.97
O3A COA Q . -0.75 17.79 -32.70
P2A COA Q . 0.70 17.26 -33.10
O4A COA Q . 1.62 18.40 -33.31
O5A COA Q . 1.09 16.25 -32.01
O6A COA Q . 0.48 16.59 -34.55
CBP COA Q . -1.65 16.27 -35.99
CCP COA Q . -0.77 15.91 -34.78
CDP COA Q . -1.53 17.78 -36.26
CEP COA Q . -1.12 15.53 -37.22
CAP COA Q . -3.17 15.92 -35.76
OAP COA Q . -3.92 17.04 -36.23
C9P COA Q . -3.72 14.64 -36.44
O9P COA Q . -4.61 14.77 -37.29
N8P COA Q . -3.33 13.41 -36.03
C7P COA Q . -2.32 13.07 -35.02
C6P COA Q . -1.06 12.47 -35.61
C5P COA Q . 0.06 12.34 -34.60
O5P COA Q . -0.15 11.80 -33.52
N4P COA Q . 1.25 12.84 -34.93
C3P COA Q . 2.42 12.80 -34.05
C2P COA Q . 3.41 13.87 -34.44
S1P COA Q . 4.87 13.12 -35.22
P PO4 R . 2.07 8.09 -25.37
O1 PO4 R . 2.45 8.57 -26.77
O2 PO4 R . 0.66 7.54 -25.38
O3 PO4 R . 3.08 7.09 -24.90
O4 PO4 R . 2.04 9.27 -24.43
#